data_7WA9
# 
_entry.id   7WA9 
# 
_audit_conform.dict_name       mmcif_pdbx.dic 
_audit_conform.dict_version    5.397 
_audit_conform.dict_location   http://mmcif.pdb.org/dictionaries/ascii/mmcif_pdbx.dic 
# 
loop_
_database_2.database_id 
_database_2.database_code 
_database_2.pdbx_database_accession 
_database_2.pdbx_DOI 
PDB   7WA9         pdb_00007wa9 10.2210/pdb7wa9/pdb 
WWPDB D_1300026286 ?            ?                   
# 
loop_
_pdbx_audit_revision_history.ordinal 
_pdbx_audit_revision_history.data_content_type 
_pdbx_audit_revision_history.major_revision 
_pdbx_audit_revision_history.minor_revision 
_pdbx_audit_revision_history.revision_date 
1 'Structure model' 1 0 2022-10-19 
2 'Structure model' 1 1 2024-10-23 
# 
_pdbx_audit_revision_details.ordinal             1 
_pdbx_audit_revision_details.revision_ordinal    1 
_pdbx_audit_revision_details.data_content_type   'Structure model' 
_pdbx_audit_revision_details.provider            repository 
_pdbx_audit_revision_details.type                'Initial release' 
_pdbx_audit_revision_details.description         ? 
_pdbx_audit_revision_details.details             ? 
# 
loop_
_pdbx_audit_revision_group.ordinal 
_pdbx_audit_revision_group.revision_ordinal 
_pdbx_audit_revision_group.data_content_type 
_pdbx_audit_revision_group.group 
1 2 'Structure model' 'Data collection'   
2 2 'Structure model' 'Structure summary' 
# 
loop_
_pdbx_audit_revision_category.ordinal 
_pdbx_audit_revision_category.revision_ordinal 
_pdbx_audit_revision_category.data_content_type 
_pdbx_audit_revision_category.category 
1 2 'Structure model' chem_comp_atom            
2 2 'Structure model' chem_comp_bond            
3 2 'Structure model' pdbx_entry_details        
4 2 'Structure model' pdbx_modification_feature 
# 
_pdbx_audit_revision_item.ordinal             1 
_pdbx_audit_revision_item.revision_ordinal    2 
_pdbx_audit_revision_item.data_content_type   'Structure model' 
_pdbx_audit_revision_item.item                '_pdbx_entry_details.has_protein_modification' 
# 
_pdbx_database_status.status_code                     REL 
_pdbx_database_status.status_code_sf                  REL 
_pdbx_database_status.status_code_mr                  ? 
_pdbx_database_status.entry_id                        7WA9 
_pdbx_database_status.recvd_initial_deposition_date   2021-12-12 
_pdbx_database_status.SG_entry                        N 
_pdbx_database_status.deposit_site                    PDBJ 
_pdbx_database_status.process_site                    PDBJ 
_pdbx_database_status.status_code_cs                  ? 
_pdbx_database_status.status_code_nmr_data            ? 
_pdbx_database_status.methods_development_category    ? 
_pdbx_database_status.pdb_format_compatible           Y 
# 
loop_
_pdbx_contact_author.id 
_pdbx_contact_author.email 
_pdbx_contact_author.name_first 
_pdbx_contact_author.name_last 
_pdbx_contact_author.name_mi 
_pdbx_contact_author.role 
_pdbx_contact_author.identifier_ORCID 
2 wangz@bnu.edu.cn  Zhanxin Wang  ? 'principal investigator/group leader' 0000-0001-9956-9376 
3 weidi3759@163.com Weidi   Zhang ? 'principal investigator/group leader' 0000-0003-1602-6937 
# 
loop_
_audit_author.name 
_audit_author.pdbx_ordinal 
_audit_author.identifier_ORCID 
'Wang, Z.'  1 ? 
'Zhang, W.' 2 ? 
# 
_citation.abstract                  ? 
_citation.abstract_id_CAS           ? 
_citation.book_id_ISBN              ? 
_citation.book_publisher            ? 
_citation.book_publisher_city       ? 
_citation.book_title                ? 
_citation.coordinate_linkage        ? 
_citation.country                   CH 
_citation.database_id_Medline       ? 
_citation.details                   ? 
_citation.id                        primary 
_citation.journal_abbrev            'Front Microbiol' 
_citation.journal_id_ASTM           ? 
_citation.journal_id_CSD            ? 
_citation.journal_id_ISSN           1664-302X 
_citation.journal_full              ? 
_citation.journal_issue             ? 
_citation.journal_volume            13 
_citation.language                  ? 
_citation.page_first                846722 
_citation.page_last                 846722 
_citation.title                     
;A Novel Acyl-AcpM-Binding Protein Confers Intrinsic Sensitivity to Fatty Acid Synthase Type II Inhibitors in Mycobacterium smegmatis
;
_citation.year                      2022 
_citation.database_id_CSD           ? 
_citation.pdbx_database_id_DOI      10.3389/fmicb.2022.846722 
_citation.pdbx_database_id_PubMed   35444621 
_citation.pdbx_database_id_patent   ? 
_citation.unpublished_flag          ? 
# 
loop_
_citation_author.citation_id 
_citation_author.name 
_citation_author.ordinal 
_citation_author.identifier_ORCID 
primary 'Li, M.'    1 ? 
primary 'Huang, Q.' 2 ? 
primary 'Zhang, W.' 3 ? 
primary 'Cao, Y.'   4 ? 
primary 'Wang, Z.'  5 ? 
primary 'Zhao, Z.'  6 ? 
primary 'Zhang, X.' 7 ? 
primary 'Zhang, J.' 8 ? 
# 
loop_
_entity.id 
_entity.type 
_entity.src_method 
_entity.pdbx_description 
_entity.formula_weight 
_entity.pdbx_number_of_molecules 
_entity.pdbx_ec 
_entity.pdbx_mutation 
_entity.pdbx_fragment 
_entity.details 
1 polymer man MSMEG_5634 16407.494 1  ? ? ? ? 
2 water   nat water      18.015    52 ? ? ? ? 
# 
_entity_poly.entity_id                      1 
_entity_poly.type                           'polypeptide(L)' 
_entity_poly.nstd_linkage                   no 
_entity_poly.nstd_monomer                   yes 
_entity_poly.pdbx_seq_one_letter_code       
;S(MSE)AKLSVSVEVPLPPEQAWEYASDLSRYHEWLSIHRAWRSKLPETLEKGTVIESIVEVKG(MSE)LNRVRWTLVHY
KPPQALTLNGDGRGGVKVKLIGKIKPTDNGATVGFDLHLGGPALFGPIG(MSE)VVAAALKSDIQESLNRFKQLYAPSAT
;
_entity_poly.pdbx_seq_one_letter_code_can   
;SMAKLSVSVEVPLPPEQAWEYASDLSRYHEWLSIHRAWRSKLPETLEKGTVIESIVEVKGMLNRVRWTLVHYKPPQALTL
NGDGRGGVKVKLIGKIKPTDNGATVGFDLHLGGPALFGPIGMVVAAALKSDIQESLNRFKQLYAPSAT
;
_entity_poly.pdbx_strand_id                 A 
_entity_poly.pdbx_target_identifier         ? 
# 
_pdbx_entity_nonpoly.entity_id   2 
_pdbx_entity_nonpoly.name        water 
_pdbx_entity_nonpoly.comp_id     HOH 
# 
loop_
_entity_poly_seq.entity_id 
_entity_poly_seq.num 
_entity_poly_seq.mon_id 
_entity_poly_seq.hetero 
1 1   SER n 
1 2   MSE n 
1 3   ALA n 
1 4   LYS n 
1 5   LEU n 
1 6   SER n 
1 7   VAL n 
1 8   SER n 
1 9   VAL n 
1 10  GLU n 
1 11  VAL n 
1 12  PRO n 
1 13  LEU n 
1 14  PRO n 
1 15  PRO n 
1 16  GLU n 
1 17  GLN n 
1 18  ALA n 
1 19  TRP n 
1 20  GLU n 
1 21  TYR n 
1 22  ALA n 
1 23  SER n 
1 24  ASP n 
1 25  LEU n 
1 26  SER n 
1 27  ARG n 
1 28  TYR n 
1 29  HIS n 
1 30  GLU n 
1 31  TRP n 
1 32  LEU n 
1 33  SER n 
1 34  ILE n 
1 35  HIS n 
1 36  ARG n 
1 37  ALA n 
1 38  TRP n 
1 39  ARG n 
1 40  SER n 
1 41  LYS n 
1 42  LEU n 
1 43  PRO n 
1 44  GLU n 
1 45  THR n 
1 46  LEU n 
1 47  GLU n 
1 48  LYS n 
1 49  GLY n 
1 50  THR n 
1 51  VAL n 
1 52  ILE n 
1 53  GLU n 
1 54  SER n 
1 55  ILE n 
1 56  VAL n 
1 57  GLU n 
1 58  VAL n 
1 59  LYS n 
1 60  GLY n 
1 61  MSE n 
1 62  LEU n 
1 63  ASN n 
1 64  ARG n 
1 65  VAL n 
1 66  ARG n 
1 67  TRP n 
1 68  THR n 
1 69  LEU n 
1 70  VAL n 
1 71  HIS n 
1 72  TYR n 
1 73  LYS n 
1 74  PRO n 
1 75  PRO n 
1 76  GLN n 
1 77  ALA n 
1 78  LEU n 
1 79  THR n 
1 80  LEU n 
1 81  ASN n 
1 82  GLY n 
1 83  ASP n 
1 84  GLY n 
1 85  ARG n 
1 86  GLY n 
1 87  GLY n 
1 88  VAL n 
1 89  LYS n 
1 90  VAL n 
1 91  LYS n 
1 92  LEU n 
1 93  ILE n 
1 94  GLY n 
1 95  LYS n 
1 96  ILE n 
1 97  LYS n 
1 98  PRO n 
1 99  THR n 
1 100 ASP n 
1 101 ASN n 
1 102 GLY n 
1 103 ALA n 
1 104 THR n 
1 105 VAL n 
1 106 GLY n 
1 107 PHE n 
1 108 ASP n 
1 109 LEU n 
1 110 HIS n 
1 111 LEU n 
1 112 GLY n 
1 113 GLY n 
1 114 PRO n 
1 115 ALA n 
1 116 LEU n 
1 117 PHE n 
1 118 GLY n 
1 119 PRO n 
1 120 ILE n 
1 121 GLY n 
1 122 MSE n 
1 123 VAL n 
1 124 VAL n 
1 125 ALA n 
1 126 ALA n 
1 127 ALA n 
1 128 LEU n 
1 129 LYS n 
1 130 SER n 
1 131 ASP n 
1 132 ILE n 
1 133 GLN n 
1 134 GLU n 
1 135 SER n 
1 136 LEU n 
1 137 ASN n 
1 138 ARG n 
1 139 PHE n 
1 140 LYS n 
1 141 GLN n 
1 142 LEU n 
1 143 TYR n 
1 144 ALA n 
1 145 PRO n 
1 146 SER n 
1 147 ALA n 
1 148 THR n 
# 
_entity_src_gen.entity_id                          1 
_entity_src_gen.pdbx_src_id                        1 
_entity_src_gen.pdbx_alt_source_flag               sample 
_entity_src_gen.pdbx_seq_type                      'Biological sequence' 
_entity_src_gen.pdbx_beg_seq_num                   1 
_entity_src_gen.pdbx_end_seq_num                   148 
_entity_src_gen.gene_src_common_name               ? 
_entity_src_gen.gene_src_genus                     ? 
_entity_src_gen.pdbx_gene_src_gene                 MSMEG_5634 
_entity_src_gen.gene_src_species                   ? 
_entity_src_gen.gene_src_strain                    'ATCC 700084 / mc(2)155' 
_entity_src_gen.gene_src_tissue                    ? 
_entity_src_gen.gene_src_tissue_fraction           ? 
_entity_src_gen.gene_src_details                   ? 
_entity_src_gen.pdbx_gene_src_fragment             ? 
_entity_src_gen.pdbx_gene_src_scientific_name      'Mycolicibacterium smegmatis MC2 155' 
_entity_src_gen.pdbx_gene_src_ncbi_taxonomy_id     246196 
_entity_src_gen.pdbx_gene_src_variant              ? 
_entity_src_gen.pdbx_gene_src_cell_line            ? 
_entity_src_gen.pdbx_gene_src_atcc                 ? 
_entity_src_gen.pdbx_gene_src_organ                ? 
_entity_src_gen.pdbx_gene_src_organelle            ? 
_entity_src_gen.pdbx_gene_src_cell                 ? 
_entity_src_gen.pdbx_gene_src_cellular_location    ? 
_entity_src_gen.host_org_common_name               ? 
_entity_src_gen.pdbx_host_org_scientific_name      'Escherichia coli' 
_entity_src_gen.pdbx_host_org_ncbi_taxonomy_id     562 
_entity_src_gen.host_org_genus                     ? 
_entity_src_gen.pdbx_host_org_gene                 ? 
_entity_src_gen.pdbx_host_org_organ                ? 
_entity_src_gen.host_org_species                   ? 
_entity_src_gen.pdbx_host_org_tissue               ? 
_entity_src_gen.pdbx_host_org_tissue_fraction      ? 
_entity_src_gen.pdbx_host_org_strain               ? 
_entity_src_gen.pdbx_host_org_variant              ? 
_entity_src_gen.pdbx_host_org_cell_line            ? 
_entity_src_gen.pdbx_host_org_atcc                 ? 
_entity_src_gen.pdbx_host_org_culture_collection   ? 
_entity_src_gen.pdbx_host_org_cell                 ? 
_entity_src_gen.pdbx_host_org_organelle            ? 
_entity_src_gen.pdbx_host_org_cellular_location    ? 
_entity_src_gen.pdbx_host_org_vector_type          ? 
_entity_src_gen.pdbx_host_org_vector               ? 
_entity_src_gen.host_org_details                   ? 
_entity_src_gen.expression_system_id               ? 
_entity_src_gen.plasmid_name                       ? 
_entity_src_gen.plasmid_details                    ? 
_entity_src_gen.pdbx_description                   ? 
# 
loop_
_chem_comp.id 
_chem_comp.type 
_chem_comp.mon_nstd_flag 
_chem_comp.name 
_chem_comp.pdbx_synonyms 
_chem_comp.formula 
_chem_comp.formula_weight 
ALA 'L-peptide linking' y ALANINE          ? 'C3 H7 N O2'     89.093  
ARG 'L-peptide linking' y ARGININE         ? 'C6 H15 N4 O2 1' 175.209 
ASN 'L-peptide linking' y ASPARAGINE       ? 'C4 H8 N2 O3'    132.118 
ASP 'L-peptide linking' y 'ASPARTIC ACID'  ? 'C4 H7 N O4'     133.103 
GLN 'L-peptide linking' y GLUTAMINE        ? 'C5 H10 N2 O3'   146.144 
GLU 'L-peptide linking' y 'GLUTAMIC ACID'  ? 'C5 H9 N O4'     147.129 
GLY 'peptide linking'   y GLYCINE          ? 'C2 H5 N O2'     75.067  
HIS 'L-peptide linking' y HISTIDINE        ? 'C6 H10 N3 O2 1' 156.162 
HOH non-polymer         . WATER            ? 'H2 O'           18.015  
ILE 'L-peptide linking' y ISOLEUCINE       ? 'C6 H13 N O2'    131.173 
LEU 'L-peptide linking' y LEUCINE          ? 'C6 H13 N O2'    131.173 
LYS 'L-peptide linking' y LYSINE           ? 'C6 H15 N2 O2 1' 147.195 
MSE 'L-peptide linking' n SELENOMETHIONINE ? 'C5 H11 N O2 Se' 196.106 
PHE 'L-peptide linking' y PHENYLALANINE    ? 'C9 H11 N O2'    165.189 
PRO 'L-peptide linking' y PROLINE          ? 'C5 H9 N O2'     115.130 
SER 'L-peptide linking' y SERINE           ? 'C3 H7 N O3'     105.093 
THR 'L-peptide linking' y THREONINE        ? 'C4 H9 N O3'     119.119 
TRP 'L-peptide linking' y TRYPTOPHAN       ? 'C11 H12 N2 O2'  204.225 
TYR 'L-peptide linking' y TYROSINE         ? 'C9 H11 N O3'    181.189 
VAL 'L-peptide linking' y VALINE           ? 'C5 H11 N O2'    117.146 
# 
loop_
_pdbx_poly_seq_scheme.asym_id 
_pdbx_poly_seq_scheme.entity_id 
_pdbx_poly_seq_scheme.seq_id 
_pdbx_poly_seq_scheme.mon_id 
_pdbx_poly_seq_scheme.ndb_seq_num 
_pdbx_poly_seq_scheme.pdb_seq_num 
_pdbx_poly_seq_scheme.auth_seq_num 
_pdbx_poly_seq_scheme.pdb_mon_id 
_pdbx_poly_seq_scheme.auth_mon_id 
_pdbx_poly_seq_scheme.pdb_strand_id 
_pdbx_poly_seq_scheme.pdb_ins_code 
_pdbx_poly_seq_scheme.hetero 
A 1 1   SER 1   0   0   SER SER A . n 
A 1 2   MSE 2   1   1   MSE MSE A . n 
A 1 3   ALA 3   2   2   ALA ALA A . n 
A 1 4   LYS 4   3   3   LYS LYS A . n 
A 1 5   LEU 5   4   4   LEU LEU A . n 
A 1 6   SER 6   5   5   SER SER A . n 
A 1 7   VAL 7   6   6   VAL VAL A . n 
A 1 8   SER 8   7   7   SER SER A . n 
A 1 9   VAL 9   8   8   VAL VAL A . n 
A 1 10  GLU 10  9   9   GLU GLU A . n 
A 1 11  VAL 11  10  10  VAL VAL A . n 
A 1 12  PRO 12  11  11  PRO PRO A . n 
A 1 13  LEU 13  12  12  LEU LEU A . n 
A 1 14  PRO 14  13  13  PRO PRO A . n 
A 1 15  PRO 15  14  14  PRO PRO A . n 
A 1 16  GLU 16  15  15  GLU GLU A . n 
A 1 17  GLN 17  16  16  GLN GLN A . n 
A 1 18  ALA 18  17  17  ALA ALA A . n 
A 1 19  TRP 19  18  18  TRP TRP A . n 
A 1 20  GLU 20  19  19  GLU GLU A . n 
A 1 21  TYR 21  20  20  TYR TYR A . n 
A 1 22  ALA 22  21  21  ALA ALA A . n 
A 1 23  SER 23  22  22  SER SER A . n 
A 1 24  ASP 24  23  23  ASP ASP A . n 
A 1 25  LEU 25  24  24  LEU LEU A . n 
A 1 26  SER 26  25  25  SER SER A . n 
A 1 27  ARG 27  26  26  ARG ARG A . n 
A 1 28  TYR 28  27  27  TYR TYR A . n 
A 1 29  HIS 29  28  28  HIS HIS A . n 
A 1 30  GLU 30  29  29  GLU GLU A . n 
A 1 31  TRP 31  30  30  TRP TRP A . n 
A 1 32  LEU 32  31  31  LEU LEU A . n 
A 1 33  SER 33  32  32  SER SER A . n 
A 1 34  ILE 34  33  33  ILE ILE A . n 
A 1 35  HIS 35  34  34  HIS HIS A . n 
A 1 36  ARG 36  35  35  ARG ARG A . n 
A 1 37  ALA 37  36  36  ALA ALA A . n 
A 1 38  TRP 38  37  37  TRP TRP A . n 
A 1 39  ARG 39  38  38  ARG ARG A . n 
A 1 40  SER 40  39  39  SER SER A . n 
A 1 41  LYS 41  40  40  LYS LYS A . n 
A 1 42  LEU 42  41  41  LEU LEU A . n 
A 1 43  PRO 43  42  42  PRO PRO A . n 
A 1 44  GLU 44  43  43  GLU GLU A . n 
A 1 45  THR 45  44  44  THR THR A . n 
A 1 46  LEU 46  45  45  LEU LEU A . n 
A 1 47  GLU 47  46  46  GLU GLU A . n 
A 1 48  LYS 48  47  47  LYS LYS A . n 
A 1 49  GLY 49  48  48  GLY GLY A . n 
A 1 50  THR 50  49  49  THR THR A . n 
A 1 51  VAL 51  50  50  VAL VAL A . n 
A 1 52  ILE 52  51  51  ILE ILE A . n 
A 1 53  GLU 53  52  52  GLU GLU A . n 
A 1 54  SER 54  53  53  SER SER A . n 
A 1 55  ILE 55  54  54  ILE ILE A . n 
A 1 56  VAL 56  55  55  VAL VAL A . n 
A 1 57  GLU 57  56  56  GLU GLU A . n 
A 1 58  VAL 58  57  57  VAL VAL A . n 
A 1 59  LYS 59  58  58  LYS LYS A . n 
A 1 60  GLY 60  59  59  GLY GLY A . n 
A 1 61  MSE 61  60  60  MSE MSE A . n 
A 1 62  LEU 62  61  61  LEU LEU A . n 
A 1 63  ASN 63  62  62  ASN ASN A . n 
A 1 64  ARG 64  63  63  ARG ARG A . n 
A 1 65  VAL 65  64  64  VAL VAL A . n 
A 1 66  ARG 66  65  65  ARG ARG A . n 
A 1 67  TRP 67  66  66  TRP TRP A . n 
A 1 68  THR 68  67  67  THR THR A . n 
A 1 69  LEU 69  68  68  LEU LEU A . n 
A 1 70  VAL 70  69  69  VAL VAL A . n 
A 1 71  HIS 71  70  70  HIS HIS A . n 
A 1 72  TYR 72  71  71  TYR TYR A . n 
A 1 73  LYS 73  72  72  LYS LYS A . n 
A 1 74  PRO 74  73  73  PRO PRO A . n 
A 1 75  PRO 75  74  74  PRO PRO A . n 
A 1 76  GLN 76  75  75  GLN GLN A . n 
A 1 77  ALA 77  76  76  ALA ALA A . n 
A 1 78  LEU 78  77  77  LEU LEU A . n 
A 1 79  THR 79  78  78  THR THR A . n 
A 1 80  LEU 80  79  79  LEU LEU A . n 
A 1 81  ASN 81  80  80  ASN ASN A . n 
A 1 82  GLY 82  81  81  GLY GLY A . n 
A 1 83  ASP 83  82  82  ASP ASP A . n 
A 1 84  GLY 84  83  83  GLY GLY A . n 
A 1 85  ARG 85  84  84  ARG ARG A . n 
A 1 86  GLY 86  85  85  GLY GLY A . n 
A 1 87  GLY 87  86  86  GLY GLY A . n 
A 1 88  VAL 88  87  87  VAL VAL A . n 
A 1 89  LYS 89  88  88  LYS LYS A . n 
A 1 90  VAL 90  89  89  VAL VAL A . n 
A 1 91  LYS 91  90  90  LYS LYS A . n 
A 1 92  LEU 92  91  91  LEU LEU A . n 
A 1 93  ILE 93  92  92  ILE ILE A . n 
A 1 94  GLY 94  93  93  GLY GLY A . n 
A 1 95  LYS 95  94  94  LYS LYS A . n 
A 1 96  ILE 96  95  95  ILE ILE A . n 
A 1 97  LYS 97  96  96  LYS LYS A . n 
A 1 98  PRO 98  97  97  PRO PRO A . n 
A 1 99  THR 99  98  98  THR THR A . n 
A 1 100 ASP 100 99  99  ASP ASP A . n 
A 1 101 ASN 101 100 100 ASN ASN A . n 
A 1 102 GLY 102 101 101 GLY GLY A . n 
A 1 103 ALA 103 102 102 ALA ALA A . n 
A 1 104 THR 104 103 103 THR THR A . n 
A 1 105 VAL 105 104 104 VAL VAL A . n 
A 1 106 GLY 106 105 105 GLY GLY A . n 
A 1 107 PHE 107 106 106 PHE PHE A . n 
A 1 108 ASP 108 107 107 ASP ASP A . n 
A 1 109 LEU 109 108 108 LEU LEU A . n 
A 1 110 HIS 110 109 109 HIS HIS A . n 
A 1 111 LEU 111 110 110 LEU LEU A . n 
A 1 112 GLY 112 111 111 GLY GLY A . n 
A 1 113 GLY 113 112 112 GLY GLY A . n 
A 1 114 PRO 114 113 113 PRO PRO A . n 
A 1 115 ALA 115 114 114 ALA ALA A . n 
A 1 116 LEU 116 115 115 LEU LEU A . n 
A 1 117 PHE 117 116 116 PHE PHE A . n 
A 1 118 GLY 118 117 117 GLY GLY A . n 
A 1 119 PRO 119 118 118 PRO PRO A . n 
A 1 120 ILE 120 119 119 ILE ILE A . n 
A 1 121 GLY 121 120 120 GLY GLY A . n 
A 1 122 MSE 122 121 121 MSE MSE A . n 
A 1 123 VAL 123 122 122 VAL VAL A . n 
A 1 124 VAL 124 123 123 VAL VAL A . n 
A 1 125 ALA 125 124 124 ALA ALA A . n 
A 1 126 ALA 126 125 125 ALA ALA A . n 
A 1 127 ALA 127 126 126 ALA ALA A . n 
A 1 128 LEU 128 127 127 LEU LEU A . n 
A 1 129 LYS 129 128 128 LYS LYS A . n 
A 1 130 SER 130 129 129 SER SER A . n 
A 1 131 ASP 131 130 130 ASP ASP A . n 
A 1 132 ILE 132 131 131 ILE ILE A . n 
A 1 133 GLN 133 132 132 GLN GLN A . n 
A 1 134 GLU 134 133 133 GLU GLU A . n 
A 1 135 SER 135 134 134 SER SER A . n 
A 1 136 LEU 136 135 135 LEU LEU A . n 
A 1 137 ASN 137 136 136 ASN ASN A . n 
A 1 138 ARG 138 137 137 ARG ARG A . n 
A 1 139 PHE 139 138 138 PHE PHE A . n 
A 1 140 LYS 140 139 139 LYS LYS A . n 
A 1 141 GLN 141 140 140 GLN GLN A . n 
A 1 142 LEU 142 141 141 LEU LEU A . n 
A 1 143 TYR 143 142 142 TYR TYR A . n 
A 1 144 ALA 144 143 143 ALA ALA A . n 
A 1 145 PRO 145 144 ?   ?   ?   A . n 
A 1 146 SER 146 145 ?   ?   ?   A . n 
A 1 147 ALA 147 146 ?   ?   ?   A . n 
A 1 148 THR 148 147 ?   ?   ?   A . n 
# 
loop_
_pdbx_nonpoly_scheme.asym_id 
_pdbx_nonpoly_scheme.entity_id 
_pdbx_nonpoly_scheme.mon_id 
_pdbx_nonpoly_scheme.ndb_seq_num 
_pdbx_nonpoly_scheme.pdb_seq_num 
_pdbx_nonpoly_scheme.auth_seq_num 
_pdbx_nonpoly_scheme.pdb_mon_id 
_pdbx_nonpoly_scheme.auth_mon_id 
_pdbx_nonpoly_scheme.pdb_strand_id 
_pdbx_nonpoly_scheme.pdb_ins_code 
B 2 HOH 1  201 40 HOH HOH A . 
B 2 HOH 2  202 32 HOH HOH A . 
B 2 HOH 3  203 14 HOH HOH A . 
B 2 HOH 4  204 16 HOH HOH A . 
B 2 HOH 5  205 20 HOH HOH A . 
B 2 HOH 6  206 21 HOH HOH A . 
B 2 HOH 7  207 8  HOH HOH A . 
B 2 HOH 8  208 49 HOH HOH A . 
B 2 HOH 9  209 44 HOH HOH A . 
B 2 HOH 10 210 36 HOH HOH A . 
B 2 HOH 11 211 37 HOH HOH A . 
B 2 HOH 12 212 5  HOH HOH A . 
B 2 HOH 13 213 17 HOH HOH A . 
B 2 HOH 14 214 28 HOH HOH A . 
B 2 HOH 15 215 1  HOH HOH A . 
B 2 HOH 16 216 12 HOH HOH A . 
B 2 HOH 17 217 7  HOH HOH A . 
B 2 HOH 18 218 47 HOH HOH A . 
B 2 HOH 19 219 18 HOH HOH A . 
B 2 HOH 20 220 6  HOH HOH A . 
B 2 HOH 21 221 29 HOH HOH A . 
B 2 HOH 22 222 22 HOH HOH A . 
B 2 HOH 23 223 23 HOH HOH A . 
B 2 HOH 24 224 35 HOH HOH A . 
B 2 HOH 25 225 4  HOH HOH A . 
B 2 HOH 26 226 3  HOH HOH A . 
B 2 HOH 27 227 13 HOH HOH A . 
B 2 HOH 28 228 2  HOH HOH A . 
B 2 HOH 29 229 9  HOH HOH A . 
B 2 HOH 30 230 51 HOH HOH A . 
B 2 HOH 31 231 15 HOH HOH A . 
B 2 HOH 32 232 42 HOH HOH A . 
B 2 HOH 33 233 27 HOH HOH A . 
B 2 HOH 34 234 45 HOH HOH A . 
B 2 HOH 35 235 39 HOH HOH A . 
B 2 HOH 36 236 30 HOH HOH A . 
B 2 HOH 37 237 10 HOH HOH A . 
B 2 HOH 38 238 46 HOH HOH A . 
B 2 HOH 39 239 38 HOH HOH A . 
B 2 HOH 40 240 11 HOH HOH A . 
B 2 HOH 41 241 33 HOH HOH A . 
B 2 HOH 42 242 48 HOH HOH A . 
B 2 HOH 43 243 19 HOH HOH A . 
B 2 HOH 44 244 43 HOH HOH A . 
B 2 HOH 45 245 52 HOH HOH A . 
B 2 HOH 46 246 24 HOH HOH A . 
B 2 HOH 47 247 41 HOH HOH A . 
B 2 HOH 48 248 26 HOH HOH A . 
B 2 HOH 49 249 31 HOH HOH A . 
B 2 HOH 50 250 25 HOH HOH A . 
B 2 HOH 51 251 50 HOH HOH A . 
B 2 HOH 52 252 34 HOH HOH A . 
# 
loop_
_software.citation_id 
_software.classification 
_software.compiler_name 
_software.compiler_version 
_software.contact_author 
_software.contact_author_email 
_software.date 
_software.description 
_software.dependencies 
_software.hardware 
_software.language 
_software.location 
_software.mods 
_software.name 
_software.os 
_software.os_version 
_software.type 
_software.version 
_software.pdbx_ordinal 
? refinement       ? ? ? ? ? ? ? ? ? ? ? PHENIX   ? ? ? 1.19_4092 1 
? 'data reduction' ? ? ? ? ? ? ? ? ? ? ? HKL-2000 ? ? ? .         2 
? 'data scaling'   ? ? ? ? ? ? ? ? ? ? ? HKL-2000 ? ? ? .         3 
? phasing          ? ? ? ? ? ? ? ? ? ? ? PHENIX   ? ? ? .         4 
# 
_cell.angle_alpha                  90.000 
_cell.angle_alpha_esd              ? 
_cell.angle_beta                   112.754 
_cell.angle_beta_esd               ? 
_cell.angle_gamma                  90.000 
_cell.angle_gamma_esd              ? 
_cell.entry_id                     7WA9 
_cell.details                      ? 
_cell.formula_units_Z              ? 
_cell.length_a                     71.072 
_cell.length_a_esd                 ? 
_cell.length_b                     55.011 
_cell.length_b_esd                 ? 
_cell.length_c                     40.733 
_cell.length_c_esd                 ? 
_cell.volume                       146861.288 
_cell.volume_esd                   ? 
_cell.Z_PDB                        4 
_cell.reciprocal_angle_alpha       ? 
_cell.reciprocal_angle_beta        ? 
_cell.reciprocal_angle_gamma       ? 
_cell.reciprocal_angle_alpha_esd   ? 
_cell.reciprocal_angle_beta_esd    ? 
_cell.reciprocal_angle_gamma_esd   ? 
_cell.reciprocal_length_a          ? 
_cell.reciprocal_length_b          ? 
_cell.reciprocal_length_c          ? 
_cell.reciprocal_length_a_esd      ? 
_cell.reciprocal_length_b_esd      ? 
_cell.reciprocal_length_c_esd      ? 
_cell.pdbx_unique_axis             ? 
# 
_symmetry.entry_id                         7WA9 
_symmetry.cell_setting                     ? 
_symmetry.Int_Tables_number                5 
_symmetry.space_group_name_Hall            'C 2y' 
_symmetry.space_group_name_H-M             'C 1 2 1' 
_symmetry.pdbx_full_space_group_name_H-M   ? 
# 
_exptl.absorpt_coefficient_mu     ? 
_exptl.absorpt_correction_T_max   ? 
_exptl.absorpt_correction_T_min   ? 
_exptl.absorpt_correction_type    ? 
_exptl.absorpt_process_details    ? 
_exptl.entry_id                   7WA9 
_exptl.crystals_number            1 
_exptl.details                    ? 
_exptl.method                     'X-RAY DIFFRACTION' 
_exptl.method_details             ? 
# 
_exptl_crystal.colour                      ? 
_exptl_crystal.density_diffrn              ? 
_exptl_crystal.density_Matthews            2.24 
_exptl_crystal.density_method              ? 
_exptl_crystal.density_percent_sol         45.03 
_exptl_crystal.description                 ? 
_exptl_crystal.F_000                       ? 
_exptl_crystal.id                          1 
_exptl_crystal.preparation                 ? 
_exptl_crystal.size_max                    ? 
_exptl_crystal.size_mid                    ? 
_exptl_crystal.size_min                    ? 
_exptl_crystal.size_rad                    ? 
_exptl_crystal.colour_lustre               ? 
_exptl_crystal.colour_modifier             ? 
_exptl_crystal.colour_primary              ? 
_exptl_crystal.density_meas                ? 
_exptl_crystal.density_meas_esd            ? 
_exptl_crystal.density_meas_gt             ? 
_exptl_crystal.density_meas_lt             ? 
_exptl_crystal.density_meas_temp           ? 
_exptl_crystal.density_meas_temp_esd       ? 
_exptl_crystal.density_meas_temp_gt        ? 
_exptl_crystal.density_meas_temp_lt        ? 
_exptl_crystal.pdbx_crystal_image_url      ? 
_exptl_crystal.pdbx_crystal_image_format   ? 
_exptl_crystal.pdbx_mosaicity              ? 
_exptl_crystal.pdbx_mosaicity_esd          ? 
# 
_exptl_crystal_grow.apparatus       ? 
_exptl_crystal_grow.atmosphere      ? 
_exptl_crystal_grow.crystal_id      1 
_exptl_crystal_grow.details         ? 
_exptl_crystal_grow.method          'VAPOR DIFFUSION' 
_exptl_crystal_grow.method_ref      ? 
_exptl_crystal_grow.pH              7.5 
_exptl_crystal_grow.pressure        ? 
_exptl_crystal_grow.pressure_esd    ? 
_exptl_crystal_grow.seeding         ? 
_exptl_crystal_grow.seeding_ref     ? 
_exptl_crystal_grow.temp            293 
_exptl_crystal_grow.temp_details    ? 
_exptl_crystal_grow.temp_esd        ? 
_exptl_crystal_grow.time            ? 
_exptl_crystal_grow.pdbx_details    '0.2 M Calcium acetate hydrate, 20% w/v Polyethylene Glycol 3350, pH 7.5' 
_exptl_crystal_grow.pdbx_pH_range   ? 
# 
_diffrn.ambient_environment              ? 
_diffrn.ambient_temp                     77 
_diffrn.ambient_temp_details             ? 
_diffrn.ambient_temp_esd                 ? 
_diffrn.crystal_id                       1 
_diffrn.crystal_support                  ? 
_diffrn.crystal_treatment                ? 
_diffrn.details                          ? 
_diffrn.id                               1 
_diffrn.ambient_pressure                 ? 
_diffrn.ambient_pressure_esd             ? 
_diffrn.ambient_pressure_gt              ? 
_diffrn.ambient_pressure_lt              ? 
_diffrn.ambient_temp_gt                  ? 
_diffrn.ambient_temp_lt                  ? 
_diffrn.pdbx_serial_crystal_experiment   N 
# 
_diffrn_detector.details                      ? 
_diffrn_detector.detector                     PIXEL 
_diffrn_detector.diffrn_id                    1 
_diffrn_detector.type                         'DECTRIS PILATUS 6M' 
_diffrn_detector.area_resol_mean              ? 
_diffrn_detector.dtime                        ? 
_diffrn_detector.pdbx_frames_total            ? 
_diffrn_detector.pdbx_collection_time_total   ? 
_diffrn_detector.pdbx_collection_date         2017-07-01 
_diffrn_detector.pdbx_frequency               ? 
# 
_diffrn_radiation.collimation                      ? 
_diffrn_radiation.diffrn_id                        1 
_diffrn_radiation.filter_edge                      ? 
_diffrn_radiation.inhomogeneity                    ? 
_diffrn_radiation.monochromator                    ? 
_diffrn_radiation.polarisn_norm                    ? 
_diffrn_radiation.polarisn_ratio                   ? 
_diffrn_radiation.probe                            ? 
_diffrn_radiation.type                             ? 
_diffrn_radiation.xray_symbol                      ? 
_diffrn_radiation.wavelength_id                    1 
_diffrn_radiation.pdbx_monochromatic_or_laue_m_l   M 
_diffrn_radiation.pdbx_wavelength_list             ? 
_diffrn_radiation.pdbx_wavelength                  ? 
_diffrn_radiation.pdbx_diffrn_protocol             'SINGLE WAVELENGTH' 
_diffrn_radiation.pdbx_analyzer                    ? 
_diffrn_radiation.pdbx_scattering_type             x-ray 
# 
_diffrn_radiation_wavelength.id           1 
_diffrn_radiation_wavelength.wavelength   0.97930 
_diffrn_radiation_wavelength.wt           1.0 
# 
_diffrn_source.current                     ? 
_diffrn_source.details                     ? 
_diffrn_source.diffrn_id                   1 
_diffrn_source.power                       ? 
_diffrn_source.size                        ? 
_diffrn_source.source                      SYNCHROTRON 
_diffrn_source.target                      ? 
_diffrn_source.type                        'SSRF BEAMLINE BL17U1' 
_diffrn_source.voltage                     ? 
_diffrn_source.take-off_angle              ? 
_diffrn_source.pdbx_wavelength_list        0.97930 
_diffrn_source.pdbx_wavelength             ? 
_diffrn_source.pdbx_synchrotron_beamline   BL17U1 
_diffrn_source.pdbx_synchrotron_site       SSRF 
# 
_reflns.B_iso_Wilson_estimate                          18.33 
_reflns.entry_id                                       7WA9 
_reflns.data_reduction_details                         ? 
_reflns.data_reduction_method                          ? 
_reflns.d_resolution_high                              1.9 
_reflns.d_resolution_low                               30 
_reflns.details                                        ? 
_reflns.limit_h_max                                    ? 
_reflns.limit_h_min                                    ? 
_reflns.limit_k_max                                    ? 
_reflns.limit_k_min                                    ? 
_reflns.limit_l_max                                    ? 
_reflns.limit_l_min                                    ? 
_reflns.number_all                                     ? 
_reflns.number_obs                                     21971 
_reflns.observed_criterion                             ? 
_reflns.observed_criterion_F_max                       ? 
_reflns.observed_criterion_F_min                       ? 
_reflns.observed_criterion_I_max                       ? 
_reflns.observed_criterion_I_min                       ? 
_reflns.observed_criterion_sigma_F                     ? 
_reflns.observed_criterion_sigma_I                     ? 
_reflns.percent_possible_obs                           98.3 
_reflns.R_free_details                                 ? 
_reflns.Rmerge_F_all                                   ? 
_reflns.Rmerge_F_obs                                   ? 
_reflns.Friedel_coverage                               ? 
_reflns.number_gt                                      ? 
_reflns.threshold_expression                           ? 
_reflns.pdbx_redundancy                                3.3 
_reflns.pdbx_Rmerge_I_obs                              0.098 
_reflns.pdbx_Rmerge_I_all                              ? 
_reflns.pdbx_Rsym_value                                ? 
_reflns.pdbx_netI_over_av_sigmaI                       ? 
_reflns.pdbx_netI_over_sigmaI                          33.3 
_reflns.pdbx_res_netI_over_av_sigmaI_2                 ? 
_reflns.pdbx_res_netI_over_sigmaI_2                    ? 
_reflns.pdbx_chi_squared                               ? 
_reflns.pdbx_scaling_rejects                           ? 
_reflns.pdbx_d_res_high_opt                            ? 
_reflns.pdbx_d_res_low_opt                             ? 
_reflns.pdbx_d_res_opt_method                          ? 
_reflns.phase_calculation_details                      ? 
_reflns.pdbx_Rrim_I_all                                ? 
_reflns.pdbx_Rpim_I_all                                ? 
_reflns.pdbx_d_opt                                     ? 
_reflns.pdbx_number_measured_all                       ? 
_reflns.pdbx_diffrn_id                                 1 
_reflns.pdbx_ordinal                                   1 
_reflns.pdbx_CC_half                                   ? 
_reflns.pdbx_CC_star                                   ? 
_reflns.pdbx_R_split                                   ? 
_reflns.pdbx_aniso_diffraction_limit_axis_1_ortho[1]   ? 
_reflns.pdbx_aniso_diffraction_limit_axis_1_ortho[2]   ? 
_reflns.pdbx_aniso_diffraction_limit_axis_1_ortho[3]   ? 
_reflns.pdbx_aniso_diffraction_limit_axis_2_ortho[1]   ? 
_reflns.pdbx_aniso_diffraction_limit_axis_2_ortho[2]   ? 
_reflns.pdbx_aniso_diffraction_limit_axis_2_ortho[3]   ? 
_reflns.pdbx_aniso_diffraction_limit_axis_3_ortho[1]   ? 
_reflns.pdbx_aniso_diffraction_limit_axis_3_ortho[2]   ? 
_reflns.pdbx_aniso_diffraction_limit_axis_3_ortho[3]   ? 
_reflns.pdbx_aniso_diffraction_limit_1                 ? 
_reflns.pdbx_aniso_diffraction_limit_2                 ? 
_reflns.pdbx_aniso_diffraction_limit_3                 ? 
_reflns.pdbx_aniso_B_tensor_eigenvector_1_ortho[1]     ? 
_reflns.pdbx_aniso_B_tensor_eigenvector_1_ortho[2]     ? 
_reflns.pdbx_aniso_B_tensor_eigenvector_1_ortho[3]     ? 
_reflns.pdbx_aniso_B_tensor_eigenvector_2_ortho[1]     ? 
_reflns.pdbx_aniso_B_tensor_eigenvector_2_ortho[2]     ? 
_reflns.pdbx_aniso_B_tensor_eigenvector_2_ortho[3]     ? 
_reflns.pdbx_aniso_B_tensor_eigenvector_3_ortho[1]     ? 
_reflns.pdbx_aniso_B_tensor_eigenvector_3_ortho[2]     ? 
_reflns.pdbx_aniso_B_tensor_eigenvector_3_ortho[3]     ? 
_reflns.pdbx_aniso_B_tensor_eigenvalue_1               ? 
_reflns.pdbx_aniso_B_tensor_eigenvalue_2               ? 
_reflns.pdbx_aniso_B_tensor_eigenvalue_3               ? 
_reflns.pdbx_orthogonalization_convention              ? 
_reflns.pdbx_percent_possible_ellipsoidal              ? 
_reflns.pdbx_percent_possible_spherical                ? 
_reflns.pdbx_percent_possible_ellipsoidal_anomalous    ? 
_reflns.pdbx_percent_possible_spherical_anomalous      ? 
_reflns.pdbx_redundancy_anomalous                      ? 
_reflns.pdbx_CC_half_anomalous                         ? 
_reflns.pdbx_absDiff_over_sigma_anomalous              ? 
_reflns.pdbx_percent_possible_anomalous                ? 
_reflns.pdbx_observed_signal_threshold                 ? 
_reflns.pdbx_signal_type                               ? 
_reflns.pdbx_signal_details                            ? 
_reflns.pdbx_signal_software_id                        ? 
# 
_reflns_shell.d_res_high                                    1.90 
_reflns_shell.d_res_low                                     1.93 
_reflns_shell.meanI_over_sigI_all                           ? 
_reflns_shell.meanI_over_sigI_obs                           ? 
_reflns_shell.number_measured_all                           ? 
_reflns_shell.number_measured_obs                           ? 
_reflns_shell.number_possible                               ? 
_reflns_shell.number_unique_all                             ? 
_reflns_shell.number_unique_obs                             1149 
_reflns_shell.percent_possible_all                          ? 
_reflns_shell.percent_possible_obs                          ? 
_reflns_shell.Rmerge_F_all                                  ? 
_reflns_shell.Rmerge_F_obs                                  ? 
_reflns_shell.Rmerge_I_all                                  ? 
_reflns_shell.Rmerge_I_obs                                  0.596 
_reflns_shell.meanI_over_sigI_gt                            ? 
_reflns_shell.meanI_over_uI_all                             ? 
_reflns_shell.meanI_over_uI_gt                              ? 
_reflns_shell.number_measured_gt                            ? 
_reflns_shell.number_unique_gt                              ? 
_reflns_shell.percent_possible_gt                           ? 
_reflns_shell.Rmerge_F_gt                                   ? 
_reflns_shell.Rmerge_I_gt                                   ? 
_reflns_shell.pdbx_redundancy                               ? 
_reflns_shell.pdbx_Rsym_value                               ? 
_reflns_shell.pdbx_chi_squared                              ? 
_reflns_shell.pdbx_netI_over_sigmaI_all                     ? 
_reflns_shell.pdbx_netI_over_sigmaI_obs                     ? 
_reflns_shell.pdbx_Rrim_I_all                               ? 
_reflns_shell.pdbx_Rpim_I_all                               ? 
_reflns_shell.pdbx_rejects                                  ? 
_reflns_shell.pdbx_ordinal                                  1 
_reflns_shell.pdbx_diffrn_id                                1 
_reflns_shell.pdbx_CC_half                                  ? 
_reflns_shell.pdbx_CC_star                                  ? 
_reflns_shell.pdbx_R_split                                  ? 
_reflns_shell.pdbx_percent_possible_ellipsoidal             ? 
_reflns_shell.pdbx_percent_possible_spherical               ? 
_reflns_shell.pdbx_percent_possible_ellipsoidal_anomalous   ? 
_reflns_shell.pdbx_percent_possible_spherical_anomalous     ? 
_reflns_shell.pdbx_redundancy_anomalous                     ? 
_reflns_shell.pdbx_CC_half_anomalous                        ? 
_reflns_shell.pdbx_absDiff_over_sigma_anomalous             ? 
_reflns_shell.pdbx_percent_possible_anomalous               ? 
# 
_refine.aniso_B[1][1]                            ? 
_refine.aniso_B[1][2]                            ? 
_refine.aniso_B[1][3]                            ? 
_refine.aniso_B[2][2]                            ? 
_refine.aniso_B[2][3]                            ? 
_refine.aniso_B[3][3]                            ? 
_refine.B_iso_max                                ? 
_refine.B_iso_mean                               20.19 
_refine.B_iso_min                                ? 
_refine.correlation_coeff_Fo_to_Fc               ? 
_refine.correlation_coeff_Fo_to_Fc_free          ? 
_refine.details                                  ? 
_refine.diff_density_max                         ? 
_refine.diff_density_max_esd                     ? 
_refine.diff_density_min                         ? 
_refine.diff_density_min_esd                     ? 
_refine.diff_density_rms                         ? 
_refine.diff_density_rms_esd                     ? 
_refine.entry_id                                 7WA9 
_refine.pdbx_refine_id                           'X-RAY DIFFRACTION' 
_refine.ls_abs_structure_details                 ? 
_refine.ls_abs_structure_Flack                   ? 
_refine.ls_abs_structure_Flack_esd               ? 
_refine.ls_abs_structure_Rogers                  ? 
_refine.ls_abs_structure_Rogers_esd              ? 
_refine.ls_d_res_high                            1.90 
_refine.ls_d_res_low                             22.19 
_refine.ls_extinction_coef                       ? 
_refine.ls_extinction_coef_esd                   ? 
_refine.ls_extinction_expression                 ? 
_refine.ls_extinction_method                     ? 
_refine.ls_goodness_of_fit_all                   ? 
_refine.ls_goodness_of_fit_all_esd               ? 
_refine.ls_goodness_of_fit_obs                   ? 
_refine.ls_goodness_of_fit_obs_esd               ? 
_refine.ls_hydrogen_treatment                    ? 
_refine.ls_matrix_type                           ? 
_refine.ls_number_constraints                    ? 
_refine.ls_number_parameters                     ? 
_refine.ls_number_reflns_all                     ? 
_refine.ls_number_reflns_obs                     11339 
_refine.ls_number_reflns_R_free                  542 
_refine.ls_number_reflns_R_work                  10797 
_refine.ls_number_restraints                     ? 
_refine.ls_percent_reflns_obs                    98.70 
_refine.ls_percent_reflns_R_free                 4.78 
_refine.ls_R_factor_all                          ? 
_refine.ls_R_factor_obs                          0.2357 
_refine.ls_R_factor_R_free                       0.2821 
_refine.ls_R_factor_R_free_error                 ? 
_refine.ls_R_factor_R_free_error_details         ? 
_refine.ls_R_factor_R_work                       0.2333 
_refine.ls_R_Fsqd_factor_obs                     ? 
_refine.ls_R_I_factor_obs                        ? 
_refine.ls_redundancy_reflns_all                 ? 
_refine.ls_redundancy_reflns_obs                 ? 
_refine.ls_restrained_S_all                      ? 
_refine.ls_restrained_S_obs                      ? 
_refine.ls_shift_over_esd_max                    ? 
_refine.ls_shift_over_esd_mean                   ? 
_refine.ls_structure_factor_coef                 ? 
_refine.ls_weighting_details                     ? 
_refine.ls_weighting_scheme                      ? 
_refine.ls_wR_factor_all                         ? 
_refine.ls_wR_factor_obs                         ? 
_refine.ls_wR_factor_R_free                      ? 
_refine.ls_wR_factor_R_work                      ? 
_refine.occupancy_max                            ? 
_refine.occupancy_min                            ? 
_refine.solvent_model_details                    'FLAT BULK SOLVENT MODEL' 
_refine.solvent_model_param_bsol                 ? 
_refine.solvent_model_param_ksol                 ? 
_refine.pdbx_R_complete                          ? 
_refine.ls_R_factor_gt                           ? 
_refine.ls_goodness_of_fit_gt                    ? 
_refine.ls_goodness_of_fit_ref                   ? 
_refine.ls_shift_over_su_max                     ? 
_refine.ls_shift_over_su_max_lt                  ? 
_refine.ls_shift_over_su_mean                    ? 
_refine.ls_shift_over_su_mean_lt                 ? 
_refine.pdbx_ls_sigma_I                          ? 
_refine.pdbx_ls_sigma_F                          1.37 
_refine.pdbx_ls_sigma_Fsqd                       ? 
_refine.pdbx_data_cutoff_high_absF               ? 
_refine.pdbx_data_cutoff_high_rms_absF           ? 
_refine.pdbx_data_cutoff_low_absF                ? 
_refine.pdbx_isotropic_thermal_model             ? 
_refine.pdbx_ls_cross_valid_method               'FREE R-VALUE' 
_refine.pdbx_method_to_determine_struct          SAD 
_refine.pdbx_starting_model                      ? 
_refine.pdbx_stereochemistry_target_values       'GeoStd + Monomer Library + CDL v1.2' 
_refine.pdbx_R_Free_selection_details            ? 
_refine.pdbx_stereochem_target_val_spec_case     ? 
_refine.pdbx_overall_ESU_R                       ? 
_refine.pdbx_overall_ESU_R_Free                  ? 
_refine.pdbx_solvent_vdw_probe_radii             1.1100 
_refine.pdbx_solvent_ion_probe_radii             ? 
_refine.pdbx_solvent_shrinkage_radii             0.9000 
_refine.pdbx_real_space_R                        ? 
_refine.pdbx_density_correlation                 ? 
_refine.pdbx_pd_number_of_powder_patterns        ? 
_refine.pdbx_pd_number_of_points                 ? 
_refine.pdbx_pd_meas_number_of_points            ? 
_refine.pdbx_pd_proc_ls_prof_R_factor            ? 
_refine.pdbx_pd_proc_ls_prof_wR_factor           ? 
_refine.pdbx_pd_Marquardt_correlation_coeff      ? 
_refine.pdbx_pd_Fsqrd_R_factor                   ? 
_refine.pdbx_pd_ls_matrix_band_width             ? 
_refine.pdbx_overall_phase_error                 32.8413 
_refine.pdbx_overall_SU_R_free_Cruickshank_DPI   ? 
_refine.pdbx_overall_SU_R_free_Blow_DPI          ? 
_refine.pdbx_overall_SU_R_Blow_DPI               ? 
_refine.pdbx_TLS_residual_ADP_flag               ? 
_refine.pdbx_diffrn_id                           1 
_refine.overall_SU_B                             ? 
_refine.overall_SU_ML                            0.2789 
_refine.overall_SU_R_Cruickshank_DPI             ? 
_refine.overall_SU_R_free                        ? 
_refine.overall_FOM_free_R_set                   ? 
_refine.overall_FOM_work_R_set                   ? 
_refine.pdbx_average_fsc_overall                 ? 
_refine.pdbx_average_fsc_work                    ? 
_refine.pdbx_average_fsc_free                    ? 
# 
_refine_hist.pdbx_refine_id                   'X-RAY DIFFRACTION' 
_refine_hist.cycle_id                         LAST 
_refine_hist.details                          ? 
_refine_hist.d_res_high                       1.90 
_refine_hist.d_res_low                        22.19 
_refine_hist.number_atoms_solvent             52 
_refine_hist.number_atoms_total               1173 
_refine_hist.number_reflns_all                ? 
_refine_hist.number_reflns_obs                ? 
_refine_hist.number_reflns_R_free             ? 
_refine_hist.number_reflns_R_work             ? 
_refine_hist.R_factor_all                     ? 
_refine_hist.R_factor_obs                     ? 
_refine_hist.R_factor_R_free                  ? 
_refine_hist.R_factor_R_work                  ? 
_refine_hist.pdbx_number_residues_total       ? 
_refine_hist.pdbx_B_iso_mean_ligand           ? 
_refine_hist.pdbx_B_iso_mean_solvent          ? 
_refine_hist.pdbx_number_atoms_protein        1121 
_refine_hist.pdbx_number_atoms_nucleic_acid   0 
_refine_hist.pdbx_number_atoms_ligand         0 
_refine_hist.pdbx_number_atoms_lipid          ? 
_refine_hist.pdbx_number_atoms_carb           ? 
_refine_hist.pdbx_pseudo_atom_details         ? 
# 
loop_
_refine_ls_restr.pdbx_refine_id 
_refine_ls_restr.criterion 
_refine_ls_restr.dev_ideal 
_refine_ls_restr.dev_ideal_target 
_refine_ls_restr.number 
_refine_ls_restr.rejects 
_refine_ls_restr.type 
_refine_ls_restr.weight 
_refine_ls_restr.pdbx_restraint_function 
'X-RAY DIFFRACTION' ? 0.0080  ? 1148 ? f_bond_d           ? ? 
'X-RAY DIFFRACTION' ? 1.0954  ? 1557 ? f_angle_d          ? ? 
'X-RAY DIFFRACTION' ? 0.0634  ? 174  ? f_chiral_restr     ? ? 
'X-RAY DIFFRACTION' ? 0.0062  ? 196  ? f_plane_restr      ? ? 
'X-RAY DIFFRACTION' ? 15.2655 ? 426  ? f_dihedral_angle_d ? ? 
# 
loop_
_refine_ls_shell.pdbx_refine_id 
_refine_ls_shell.d_res_high 
_refine_ls_shell.d_res_low 
_refine_ls_shell.number_reflns_all 
_refine_ls_shell.number_reflns_obs 
_refine_ls_shell.number_reflns_R_free 
_refine_ls_shell.number_reflns_R_work 
_refine_ls_shell.percent_reflns_obs 
_refine_ls_shell.percent_reflns_R_free 
_refine_ls_shell.R_factor_all 
_refine_ls_shell.R_factor_obs 
_refine_ls_shell.R_factor_R_free 
_refine_ls_shell.R_factor_R_free_error 
_refine_ls_shell.R_factor_R_work 
_refine_ls_shell.redundancy_reflns_all 
_refine_ls_shell.redundancy_reflns_obs 
_refine_ls_shell.wR_factor_all 
_refine_ls_shell.wR_factor_obs 
_refine_ls_shell.wR_factor_R_free 
_refine_ls_shell.wR_factor_R_work 
_refine_ls_shell.pdbx_R_complete 
_refine_ls_shell.pdbx_total_number_of_bins_used 
_refine_ls_shell.pdbx_phase_error 
_refine_ls_shell.pdbx_fsc_work 
_refine_ls_shell.pdbx_fsc_free 
'X-RAY DIFFRACTION' 1.90 2.09  . . 140 2662 98.04 . . . 0.3222 . 0.2289 . . . . . . . . . . . 
'X-RAY DIFFRACTION' 2.09 2.40  . . 131 2695 98.91 . . . 0.2902 . 0.2317 . . . . . . . . . . . 
'X-RAY DIFFRACTION' 2.40 3.02  . . 126 2723 99.62 . . . 0.3076 . 0.2611 . . . . . . . . . . . 
'X-RAY DIFFRACTION' 3.02 22.19 . . 145 2717 98.25 . . . 0.2574 . 0.2221 . . . . . . . . . . . 
# 
_struct.entry_id                     7WA9 
_struct.title                        'Crystal structure of MSMEG_5634 from Mycobacterium smegmatis' 
_struct.pdbx_model_details           ? 
_struct.pdbx_formula_weight          ? 
_struct.pdbx_formula_weight_method   ? 
_struct.pdbx_model_type_details      ? 
_struct.pdbx_CASP_flag               N 
# 
_struct_keywords.entry_id        7WA9 
_struct_keywords.text            'MSMEG_5634, acyl-AcpM, FAS-II inhibitor, Mycobacterium smegmatis, LIPID BINDING PROTEIN' 
_struct_keywords.pdbx_keywords   'LIPID BINDING PROTEIN' 
# 
loop_
_struct_asym.id 
_struct_asym.pdbx_blank_PDB_chainid_flag 
_struct_asym.pdbx_modified 
_struct_asym.entity_id 
_struct_asym.details 
A N N 1 ? 
B N N 2 ? 
# 
_struct_ref.id                         1 
_struct_ref.db_name                    UNP 
_struct_ref.db_code                    A0R3Y0_MYCS2 
_struct_ref.pdbx_db_accession          A0R3Y0 
_struct_ref.pdbx_db_isoform            ? 
_struct_ref.entity_id                  1 
_struct_ref.pdbx_seq_one_letter_code   
;MAKLSVSVEVPLPPEQAWEYASDLSRYHEWLSIHRAWRSKLPETLEKGTVIESIVEVKGMLNRVRWTLVHYKPPQALTLN
GDGRGGVKVKLIGKIKPTDNGATVGFDLHLGGPALFGPIGMVVAAALKSDIQESLNRFKQLYAPSAT
;
_struct_ref.pdbx_align_begin           1 
# 
_struct_ref_seq.align_id                      1 
_struct_ref_seq.ref_id                        1 
_struct_ref_seq.pdbx_PDB_id_code              7WA9 
_struct_ref_seq.pdbx_strand_id                A 
_struct_ref_seq.seq_align_beg                 2 
_struct_ref_seq.pdbx_seq_align_beg_ins_code   ? 
_struct_ref_seq.seq_align_end                 148 
_struct_ref_seq.pdbx_seq_align_end_ins_code   ? 
_struct_ref_seq.pdbx_db_accession             A0R3Y0 
_struct_ref_seq.db_align_beg                  1 
_struct_ref_seq.pdbx_db_align_beg_ins_code    ? 
_struct_ref_seq.db_align_end                  147 
_struct_ref_seq.pdbx_db_align_end_ins_code    ? 
_struct_ref_seq.pdbx_auth_seq_align_beg       1 
_struct_ref_seq.pdbx_auth_seq_align_end       147 
# 
_struct_ref_seq_dif.align_id                     1 
_struct_ref_seq_dif.pdbx_pdb_id_code             7WA9 
_struct_ref_seq_dif.mon_id                       SER 
_struct_ref_seq_dif.pdbx_pdb_strand_id           A 
_struct_ref_seq_dif.seq_num                      1 
_struct_ref_seq_dif.pdbx_pdb_ins_code            ? 
_struct_ref_seq_dif.pdbx_seq_db_name             UNP 
_struct_ref_seq_dif.pdbx_seq_db_accession_code   A0R3Y0 
_struct_ref_seq_dif.db_mon_id                    ? 
_struct_ref_seq_dif.pdbx_seq_db_seq_num          ? 
_struct_ref_seq_dif.details                      'expression tag' 
_struct_ref_seq_dif.pdbx_auth_seq_num            0 
_struct_ref_seq_dif.pdbx_ordinal                 1 
# 
_pdbx_struct_assembly.id                   1 
_pdbx_struct_assembly.details              author_defined_assembly 
_pdbx_struct_assembly.method_details       ? 
_pdbx_struct_assembly.oligomeric_details   monomeric 
_pdbx_struct_assembly.oligomeric_count     1 
# 
loop_
_pdbx_struct_assembly_prop.biol_id 
_pdbx_struct_assembly_prop.type 
_pdbx_struct_assembly_prop.value 
_pdbx_struct_assembly_prop.details 
1 'ABSA (A^2)' 0    ? 
1 MORE         0    ? 
1 'SSA (A^2)'  8050 ? 
# 
_pdbx_struct_assembly_gen.assembly_id       1 
_pdbx_struct_assembly_gen.oper_expression   1 
_pdbx_struct_assembly_gen.asym_id_list      A,B 
# 
_pdbx_struct_assembly_auth_evidence.id                     1 
_pdbx_struct_assembly_auth_evidence.assembly_id            1 
_pdbx_struct_assembly_auth_evidence.experimental_support   'gel filtration' 
_pdbx_struct_assembly_auth_evidence.details                ? 
# 
_pdbx_struct_oper_list.id                   1 
_pdbx_struct_oper_list.type                 'identity operation' 
_pdbx_struct_oper_list.name                 1_555 
_pdbx_struct_oper_list.symmetry_operation   x,y,z 
_pdbx_struct_oper_list.matrix[1][1]         1.0000000000 
_pdbx_struct_oper_list.matrix[1][2]         0.0000000000 
_pdbx_struct_oper_list.matrix[1][3]         0.0000000000 
_pdbx_struct_oper_list.vector[1]            0.0000000000 
_pdbx_struct_oper_list.matrix[2][1]         0.0000000000 
_pdbx_struct_oper_list.matrix[2][2]         1.0000000000 
_pdbx_struct_oper_list.matrix[2][3]         0.0000000000 
_pdbx_struct_oper_list.vector[2]            0.0000000000 
_pdbx_struct_oper_list.matrix[3][1]         0.0000000000 
_pdbx_struct_oper_list.matrix[3][2]         0.0000000000 
_pdbx_struct_oper_list.matrix[3][3]         1.0000000000 
_pdbx_struct_oper_list.vector[3]            0.0000000000 
# 
loop_
_struct_conf.conf_type_id 
_struct_conf.id 
_struct_conf.pdbx_PDB_helix_id 
_struct_conf.beg_label_comp_id 
_struct_conf.beg_label_asym_id 
_struct_conf.beg_label_seq_id 
_struct_conf.pdbx_beg_PDB_ins_code 
_struct_conf.end_label_comp_id 
_struct_conf.end_label_asym_id 
_struct_conf.end_label_seq_id 
_struct_conf.pdbx_end_PDB_ins_code 
_struct_conf.beg_auth_comp_id 
_struct_conf.beg_auth_asym_id 
_struct_conf.beg_auth_seq_id 
_struct_conf.end_auth_comp_id 
_struct_conf.end_auth_asym_id 
_struct_conf.end_auth_seq_id 
_struct_conf.pdbx_PDB_helix_class 
_struct_conf.details 
_struct_conf.pdbx_PDB_helix_length 
HELX_P HELX_P1 AA1 PRO A 14  ? SER A 23  ? PRO A 13  SER A 22  1 ? 10 
HELX_P HELX_P2 AA2 ASP A 24  ? TRP A 31  ? ASP A 23  TRP A 30  5 ? 8  
HELX_P HELX_P3 AA3 GLY A 113 ? GLY A 118 ? GLY A 112 GLY A 117 1 ? 6  
HELX_P HELX_P4 AA4 ILE A 120 ? ALA A 144 ? ILE A 119 ALA A 143 1 ? 25 
# 
_struct_conf_type.id          HELX_P 
_struct_conf_type.criteria    ? 
_struct_conf_type.reference   ? 
# 
loop_
_struct_conn.id 
_struct_conn.conn_type_id 
_struct_conn.pdbx_leaving_atom_flag 
_struct_conn.pdbx_PDB_id 
_struct_conn.ptnr1_label_asym_id 
_struct_conn.ptnr1_label_comp_id 
_struct_conn.ptnr1_label_seq_id 
_struct_conn.ptnr1_label_atom_id 
_struct_conn.pdbx_ptnr1_label_alt_id 
_struct_conn.pdbx_ptnr1_PDB_ins_code 
_struct_conn.pdbx_ptnr1_standard_comp_id 
_struct_conn.ptnr1_symmetry 
_struct_conn.ptnr2_label_asym_id 
_struct_conn.ptnr2_label_comp_id 
_struct_conn.ptnr2_label_seq_id 
_struct_conn.ptnr2_label_atom_id 
_struct_conn.pdbx_ptnr2_label_alt_id 
_struct_conn.pdbx_ptnr2_PDB_ins_code 
_struct_conn.ptnr1_auth_asym_id 
_struct_conn.ptnr1_auth_comp_id 
_struct_conn.ptnr1_auth_seq_id 
_struct_conn.ptnr2_auth_asym_id 
_struct_conn.ptnr2_auth_comp_id 
_struct_conn.ptnr2_auth_seq_id 
_struct_conn.ptnr2_symmetry 
_struct_conn.pdbx_ptnr3_label_atom_id 
_struct_conn.pdbx_ptnr3_label_seq_id 
_struct_conn.pdbx_ptnr3_label_comp_id 
_struct_conn.pdbx_ptnr3_label_asym_id 
_struct_conn.pdbx_ptnr3_label_alt_id 
_struct_conn.pdbx_ptnr3_PDB_ins_code 
_struct_conn.details 
_struct_conn.pdbx_dist_value 
_struct_conn.pdbx_value_order 
_struct_conn.pdbx_role 
covale1 covale both ? A SER 1   C ? ? ? 1_555 A MSE 2   N ? ? A SER 0   A MSE 1   1_555 ? ? ? ? ? ? ? 1.333 ? ? 
covale2 covale both ? A MSE 2   C ? ? ? 1_555 A ALA 3   N ? ? A MSE 1   A ALA 2   1_555 ? ? ? ? ? ? ? 1.332 ? ? 
covale3 covale both ? A GLY 60  C ? ? ? 1_555 A MSE 61  N ? ? A GLY 59  A MSE 60  1_555 ? ? ? ? ? ? ? 1.333 ? ? 
covale4 covale both ? A MSE 61  C ? ? ? 1_555 A LEU 62  N ? ? A MSE 60  A LEU 61  1_555 ? ? ? ? ? ? ? 1.328 ? ? 
covale5 covale both ? A GLY 121 C ? ? ? 1_555 A MSE 122 N ? ? A GLY 120 A MSE 121 1_555 ? ? ? ? ? ? ? 1.330 ? ? 
covale6 covale both ? A MSE 122 C ? ? ? 1_555 A VAL 123 N ? ? A MSE 121 A VAL 122 1_555 ? ? ? ? ? ? ? 1.337 ? ? 
# 
_struct_conn_type.id          covale 
_struct_conn_type.criteria    ? 
_struct_conn_type.reference   ? 
# 
loop_
_pdbx_modification_feature.ordinal 
_pdbx_modification_feature.label_comp_id 
_pdbx_modification_feature.label_asym_id 
_pdbx_modification_feature.label_seq_id 
_pdbx_modification_feature.label_alt_id 
_pdbx_modification_feature.modified_residue_label_comp_id 
_pdbx_modification_feature.modified_residue_label_asym_id 
_pdbx_modification_feature.modified_residue_label_seq_id 
_pdbx_modification_feature.modified_residue_label_alt_id 
_pdbx_modification_feature.auth_comp_id 
_pdbx_modification_feature.auth_asym_id 
_pdbx_modification_feature.auth_seq_id 
_pdbx_modification_feature.PDB_ins_code 
_pdbx_modification_feature.symmetry 
_pdbx_modification_feature.modified_residue_auth_comp_id 
_pdbx_modification_feature.modified_residue_auth_asym_id 
_pdbx_modification_feature.modified_residue_auth_seq_id 
_pdbx_modification_feature.modified_residue_PDB_ins_code 
_pdbx_modification_feature.modified_residue_symmetry 
_pdbx_modification_feature.comp_id_linking_atom 
_pdbx_modification_feature.modified_residue_id_linking_atom 
_pdbx_modification_feature.modified_residue_id 
_pdbx_modification_feature.ref_pcm_id 
_pdbx_modification_feature.ref_comp_id 
_pdbx_modification_feature.type 
_pdbx_modification_feature.category 
1 MSE A 2   ? . . . . MSE A 1   ? 1_555 . . . . . . . MET 1 MSE Selenomethionine 'Named protein modification' 
2 MSE A 61  ? . . . . MSE A 60  ? 1_555 . . . . . . . MET 1 MSE Selenomethionine 'Named protein modification' 
3 MSE A 122 ? . . . . MSE A 121 ? 1_555 . . . . . . . MET 1 MSE Selenomethionine 'Named protein modification' 
# 
_struct_mon_prot_cis.pdbx_id                1 
_struct_mon_prot_cis.label_comp_id          PRO 
_struct_mon_prot_cis.label_seq_id           74 
_struct_mon_prot_cis.label_asym_id          A 
_struct_mon_prot_cis.label_alt_id           . 
_struct_mon_prot_cis.pdbx_PDB_ins_code      ? 
_struct_mon_prot_cis.auth_comp_id           PRO 
_struct_mon_prot_cis.auth_seq_id            73 
_struct_mon_prot_cis.auth_asym_id           A 
_struct_mon_prot_cis.pdbx_label_comp_id_2   PRO 
_struct_mon_prot_cis.pdbx_label_seq_id_2    75 
_struct_mon_prot_cis.pdbx_label_asym_id_2   A 
_struct_mon_prot_cis.pdbx_PDB_ins_code_2    ? 
_struct_mon_prot_cis.pdbx_auth_comp_id_2    PRO 
_struct_mon_prot_cis.pdbx_auth_seq_id_2     74 
_struct_mon_prot_cis.pdbx_auth_asym_id_2    A 
_struct_mon_prot_cis.pdbx_PDB_model_num     1 
_struct_mon_prot_cis.pdbx_omega_angle       -4.23 
# 
_struct_sheet.id               AA1 
_struct_sheet.type             ? 
_struct_sheet.number_strands   7 
_struct_sheet.details          ? 
# 
loop_
_struct_sheet_order.sheet_id 
_struct_sheet_order.range_id_1 
_struct_sheet_order.range_id_2 
_struct_sheet_order.offset 
_struct_sheet_order.sense 
AA1 1 2 ? anti-parallel 
AA1 2 3 ? anti-parallel 
AA1 3 4 ? anti-parallel 
AA1 4 5 ? anti-parallel 
AA1 5 6 ? anti-parallel 
AA1 6 7 ? anti-parallel 
# 
loop_
_struct_sheet_range.sheet_id 
_struct_sheet_range.id 
_struct_sheet_range.beg_label_comp_id 
_struct_sheet_range.beg_label_asym_id 
_struct_sheet_range.beg_label_seq_id 
_struct_sheet_range.pdbx_beg_PDB_ins_code 
_struct_sheet_range.end_label_comp_id 
_struct_sheet_range.end_label_asym_id 
_struct_sheet_range.end_label_seq_id 
_struct_sheet_range.pdbx_end_PDB_ins_code 
_struct_sheet_range.beg_auth_comp_id 
_struct_sheet_range.beg_auth_asym_id 
_struct_sheet_range.beg_auth_seq_id 
_struct_sheet_range.end_auth_comp_id 
_struct_sheet_range.end_auth_asym_id 
_struct_sheet_range.end_auth_seq_id 
AA1 1 LYS A 4   ? VAL A 11  ? LYS A 3   VAL A 10  
AA1 2 GLY A 102 ? GLY A 112 ? GLY A 101 GLY A 111 
AA1 3 VAL A 88  ? THR A 99  ? VAL A 87  THR A 98  
AA1 4 ALA A 77  ? GLY A 84  ? ALA A 76  GLY A 83  
AA1 5 MSE A 61  ? LYS A 73  ? MSE A 60  LYS A 72  
AA1 6 VAL A 51  ? VAL A 58  ? VAL A 50  VAL A 57  
AA1 7 HIS A 35  ? TRP A 38  ? HIS A 34  TRP A 37  
# 
loop_
_pdbx_struct_sheet_hbond.sheet_id 
_pdbx_struct_sheet_hbond.range_id_1 
_pdbx_struct_sheet_hbond.range_id_2 
_pdbx_struct_sheet_hbond.range_1_label_atom_id 
_pdbx_struct_sheet_hbond.range_1_label_comp_id 
_pdbx_struct_sheet_hbond.range_1_label_asym_id 
_pdbx_struct_sheet_hbond.range_1_label_seq_id 
_pdbx_struct_sheet_hbond.range_1_PDB_ins_code 
_pdbx_struct_sheet_hbond.range_1_auth_atom_id 
_pdbx_struct_sheet_hbond.range_1_auth_comp_id 
_pdbx_struct_sheet_hbond.range_1_auth_asym_id 
_pdbx_struct_sheet_hbond.range_1_auth_seq_id 
_pdbx_struct_sheet_hbond.range_2_label_atom_id 
_pdbx_struct_sheet_hbond.range_2_label_comp_id 
_pdbx_struct_sheet_hbond.range_2_label_asym_id 
_pdbx_struct_sheet_hbond.range_2_label_seq_id 
_pdbx_struct_sheet_hbond.range_2_PDB_ins_code 
_pdbx_struct_sheet_hbond.range_2_auth_atom_id 
_pdbx_struct_sheet_hbond.range_2_auth_comp_id 
_pdbx_struct_sheet_hbond.range_2_auth_asym_id 
_pdbx_struct_sheet_hbond.range_2_auth_seq_id 
AA1 1 2 N VAL A 7   ? N VAL A 6   O PHE A 107 ? O PHE A 106 
AA1 2 3 O ASP A 108 ? O ASP A 107 N ILE A 93  ? N ILE A 92  
AA1 3 4 O GLY A 94  ? O GLY A 93  N LEU A 78  ? N LEU A 77  
AA1 4 5 O ALA A 77  ? O ALA A 76  N LYS A 73  ? N LYS A 72  
AA1 5 6 O TRP A 67  ? O TRP A 66  N ILE A 52  ? N ILE A 51  
AA1 6 7 O ILE A 55  ? O ILE A 54  N ALA A 37  ? N ALA A 36  
# 
_pdbx_entry_details.entry_id                   7WA9 
_pdbx_entry_details.has_ligand_of_interest     N 
_pdbx_entry_details.compound_details           ? 
_pdbx_entry_details.source_details             ? 
_pdbx_entry_details.nonpolymer_details         ? 
_pdbx_entry_details.sequence_details           ? 
_pdbx_entry_details.has_protein_modification   Y 
# 
_pdbx_validate_rmsd_angle.id                         1 
_pdbx_validate_rmsd_angle.PDB_model_num              1 
_pdbx_validate_rmsd_angle.auth_atom_id_1             CA 
_pdbx_validate_rmsd_angle.auth_asym_id_1             A 
_pdbx_validate_rmsd_angle.auth_comp_id_1             LEU 
_pdbx_validate_rmsd_angle.auth_seq_id_1              79 
_pdbx_validate_rmsd_angle.PDB_ins_code_1             ? 
_pdbx_validate_rmsd_angle.label_alt_id_1             ? 
_pdbx_validate_rmsd_angle.auth_atom_id_2             CB 
_pdbx_validate_rmsd_angle.auth_asym_id_2             A 
_pdbx_validate_rmsd_angle.auth_comp_id_2             LEU 
_pdbx_validate_rmsd_angle.auth_seq_id_2              79 
_pdbx_validate_rmsd_angle.PDB_ins_code_2             ? 
_pdbx_validate_rmsd_angle.label_alt_id_2             ? 
_pdbx_validate_rmsd_angle.auth_atom_id_3             CG 
_pdbx_validate_rmsd_angle.auth_asym_id_3             A 
_pdbx_validate_rmsd_angle.auth_comp_id_3             LEU 
_pdbx_validate_rmsd_angle.auth_seq_id_3              79 
_pdbx_validate_rmsd_angle.PDB_ins_code_3             ? 
_pdbx_validate_rmsd_angle.label_alt_id_3             ? 
_pdbx_validate_rmsd_angle.angle_value                133.17 
_pdbx_validate_rmsd_angle.angle_target_value         115.30 
_pdbx_validate_rmsd_angle.angle_deviation            17.87 
_pdbx_validate_rmsd_angle.angle_standard_deviation   2.30 
_pdbx_validate_rmsd_angle.linker_flag                N 
# 
_pdbx_validate_torsion.id              1 
_pdbx_validate_torsion.PDB_model_num   1 
_pdbx_validate_torsion.auth_comp_id    PRO 
_pdbx_validate_torsion.auth_asym_id    A 
_pdbx_validate_torsion.auth_seq_id     74 
_pdbx_validate_torsion.PDB_ins_code    ? 
_pdbx_validate_torsion.label_alt_id    ? 
_pdbx_validate_torsion.phi             -98.74 
_pdbx_validate_torsion.psi             40.49 
# 
loop_
_pdbx_struct_mod_residue.id 
_pdbx_struct_mod_residue.label_asym_id 
_pdbx_struct_mod_residue.label_comp_id 
_pdbx_struct_mod_residue.label_seq_id 
_pdbx_struct_mod_residue.auth_asym_id 
_pdbx_struct_mod_residue.auth_comp_id 
_pdbx_struct_mod_residue.auth_seq_id 
_pdbx_struct_mod_residue.PDB_ins_code 
_pdbx_struct_mod_residue.parent_comp_id 
_pdbx_struct_mod_residue.details 
1 A MSE 2   A MSE 1   ? MET 'modified residue' 
2 A MSE 61  A MSE 60  ? MET 'modified residue' 
3 A MSE 122 A MSE 121 ? MET 'modified residue' 
# 
loop_
_space_group_symop.id 
_space_group_symop.operation_xyz 
1 x,y,z           
2 -x,y,-z         
3 x+1/2,y+1/2,z   
4 -x+1/2,y+1/2,-z 
# 
loop_
_pdbx_unobs_or_zero_occ_residues.id 
_pdbx_unobs_or_zero_occ_residues.PDB_model_num 
_pdbx_unobs_or_zero_occ_residues.polymer_flag 
_pdbx_unobs_or_zero_occ_residues.occupancy_flag 
_pdbx_unobs_or_zero_occ_residues.auth_asym_id 
_pdbx_unobs_or_zero_occ_residues.auth_comp_id 
_pdbx_unobs_or_zero_occ_residues.auth_seq_id 
_pdbx_unobs_or_zero_occ_residues.PDB_ins_code 
_pdbx_unobs_or_zero_occ_residues.label_asym_id 
_pdbx_unobs_or_zero_occ_residues.label_comp_id 
_pdbx_unobs_or_zero_occ_residues.label_seq_id 
1 1 Y 1 A PRO 144 ? A PRO 145 
2 1 Y 1 A SER 145 ? A SER 146 
3 1 Y 1 A ALA 146 ? A ALA 147 
4 1 Y 1 A THR 147 ? A THR 148 
# 
loop_
_chem_comp_atom.comp_id 
_chem_comp_atom.atom_id 
_chem_comp_atom.type_symbol 
_chem_comp_atom.pdbx_aromatic_flag 
_chem_comp_atom.pdbx_stereo_config 
_chem_comp_atom.pdbx_ordinal 
ALA N    N  N N 1   
ALA CA   C  N S 2   
ALA C    C  N N 3   
ALA O    O  N N 4   
ALA CB   C  N N 5   
ALA OXT  O  N N 6   
ALA H    H  N N 7   
ALA H2   H  N N 8   
ALA HA   H  N N 9   
ALA HB1  H  N N 10  
ALA HB2  H  N N 11  
ALA HB3  H  N N 12  
ALA HXT  H  N N 13  
ARG N    N  N N 14  
ARG CA   C  N S 15  
ARG C    C  N N 16  
ARG O    O  N N 17  
ARG CB   C  N N 18  
ARG CG   C  N N 19  
ARG CD   C  N N 20  
ARG NE   N  N N 21  
ARG CZ   C  N N 22  
ARG NH1  N  N N 23  
ARG NH2  N  N N 24  
ARG OXT  O  N N 25  
ARG H    H  N N 26  
ARG H2   H  N N 27  
ARG HA   H  N N 28  
ARG HB2  H  N N 29  
ARG HB3  H  N N 30  
ARG HG2  H  N N 31  
ARG HG3  H  N N 32  
ARG HD2  H  N N 33  
ARG HD3  H  N N 34  
ARG HE   H  N N 35  
ARG HH11 H  N N 36  
ARG HH12 H  N N 37  
ARG HH21 H  N N 38  
ARG HH22 H  N N 39  
ARG HXT  H  N N 40  
ASN N    N  N N 41  
ASN CA   C  N S 42  
ASN C    C  N N 43  
ASN O    O  N N 44  
ASN CB   C  N N 45  
ASN CG   C  N N 46  
ASN OD1  O  N N 47  
ASN ND2  N  N N 48  
ASN OXT  O  N N 49  
ASN H    H  N N 50  
ASN H2   H  N N 51  
ASN HA   H  N N 52  
ASN HB2  H  N N 53  
ASN HB3  H  N N 54  
ASN HD21 H  N N 55  
ASN HD22 H  N N 56  
ASN HXT  H  N N 57  
ASP N    N  N N 58  
ASP CA   C  N S 59  
ASP C    C  N N 60  
ASP O    O  N N 61  
ASP CB   C  N N 62  
ASP CG   C  N N 63  
ASP OD1  O  N N 64  
ASP OD2  O  N N 65  
ASP OXT  O  N N 66  
ASP H    H  N N 67  
ASP H2   H  N N 68  
ASP HA   H  N N 69  
ASP HB2  H  N N 70  
ASP HB3  H  N N 71  
ASP HD2  H  N N 72  
ASP HXT  H  N N 73  
GLN N    N  N N 74  
GLN CA   C  N S 75  
GLN C    C  N N 76  
GLN O    O  N N 77  
GLN CB   C  N N 78  
GLN CG   C  N N 79  
GLN CD   C  N N 80  
GLN OE1  O  N N 81  
GLN NE2  N  N N 82  
GLN OXT  O  N N 83  
GLN H    H  N N 84  
GLN H2   H  N N 85  
GLN HA   H  N N 86  
GLN HB2  H  N N 87  
GLN HB3  H  N N 88  
GLN HG2  H  N N 89  
GLN HG3  H  N N 90  
GLN HE21 H  N N 91  
GLN HE22 H  N N 92  
GLN HXT  H  N N 93  
GLU N    N  N N 94  
GLU CA   C  N S 95  
GLU C    C  N N 96  
GLU O    O  N N 97  
GLU CB   C  N N 98  
GLU CG   C  N N 99  
GLU CD   C  N N 100 
GLU OE1  O  N N 101 
GLU OE2  O  N N 102 
GLU OXT  O  N N 103 
GLU H    H  N N 104 
GLU H2   H  N N 105 
GLU HA   H  N N 106 
GLU HB2  H  N N 107 
GLU HB3  H  N N 108 
GLU HG2  H  N N 109 
GLU HG3  H  N N 110 
GLU HE2  H  N N 111 
GLU HXT  H  N N 112 
GLY N    N  N N 113 
GLY CA   C  N N 114 
GLY C    C  N N 115 
GLY O    O  N N 116 
GLY OXT  O  N N 117 
GLY H    H  N N 118 
GLY H2   H  N N 119 
GLY HA2  H  N N 120 
GLY HA3  H  N N 121 
GLY HXT  H  N N 122 
HIS N    N  N N 123 
HIS CA   C  N S 124 
HIS C    C  N N 125 
HIS O    O  N N 126 
HIS CB   C  N N 127 
HIS CG   C  Y N 128 
HIS ND1  N  Y N 129 
HIS CD2  C  Y N 130 
HIS CE1  C  Y N 131 
HIS NE2  N  Y N 132 
HIS OXT  O  N N 133 
HIS H    H  N N 134 
HIS H2   H  N N 135 
HIS HA   H  N N 136 
HIS HB2  H  N N 137 
HIS HB3  H  N N 138 
HIS HD1  H  N N 139 
HIS HD2  H  N N 140 
HIS HE1  H  N N 141 
HIS HE2  H  N N 142 
HIS HXT  H  N N 143 
HOH O    O  N N 144 
HOH H1   H  N N 145 
HOH H2   H  N N 146 
ILE N    N  N N 147 
ILE CA   C  N S 148 
ILE C    C  N N 149 
ILE O    O  N N 150 
ILE CB   C  N S 151 
ILE CG1  C  N N 152 
ILE CG2  C  N N 153 
ILE CD1  C  N N 154 
ILE OXT  O  N N 155 
ILE H    H  N N 156 
ILE H2   H  N N 157 
ILE HA   H  N N 158 
ILE HB   H  N N 159 
ILE HG12 H  N N 160 
ILE HG13 H  N N 161 
ILE HG21 H  N N 162 
ILE HG22 H  N N 163 
ILE HG23 H  N N 164 
ILE HD11 H  N N 165 
ILE HD12 H  N N 166 
ILE HD13 H  N N 167 
ILE HXT  H  N N 168 
LEU N    N  N N 169 
LEU CA   C  N S 170 
LEU C    C  N N 171 
LEU O    O  N N 172 
LEU CB   C  N N 173 
LEU CG   C  N N 174 
LEU CD1  C  N N 175 
LEU CD2  C  N N 176 
LEU OXT  O  N N 177 
LEU H    H  N N 178 
LEU H2   H  N N 179 
LEU HA   H  N N 180 
LEU HB2  H  N N 181 
LEU HB3  H  N N 182 
LEU HG   H  N N 183 
LEU HD11 H  N N 184 
LEU HD12 H  N N 185 
LEU HD13 H  N N 186 
LEU HD21 H  N N 187 
LEU HD22 H  N N 188 
LEU HD23 H  N N 189 
LEU HXT  H  N N 190 
LYS N    N  N N 191 
LYS CA   C  N S 192 
LYS C    C  N N 193 
LYS O    O  N N 194 
LYS CB   C  N N 195 
LYS CG   C  N N 196 
LYS CD   C  N N 197 
LYS CE   C  N N 198 
LYS NZ   N  N N 199 
LYS OXT  O  N N 200 
LYS H    H  N N 201 
LYS H2   H  N N 202 
LYS HA   H  N N 203 
LYS HB2  H  N N 204 
LYS HB3  H  N N 205 
LYS HG2  H  N N 206 
LYS HG3  H  N N 207 
LYS HD2  H  N N 208 
LYS HD3  H  N N 209 
LYS HE2  H  N N 210 
LYS HE3  H  N N 211 
LYS HZ1  H  N N 212 
LYS HZ2  H  N N 213 
LYS HZ3  H  N N 214 
LYS HXT  H  N N 215 
MSE N    N  N N 216 
MSE CA   C  N S 217 
MSE C    C  N N 218 
MSE O    O  N N 219 
MSE OXT  O  N N 220 
MSE CB   C  N N 221 
MSE CG   C  N N 222 
MSE SE   SE N N 223 
MSE CE   C  N N 224 
MSE H    H  N N 225 
MSE H2   H  N N 226 
MSE HA   H  N N 227 
MSE HXT  H  N N 228 
MSE HB2  H  N N 229 
MSE HB3  H  N N 230 
MSE HG2  H  N N 231 
MSE HG3  H  N N 232 
MSE HE1  H  N N 233 
MSE HE2  H  N N 234 
MSE HE3  H  N N 235 
PHE N    N  N N 236 
PHE CA   C  N S 237 
PHE C    C  N N 238 
PHE O    O  N N 239 
PHE CB   C  N N 240 
PHE CG   C  Y N 241 
PHE CD1  C  Y N 242 
PHE CD2  C  Y N 243 
PHE CE1  C  Y N 244 
PHE CE2  C  Y N 245 
PHE CZ   C  Y N 246 
PHE OXT  O  N N 247 
PHE H    H  N N 248 
PHE H2   H  N N 249 
PHE HA   H  N N 250 
PHE HB2  H  N N 251 
PHE HB3  H  N N 252 
PHE HD1  H  N N 253 
PHE HD2  H  N N 254 
PHE HE1  H  N N 255 
PHE HE2  H  N N 256 
PHE HZ   H  N N 257 
PHE HXT  H  N N 258 
PRO N    N  N N 259 
PRO CA   C  N S 260 
PRO C    C  N N 261 
PRO O    O  N N 262 
PRO CB   C  N N 263 
PRO CG   C  N N 264 
PRO CD   C  N N 265 
PRO OXT  O  N N 266 
PRO H    H  N N 267 
PRO HA   H  N N 268 
PRO HB2  H  N N 269 
PRO HB3  H  N N 270 
PRO HG2  H  N N 271 
PRO HG3  H  N N 272 
PRO HD2  H  N N 273 
PRO HD3  H  N N 274 
PRO HXT  H  N N 275 
SER N    N  N N 276 
SER CA   C  N S 277 
SER C    C  N N 278 
SER O    O  N N 279 
SER CB   C  N N 280 
SER OG   O  N N 281 
SER OXT  O  N N 282 
SER H    H  N N 283 
SER H2   H  N N 284 
SER HA   H  N N 285 
SER HB2  H  N N 286 
SER HB3  H  N N 287 
SER HG   H  N N 288 
SER HXT  H  N N 289 
THR N    N  N N 290 
THR CA   C  N S 291 
THR C    C  N N 292 
THR O    O  N N 293 
THR CB   C  N R 294 
THR OG1  O  N N 295 
THR CG2  C  N N 296 
THR OXT  O  N N 297 
THR H    H  N N 298 
THR H2   H  N N 299 
THR HA   H  N N 300 
THR HB   H  N N 301 
THR HG1  H  N N 302 
THR HG21 H  N N 303 
THR HG22 H  N N 304 
THR HG23 H  N N 305 
THR HXT  H  N N 306 
TRP N    N  N N 307 
TRP CA   C  N S 308 
TRP C    C  N N 309 
TRP O    O  N N 310 
TRP CB   C  N N 311 
TRP CG   C  Y N 312 
TRP CD1  C  Y N 313 
TRP CD2  C  Y N 314 
TRP NE1  N  Y N 315 
TRP CE2  C  Y N 316 
TRP CE3  C  Y N 317 
TRP CZ2  C  Y N 318 
TRP CZ3  C  Y N 319 
TRP CH2  C  Y N 320 
TRP OXT  O  N N 321 
TRP H    H  N N 322 
TRP H2   H  N N 323 
TRP HA   H  N N 324 
TRP HB2  H  N N 325 
TRP HB3  H  N N 326 
TRP HD1  H  N N 327 
TRP HE1  H  N N 328 
TRP HE3  H  N N 329 
TRP HZ2  H  N N 330 
TRP HZ3  H  N N 331 
TRP HH2  H  N N 332 
TRP HXT  H  N N 333 
TYR N    N  N N 334 
TYR CA   C  N S 335 
TYR C    C  N N 336 
TYR O    O  N N 337 
TYR CB   C  N N 338 
TYR CG   C  Y N 339 
TYR CD1  C  Y N 340 
TYR CD2  C  Y N 341 
TYR CE1  C  Y N 342 
TYR CE2  C  Y N 343 
TYR CZ   C  Y N 344 
TYR OH   O  N N 345 
TYR OXT  O  N N 346 
TYR H    H  N N 347 
TYR H2   H  N N 348 
TYR HA   H  N N 349 
TYR HB2  H  N N 350 
TYR HB3  H  N N 351 
TYR HD1  H  N N 352 
TYR HD2  H  N N 353 
TYR HE1  H  N N 354 
TYR HE2  H  N N 355 
TYR HH   H  N N 356 
TYR HXT  H  N N 357 
VAL N    N  N N 358 
VAL CA   C  N S 359 
VAL C    C  N N 360 
VAL O    O  N N 361 
VAL CB   C  N N 362 
VAL CG1  C  N N 363 
VAL CG2  C  N N 364 
VAL OXT  O  N N 365 
VAL H    H  N N 366 
VAL H2   H  N N 367 
VAL HA   H  N N 368 
VAL HB   H  N N 369 
VAL HG11 H  N N 370 
VAL HG12 H  N N 371 
VAL HG13 H  N N 372 
VAL HG21 H  N N 373 
VAL HG22 H  N N 374 
VAL HG23 H  N N 375 
VAL HXT  H  N N 376 
# 
loop_
_chem_comp_bond.comp_id 
_chem_comp_bond.atom_id_1 
_chem_comp_bond.atom_id_2 
_chem_comp_bond.value_order 
_chem_comp_bond.pdbx_aromatic_flag 
_chem_comp_bond.pdbx_stereo_config 
_chem_comp_bond.pdbx_ordinal 
ALA N   CA   sing N N 1   
ALA N   H    sing N N 2   
ALA N   H2   sing N N 3   
ALA CA  C    sing N N 4   
ALA CA  CB   sing N N 5   
ALA CA  HA   sing N N 6   
ALA C   O    doub N N 7   
ALA C   OXT  sing N N 8   
ALA CB  HB1  sing N N 9   
ALA CB  HB2  sing N N 10  
ALA CB  HB3  sing N N 11  
ALA OXT HXT  sing N N 12  
ARG N   CA   sing N N 13  
ARG N   H    sing N N 14  
ARG N   H2   sing N N 15  
ARG CA  C    sing N N 16  
ARG CA  CB   sing N N 17  
ARG CA  HA   sing N N 18  
ARG C   O    doub N N 19  
ARG C   OXT  sing N N 20  
ARG CB  CG   sing N N 21  
ARG CB  HB2  sing N N 22  
ARG CB  HB3  sing N N 23  
ARG CG  CD   sing N N 24  
ARG CG  HG2  sing N N 25  
ARG CG  HG3  sing N N 26  
ARG CD  NE   sing N N 27  
ARG CD  HD2  sing N N 28  
ARG CD  HD3  sing N N 29  
ARG NE  CZ   sing N N 30  
ARG NE  HE   sing N N 31  
ARG CZ  NH1  sing N N 32  
ARG CZ  NH2  doub N N 33  
ARG NH1 HH11 sing N N 34  
ARG NH1 HH12 sing N N 35  
ARG NH2 HH21 sing N N 36  
ARG NH2 HH22 sing N N 37  
ARG OXT HXT  sing N N 38  
ASN N   CA   sing N N 39  
ASN N   H    sing N N 40  
ASN N   H2   sing N N 41  
ASN CA  C    sing N N 42  
ASN CA  CB   sing N N 43  
ASN CA  HA   sing N N 44  
ASN C   O    doub N N 45  
ASN C   OXT  sing N N 46  
ASN CB  CG   sing N N 47  
ASN CB  HB2  sing N N 48  
ASN CB  HB3  sing N N 49  
ASN CG  OD1  doub N N 50  
ASN CG  ND2  sing N N 51  
ASN ND2 HD21 sing N N 52  
ASN ND2 HD22 sing N N 53  
ASN OXT HXT  sing N N 54  
ASP N   CA   sing N N 55  
ASP N   H    sing N N 56  
ASP N   H2   sing N N 57  
ASP CA  C    sing N N 58  
ASP CA  CB   sing N N 59  
ASP CA  HA   sing N N 60  
ASP C   O    doub N N 61  
ASP C   OXT  sing N N 62  
ASP CB  CG   sing N N 63  
ASP CB  HB2  sing N N 64  
ASP CB  HB3  sing N N 65  
ASP CG  OD1  doub N N 66  
ASP CG  OD2  sing N N 67  
ASP OD2 HD2  sing N N 68  
ASP OXT HXT  sing N N 69  
GLN N   CA   sing N N 70  
GLN N   H    sing N N 71  
GLN N   H2   sing N N 72  
GLN CA  C    sing N N 73  
GLN CA  CB   sing N N 74  
GLN CA  HA   sing N N 75  
GLN C   O    doub N N 76  
GLN C   OXT  sing N N 77  
GLN CB  CG   sing N N 78  
GLN CB  HB2  sing N N 79  
GLN CB  HB3  sing N N 80  
GLN CG  CD   sing N N 81  
GLN CG  HG2  sing N N 82  
GLN CG  HG3  sing N N 83  
GLN CD  OE1  doub N N 84  
GLN CD  NE2  sing N N 85  
GLN NE2 HE21 sing N N 86  
GLN NE2 HE22 sing N N 87  
GLN OXT HXT  sing N N 88  
GLU N   CA   sing N N 89  
GLU N   H    sing N N 90  
GLU N   H2   sing N N 91  
GLU CA  C    sing N N 92  
GLU CA  CB   sing N N 93  
GLU CA  HA   sing N N 94  
GLU C   O    doub N N 95  
GLU C   OXT  sing N N 96  
GLU CB  CG   sing N N 97  
GLU CB  HB2  sing N N 98  
GLU CB  HB3  sing N N 99  
GLU CG  CD   sing N N 100 
GLU CG  HG2  sing N N 101 
GLU CG  HG3  sing N N 102 
GLU CD  OE1  doub N N 103 
GLU CD  OE2  sing N N 104 
GLU OE2 HE2  sing N N 105 
GLU OXT HXT  sing N N 106 
GLY N   CA   sing N N 107 
GLY N   H    sing N N 108 
GLY N   H2   sing N N 109 
GLY CA  C    sing N N 110 
GLY CA  HA2  sing N N 111 
GLY CA  HA3  sing N N 112 
GLY C   O    doub N N 113 
GLY C   OXT  sing N N 114 
GLY OXT HXT  sing N N 115 
HIS N   CA   sing N N 116 
HIS N   H    sing N N 117 
HIS N   H2   sing N N 118 
HIS CA  C    sing N N 119 
HIS CA  CB   sing N N 120 
HIS CA  HA   sing N N 121 
HIS C   O    doub N N 122 
HIS C   OXT  sing N N 123 
HIS CB  CG   sing N N 124 
HIS CB  HB2  sing N N 125 
HIS CB  HB3  sing N N 126 
HIS CG  ND1  sing Y N 127 
HIS CG  CD2  doub Y N 128 
HIS ND1 CE1  doub Y N 129 
HIS ND1 HD1  sing N N 130 
HIS CD2 NE2  sing Y N 131 
HIS CD2 HD2  sing N N 132 
HIS CE1 NE2  sing Y N 133 
HIS CE1 HE1  sing N N 134 
HIS NE2 HE2  sing N N 135 
HIS OXT HXT  sing N N 136 
HOH O   H1   sing N N 137 
HOH O   H2   sing N N 138 
ILE N   CA   sing N N 139 
ILE N   H    sing N N 140 
ILE N   H2   sing N N 141 
ILE CA  C    sing N N 142 
ILE CA  CB   sing N N 143 
ILE CA  HA   sing N N 144 
ILE C   O    doub N N 145 
ILE C   OXT  sing N N 146 
ILE CB  CG1  sing N N 147 
ILE CB  CG2  sing N N 148 
ILE CB  HB   sing N N 149 
ILE CG1 CD1  sing N N 150 
ILE CG1 HG12 sing N N 151 
ILE CG1 HG13 sing N N 152 
ILE CG2 HG21 sing N N 153 
ILE CG2 HG22 sing N N 154 
ILE CG2 HG23 sing N N 155 
ILE CD1 HD11 sing N N 156 
ILE CD1 HD12 sing N N 157 
ILE CD1 HD13 sing N N 158 
ILE OXT HXT  sing N N 159 
LEU N   CA   sing N N 160 
LEU N   H    sing N N 161 
LEU N   H2   sing N N 162 
LEU CA  C    sing N N 163 
LEU CA  CB   sing N N 164 
LEU CA  HA   sing N N 165 
LEU C   O    doub N N 166 
LEU C   OXT  sing N N 167 
LEU CB  CG   sing N N 168 
LEU CB  HB2  sing N N 169 
LEU CB  HB3  sing N N 170 
LEU CG  CD1  sing N N 171 
LEU CG  CD2  sing N N 172 
LEU CG  HG   sing N N 173 
LEU CD1 HD11 sing N N 174 
LEU CD1 HD12 sing N N 175 
LEU CD1 HD13 sing N N 176 
LEU CD2 HD21 sing N N 177 
LEU CD2 HD22 sing N N 178 
LEU CD2 HD23 sing N N 179 
LEU OXT HXT  sing N N 180 
LYS N   CA   sing N N 181 
LYS N   H    sing N N 182 
LYS N   H2   sing N N 183 
LYS CA  C    sing N N 184 
LYS CA  CB   sing N N 185 
LYS CA  HA   sing N N 186 
LYS C   O    doub N N 187 
LYS C   OXT  sing N N 188 
LYS CB  CG   sing N N 189 
LYS CB  HB2  sing N N 190 
LYS CB  HB3  sing N N 191 
LYS CG  CD   sing N N 192 
LYS CG  HG2  sing N N 193 
LYS CG  HG3  sing N N 194 
LYS CD  CE   sing N N 195 
LYS CD  HD2  sing N N 196 
LYS CD  HD3  sing N N 197 
LYS CE  NZ   sing N N 198 
LYS CE  HE2  sing N N 199 
LYS CE  HE3  sing N N 200 
LYS NZ  HZ1  sing N N 201 
LYS NZ  HZ2  sing N N 202 
LYS NZ  HZ3  sing N N 203 
LYS OXT HXT  sing N N 204 
MSE N   CA   sing N N 205 
MSE N   H    sing N N 206 
MSE N   H2   sing N N 207 
MSE CA  C    sing N N 208 
MSE CA  CB   sing N N 209 
MSE CA  HA   sing N N 210 
MSE C   O    doub N N 211 
MSE C   OXT  sing N N 212 
MSE OXT HXT  sing N N 213 
MSE CB  CG   sing N N 214 
MSE CB  HB2  sing N N 215 
MSE CB  HB3  sing N N 216 
MSE CG  SE   sing N N 217 
MSE CG  HG2  sing N N 218 
MSE CG  HG3  sing N N 219 
MSE SE  CE   sing N N 220 
MSE CE  HE1  sing N N 221 
MSE CE  HE2  sing N N 222 
MSE CE  HE3  sing N N 223 
PHE N   CA   sing N N 224 
PHE N   H    sing N N 225 
PHE N   H2   sing N N 226 
PHE CA  C    sing N N 227 
PHE CA  CB   sing N N 228 
PHE CA  HA   sing N N 229 
PHE C   O    doub N N 230 
PHE C   OXT  sing N N 231 
PHE CB  CG   sing N N 232 
PHE CB  HB2  sing N N 233 
PHE CB  HB3  sing N N 234 
PHE CG  CD1  doub Y N 235 
PHE CG  CD2  sing Y N 236 
PHE CD1 CE1  sing Y N 237 
PHE CD1 HD1  sing N N 238 
PHE CD2 CE2  doub Y N 239 
PHE CD2 HD2  sing N N 240 
PHE CE1 CZ   doub Y N 241 
PHE CE1 HE1  sing N N 242 
PHE CE2 CZ   sing Y N 243 
PHE CE2 HE2  sing N N 244 
PHE CZ  HZ   sing N N 245 
PHE OXT HXT  sing N N 246 
PRO N   CA   sing N N 247 
PRO N   CD   sing N N 248 
PRO N   H    sing N N 249 
PRO CA  C    sing N N 250 
PRO CA  CB   sing N N 251 
PRO CA  HA   sing N N 252 
PRO C   O    doub N N 253 
PRO C   OXT  sing N N 254 
PRO CB  CG   sing N N 255 
PRO CB  HB2  sing N N 256 
PRO CB  HB3  sing N N 257 
PRO CG  CD   sing N N 258 
PRO CG  HG2  sing N N 259 
PRO CG  HG3  sing N N 260 
PRO CD  HD2  sing N N 261 
PRO CD  HD3  sing N N 262 
PRO OXT HXT  sing N N 263 
SER N   CA   sing N N 264 
SER N   H    sing N N 265 
SER N   H2   sing N N 266 
SER CA  C    sing N N 267 
SER CA  CB   sing N N 268 
SER CA  HA   sing N N 269 
SER C   O    doub N N 270 
SER C   OXT  sing N N 271 
SER CB  OG   sing N N 272 
SER CB  HB2  sing N N 273 
SER CB  HB3  sing N N 274 
SER OG  HG   sing N N 275 
SER OXT HXT  sing N N 276 
THR N   CA   sing N N 277 
THR N   H    sing N N 278 
THR N   H2   sing N N 279 
THR CA  C    sing N N 280 
THR CA  CB   sing N N 281 
THR CA  HA   sing N N 282 
THR C   O    doub N N 283 
THR C   OXT  sing N N 284 
THR CB  OG1  sing N N 285 
THR CB  CG2  sing N N 286 
THR CB  HB   sing N N 287 
THR OG1 HG1  sing N N 288 
THR CG2 HG21 sing N N 289 
THR CG2 HG22 sing N N 290 
THR CG2 HG23 sing N N 291 
THR OXT HXT  sing N N 292 
TRP N   CA   sing N N 293 
TRP N   H    sing N N 294 
TRP N   H2   sing N N 295 
TRP CA  C    sing N N 296 
TRP CA  CB   sing N N 297 
TRP CA  HA   sing N N 298 
TRP C   O    doub N N 299 
TRP C   OXT  sing N N 300 
TRP CB  CG   sing N N 301 
TRP CB  HB2  sing N N 302 
TRP CB  HB3  sing N N 303 
TRP CG  CD1  doub Y N 304 
TRP CG  CD2  sing Y N 305 
TRP CD1 NE1  sing Y N 306 
TRP CD1 HD1  sing N N 307 
TRP CD2 CE2  doub Y N 308 
TRP CD2 CE3  sing Y N 309 
TRP NE1 CE2  sing Y N 310 
TRP NE1 HE1  sing N N 311 
TRP CE2 CZ2  sing Y N 312 
TRP CE3 CZ3  doub Y N 313 
TRP CE3 HE3  sing N N 314 
TRP CZ2 CH2  doub Y N 315 
TRP CZ2 HZ2  sing N N 316 
TRP CZ3 CH2  sing Y N 317 
TRP CZ3 HZ3  sing N N 318 
TRP CH2 HH2  sing N N 319 
TRP OXT HXT  sing N N 320 
TYR N   CA   sing N N 321 
TYR N   H    sing N N 322 
TYR N   H2   sing N N 323 
TYR CA  C    sing N N 324 
TYR CA  CB   sing N N 325 
TYR CA  HA   sing N N 326 
TYR C   O    doub N N 327 
TYR C   OXT  sing N N 328 
TYR CB  CG   sing N N 329 
TYR CB  HB2  sing N N 330 
TYR CB  HB3  sing N N 331 
TYR CG  CD1  doub Y N 332 
TYR CG  CD2  sing Y N 333 
TYR CD1 CE1  sing Y N 334 
TYR CD1 HD1  sing N N 335 
TYR CD2 CE2  doub Y N 336 
TYR CD2 HD2  sing N N 337 
TYR CE1 CZ   doub Y N 338 
TYR CE1 HE1  sing N N 339 
TYR CE2 CZ   sing Y N 340 
TYR CE2 HE2  sing N N 341 
TYR CZ  OH   sing N N 342 
TYR OH  HH   sing N N 343 
TYR OXT HXT  sing N N 344 
VAL N   CA   sing N N 345 
VAL N   H    sing N N 346 
VAL N   H2   sing N N 347 
VAL CA  C    sing N N 348 
VAL CA  CB   sing N N 349 
VAL CA  HA   sing N N 350 
VAL C   O    doub N N 351 
VAL C   OXT  sing N N 352 
VAL CB  CG1  sing N N 353 
VAL CB  CG2  sing N N 354 
VAL CB  HB   sing N N 355 
VAL CG1 HG11 sing N N 356 
VAL CG1 HG12 sing N N 357 
VAL CG1 HG13 sing N N 358 
VAL CG2 HG21 sing N N 359 
VAL CG2 HG22 sing N N 360 
VAL CG2 HG23 sing N N 361 
VAL OXT HXT  sing N N 362 
# 
loop_
_pdbx_audit_support.funding_organization 
_pdbx_audit_support.country 
_pdbx_audit_support.grant_number 
_pdbx_audit_support.ordinal 
'National Natural Science Foundation of China (NSFC)' China 81972604 1 
'National Natural Science Foundation of China (NSFC)' China 32171138 2 
'National Natural Science Foundation of China (NSFC)' China 31870725 3 
'National Natural Science Foundation of China (NSFC)' China 32071204 4 
# 
_space_group.name_H-M_alt     'C 1 2 1' 
_space_group.name_Hall        'C 2y' 
_space_group.IT_number        5 
_space_group.crystal_system   monoclinic 
_space_group.id               1 
# 
_atom_sites.entry_id                    7WA9 
_atom_sites.Cartn_transf_matrix[1][1]   ? 
_atom_sites.Cartn_transf_matrix[1][2]   ? 
_atom_sites.Cartn_transf_matrix[1][3]   ? 
_atom_sites.Cartn_transf_matrix[2][1]   ? 
_atom_sites.Cartn_transf_matrix[2][2]   ? 
_atom_sites.Cartn_transf_matrix[2][3]   ? 
_atom_sites.Cartn_transf_matrix[3][1]   ? 
_atom_sites.Cartn_transf_matrix[3][2]   ? 
_atom_sites.Cartn_transf_matrix[3][3]   ? 
_atom_sites.Cartn_transf_vector[1]      ? 
_atom_sites.Cartn_transf_vector[2]      ? 
_atom_sites.Cartn_transf_vector[3]      ? 
_atom_sites.fract_transf_matrix[1][1]   -0.00248302 
_atom_sites.fract_transf_matrix[1][2]   0.01287291 
_atom_sites.fract_transf_matrix[1][3]   0.00780446 
_atom_sites.fract_transf_matrix[2][1]   0.01786216 
_atom_sites.fract_transf_matrix[2][2]   0.00166707 
_atom_sites.fract_transf_matrix[2][3]   0.00293321 
_atom_sites.fract_transf_matrix[3][1]   0.00051499 
_atom_sites.fract_transf_matrix[3][2]   0.02167177 
_atom_sites.fract_transf_matrix[3][3]   -0.01545316 
_atom_sites.fract_transf_vector[1]      0.245999 
_atom_sites.fract_transf_vector[2]      0.882680 
_atom_sites.fract_transf_vector[3]      0.237690 
_atom_sites.solution_primary            ? 
_atom_sites.solution_secondary          ? 
_atom_sites.solution_hydrogens          ? 
_atom_sites.special_details             ? 
# 
loop_
_atom_type.symbol 
_atom_type.scat_dispersion_real 
_atom_type.scat_dispersion_imag 
_atom_type.scat_Cromer_Mann_a1 
_atom_type.scat_Cromer_Mann_a2 
_atom_type.scat_Cromer_Mann_a3 
_atom_type.scat_Cromer_Mann_a4 
_atom_type.scat_Cromer_Mann_b1 
_atom_type.scat_Cromer_Mann_b2 
_atom_type.scat_Cromer_Mann_b3 
_atom_type.scat_Cromer_Mann_b4 
_atom_type.scat_Cromer_Mann_c 
_atom_type.scat_source 
_atom_type.scat_dispersion_source 
C  ? ? 3.54356  2.42580 ? ? 25.62398 1.50364  ? ? 0.0 
;2-Gaussian fit: Grosse-Kunstleve RW, Sauter NK, Adams PD: Newsletter of the IUCr Commission on Crystallographic Computing 2004, 3, 22-31.
;
? 
N  ? ? 4.01032  2.96436 ? ? 19.97189 1.75589  ? ? 0.0 
;2-Gaussian fit: Grosse-Kunstleve RW, Sauter NK, Adams PD: Newsletter of the IUCr Commission on Crystallographic Computing 2004, 3, 22-31.
;
? 
O  ? ? 4.49882  3.47563 ? ? 15.80542 1.70748  ? ? 0.0 
;2-Gaussian fit: Grosse-Kunstleve RW, Sauter NK, Adams PD: Newsletter of the IUCr Commission on Crystallographic Computing 2004, 3, 22-31.
;
? 
SE ? ? 26.02326 7.89457 ? ? 1.54240  29.12501 ? ? 0.0 
;2-Gaussian fit: Grosse-Kunstleve RW, Sauter NK, Adams PD: Newsletter of the IUCr Commission on Crystallographic Computing 2004, 3, 22-31.
;
? 
# 
loop_
_atom_site.group_PDB 
_atom_site.id 
_atom_site.type_symbol 
_atom_site.label_atom_id 
_atom_site.label_alt_id 
_atom_site.label_comp_id 
_atom_site.label_asym_id 
_atom_site.label_entity_id 
_atom_site.label_seq_id 
_atom_site.pdbx_PDB_ins_code 
_atom_site.Cartn_x 
_atom_site.Cartn_y 
_atom_site.Cartn_z 
_atom_site.occupancy 
_atom_site.B_iso_or_equiv 
_atom_site.pdbx_formal_charge 
_atom_site.auth_seq_id 
_atom_site.auth_comp_id 
_atom_site.auth_asym_id 
_atom_site.auth_atom_id 
_atom_site.pdbx_PDB_model_num 
ATOM   1    N  N   . SER A 1 1   ? -17.71501 6.50685   -4.67976  1.000 17.47000 ? 0   SER A N   1 
ATOM   2    C  CA  . SER A 1 1   ? -17.33992 5.11230   -4.84513  1.000 19.60000 ? 0   SER A CA  1 
ATOM   3    C  C   . SER A 1 1   ? -16.41431 4.93972   -6.03311  1.000 22.87000 ? 0   SER A C   1 
ATOM   4    O  O   . SER A 1 1   ? -16.53153 5.66017   -7.03020  1.000 20.28000 ? 0   SER A O   1 
ATOM   5    C  CB  . SER A 1 1   ? -18.58860 4.23483   -5.00959  1.000 22.99000 ? 0   SER A CB  1 
ATOM   6    O  OG  . SER A 1 1   ? -19.44974 4.36417   -3.89215  1.000 21.64000 ? 0   SER A OG  1 
HETATM 7    N  N   . MSE A 1 2   ? -15.48249 3.99358   -5.91456  1.000 20.61000 ? 1   MSE A N   1 
HETATM 8    C  CA  . MSE A 1 2   ? -14.56161 3.67170   -6.99509  1.000 12.15000 ? 1   MSE A CA  1 
HETATM 9    C  C   . MSE A 1 2   ? -14.40043 2.17019   -7.14185  1.000 15.20000 ? 1   MSE A C   1 
HETATM 10   O  O   . MSE A 1 2   ? -14.62333 1.41335   -6.18474  1.000 15.09000 ? 1   MSE A O   1 
HETATM 11   C  CB  . MSE A 1 2   ? -13.18427 4.30916   -6.76498  1.000 15.27000 ? 1   MSE A CB  1 
HETATM 12   C  CG  . MSE A 1 2   ? -13.16799 5.72798   -6.17698  1.000 19.03000 ? 1   MSE A CG  1 
HETATM 13   SE SE  . MSE A 1 2   ? -11.31436 6.29522   -5.72111  1.000 41.78000 ? 1   MSE A SE  1 
HETATM 14   C  CE  . MSE A 1 2   ? -11.52317 6.61060   -3.79214  1.000 31.25000 ? 1   MSE A CE  1 
ATOM   15   N  N   . ALA A 1 3   ? -14.01180 1.74163   -8.34150  1.000 12.59000 ? 2   ALA A N   1 
ATOM   16   C  CA  . ALA A 1 3   ? -13.64515 0.35131   -8.56323  1.000 11.36000 ? 2   ALA A CA  1 
ATOM   17   C  C   . ALA A 1 3   ? -12.40082 0.01502   -7.74438  1.000 13.75000 ? 2   ALA A C   1 
ATOM   18   O  O   . ALA A 1 3   ? -11.65185 0.89784   -7.34100  1.000 15.62000 ? 2   ALA A O   1 
ATOM   19   C  CB  . ALA A 1 3   ? -13.37731 0.11203   -10.04584 1.000 12.55000 ? 2   ALA A CB  1 
ATOM   20   N  N   . LYS A 1 4   ? -12.16138 -1.27663  -7.52015  1.000 17.04000 ? 3   LYS A N   1 
ATOM   21   C  CA  . LYS A 1 4   ? -11.07126 -1.65168  -6.62643  1.000 16.46000 ? 3   LYS A CA  1 
ATOM   22   C  C   . LYS A 1 4   ? -10.45330 -2.97062  -7.06183  1.000 15.58000 ? 3   LYS A C   1 
ATOM   23   O  O   . LYS A 1 4   ? -11.08081 -3.77816  -7.75183  1.000 15.02000 ? 3   LYS A O   1 
ATOM   24   C  CB  . LYS A 1 4   ? -11.53463 -1.74284  -5.16584  1.000 16.63000 ? 3   LYS A CB  1 
ATOM   25   C  CG  . LYS A 1 4   ? -12.36944 -2.97747  -4.85265  1.000 18.62000 ? 3   LYS A CG  1 
ATOM   26   C  CD  . LYS A 1 4   ? -12.37734 -3.28472  -3.35949  1.000 28.09000 ? 3   LYS A CD  1 
ATOM   27   C  CE  . LYS A 1 4   ? -13.33361 -4.43492  -3.06114  1.000 27.60000 ? 3   LYS A CE  1 
ATOM   28   N  NZ  . LYS A 1 4   ? -14.03556 -4.26945  -1.74992  1.000 40.14000 ? 3   LYS A NZ  1 
ATOM   29   N  N   . LEU A 1 5   ? -9.19410  -3.16545  -6.65568  1.000 14.93000 ? 4   LEU A N   1 
ATOM   30   C  CA  . LEU A 1 5   ? -8.51337  -4.44316  -6.77793  1.000 16.09000 ? 4   LEU A CA  1 
ATOM   31   C  C   . LEU A 1 5   ? -8.10011  -4.91535  -5.38834  1.000 19.28000 ? 4   LEU A C   1 
ATOM   32   O  O   . LEU A 1 5   ? -8.03819  -4.12530  -4.44196  1.000 15.89000 ? 4   LEU A O   1 
ATOM   33   C  CB  . LEU A 1 5   ? -7.30314  -4.34469  -7.70894  1.000 17.00000 ? 4   LEU A CB  1 
ATOM   34   C  CG  . LEU A 1 5   ? -6.23680  -3.29653  -7.41111  1.000 19.63000 ? 4   LEU A CG  1 
ATOM   35   C  CD1 . LEU A 1 5   ? -5.16465  -3.84907  -6.49298  1.000 21.84000 ? 4   LEU A CD1 1 
ATOM   36   C  CD2 . LEU A 1 5   ? -5.61486  -2.82505  -8.70862  1.000 18.67000 ? 4   LEU A CD2 1 
ATOM   37   N  N   . SER A 1 6   ? -7.85263  -6.22324  -5.26585  1.000 16.58000 ? 5   SER A N   1 
ATOM   38   C  CA  . SER A 1 6   ? -7.58542  -6.85577  -3.98025  1.000 18.38000 ? 5   SER A CA  1 
ATOM   39   C  C   . SER A 1 6   ? -6.40430  -7.79578  -4.10665  1.000 18.06000 ? 5   SER A C   1 
ATOM   40   O  O   . SER A 1 6   ? -6.34311  -8.59775  -5.03980  1.000 17.00000 ? 5   SER A O   1 
ATOM   41   C  CB  . SER A 1 6   ? -8.79354  -7.66699  -3.47504  1.000 23.01000 ? 5   SER A CB  1 
ATOM   42   O  OG  . SER A 1 6   ? -9.89143  -6.82599  -3.19185  1.000 29.59000 ? 5   SER A OG  1 
ATOM   43   N  N   . VAL A 1 7   ? -5.48857  -7.73047  -3.13867  1.000 15.50000 ? 6   VAL A N   1 
ATOM   44   C  CA  . VAL A 1 7   ? -4.31205  -8.58629  -3.12992  1.000 13.76000 ? 6   VAL A CA  1 
ATOM   45   C  C   . VAL A 1 7   ? -4.00578  -8.97099  -1.69012  1.000 14.02000 ? 6   VAL A C   1 
ATOM   46   O  O   . VAL A 1 7   ? -4.23332  -8.18728  -0.76228  1.000 14.72000 ? 6   VAL A O   1 
ATOM   47   C  CB  . VAL A 1 7   ? -3.08313  -7.89652  -3.75480  1.000 15.79000 ? 6   VAL A CB  1 
ATOM   48   C  CG1 . VAL A 1 7   ? -3.33799  -7.54719  -5.21493  1.000 19.46000 ? 6   VAL A CG1 1 
ATOM   49   C  CG2 . VAL A 1 7   ? -2.76648  -6.66107  -2.96431  1.000 17.09000 ? 6   VAL A CG2 1 
ATOM   50   N  N   . SER A 1 8   ? -3.48399  -10.18490 -1.51283  1.000 13.40000 ? 7   SER A N   1 
ATOM   51   C  CA  . SER A 1 8   ? -3.23537  -10.71513 -0.17223  1.000 16.08000 ? 7   SER A CA  1 
ATOM   52   C  C   . SER A 1 8   ? -2.10865  -11.73006 -0.21602  1.000 15.18000 ? 7   SER A C   1 
ATOM   53   O  O   . SER A 1 8   ? -1.81591  -12.31924 -1.25478  1.000 17.54000 ? 7   SER A O   1 
ATOM   54   C  CB  . SER A 1 8   ? -4.47083  -11.39192 0.42928   1.000 19.20000 ? 7   SER A CB  1 
ATOM   55   O  OG  . SER A 1 8   ? -4.72072  -12.61538 -0.23536  1.000 20.94000 ? 7   SER A OG  1 
ATOM   56   N  N   . VAL A 1 9   ? -1.49058  -11.94980 0.94180   1.000 15.43000 ? 8   VAL A N   1 
ATOM   57   C  CA  . VAL A 1 9   ? -0.52117  -13.02609 1.10994   1.000 14.94000 ? 8   VAL A CA  1 
ATOM   58   C  C   . VAL A 1 9   ? -0.67802  -13.54166 2.53166   1.000 15.76000 ? 8   VAL A C   1 
ATOM   59   O  O   . VAL A 1 9   ? -1.08422  -12.80158 3.43199   1.000 14.62000 ? 8   VAL A O   1 
ATOM   60   C  CB  . VAL A 1 9   ? 0.92673   -12.53452 0.82597   1.000 18.73000 ? 8   VAL A CB  1 
ATOM   61   C  CG1 . VAL A 1 9   ? 1.33962   -11.45202 1.82380   1.000 14.55000 ? 8   VAL A CG1 1 
ATOM   62   C  CG2 . VAL A 1 9   ? 1.91845   -13.68619 0.83918   1.000 20.63000 ? 8   VAL A CG2 1 
ATOM   63   N  N   . GLU A 1 10  ? -0.38493  -14.82181 2.73247   1.000 15.54000 ? 9   GLU A N   1 
ATOM   64   C  CA  . GLU A 1 10  ? -0.34907  -15.38334 4.07893   1.000 16.21000 ? 9   GLU A CA  1 
ATOM   65   C  C   . GLU A 1 10  ? 1.10873   -15.54789 4.49798   1.000 16.63000 ? 9   GLU A C   1 
ATOM   66   O  O   . GLU A 1 10  ? 1.90680   -16.11479 3.74678   1.000 19.18000 ? 9   GLU A O   1 
ATOM   67   C  CB  . GLU A 1 10  ? -1.09705  -16.71827 4.13720   1.000 18.16000 ? 9   GLU A CB  1 
ATOM   68   C  CG  . GLU A 1 10  ? -1.50419  -17.11077 5.56296   1.000 20.77000 ? 9   GLU A CG  1 
ATOM   69   C  CD  . GLU A 1 10  ? -2.19507  -18.46954 5.64656   1.000 34.80000 ? 9   GLU A CD  1 
ATOM   70   O  OE1 . GLU A 1 10  ? -2.52002  -19.04946 4.58986   1.000 39.39000 ? 9   GLU A OE1 1 
ATOM   71   O  OE2 . GLU A 1 10  ? -2.40750  -18.95766 6.77760   1.000 36.57000 ? 9   GLU A OE2 1 
ATOM   72   N  N   . VAL A 1 11  ? 1.46099   -15.01828 5.67108   1.000 16.33000 ? 10  VAL A N   1 
ATOM   73   C  CA  . VAL A 1 11  ? 2.83305   -15.08066 6.18233   1.000 14.70000 ? 10  VAL A CA  1 
ATOM   74   C  C   . VAL A 1 11  ? 2.88568   -15.93046 7.45413   1.000 18.76000 ? 10  VAL A C   1 
ATOM   75   O  O   . VAL A 1 11  ? 1.96948   -15.86370 8.28556   1.000 15.79000 ? 10  VAL A O   1 
ATOM   76   C  CB  . VAL A 1 11  ? 3.40050   -13.67184 6.44391   1.000 16.97000 ? 10  VAL A CB  1 
ATOM   77   C  CG1 . VAL A 1 11  ? 3.58722   -12.89378 5.13116   1.000 18.96000 ? 10  VAL A CG1 1 
ATOM   78   C  CG2 . VAL A 1 11  ? 2.49126   -12.88773 7.38921   1.000 15.70000 ? 10  VAL A CG2 1 
ATOM   79   N  N   . PRO A 1 12  ? 3.94010   -16.72301 7.65606   1.000 19.26000 ? 11  PRO A N   1 
ATOM   80   C  CA  . PRO A 1 12  ? 4.08730   -17.52278 8.88748   1.000 20.21000 ? 11  PRO A CA  1 
ATOM   81   C  C   . PRO A 1 12  ? 4.54883   -16.67107 10.06113  1.000 20.43000 ? 11  PRO A C   1 
ATOM   82   O  O   . PRO A 1 12  ? 5.59763   -16.90060 10.65280  1.000 23.33000 ? 11  PRO A O   1 
ATOM   83   C  CB  . PRO A 1 12  ? 5.13323   -18.57273 8.48180   1.000 22.41000 ? 11  PRO A CB  1 
ATOM   84   C  CG  . PRO A 1 12  ? 5.65066   -18.18137 7.12874   1.000 23.11000 ? 11  PRO A CG  1 
ATOM   85   C  CD  . PRO A 1 12  ? 5.08672   -16.86869 6.74919   1.000 20.39000 ? 11  PRO A CD  1 
ATOM   86   N  N   . LEU A 1 13  ? 3.76315   -15.64838 10.37869  1.000 18.48000 ? 12  LEU A N   1 
ATOM   87   C  CA  . LEU A 1 13  ? 4.09648   -14.68266 11.39442  1.000 17.11000 ? 12  LEU A CA  1 
ATOM   88   C  C   . LEU A 1 13  ? 2.81735   -14.38720 12.15549  1.000 18.49000 ? 12  LEU A C   1 
ATOM   89   O  O   . LEU A 1 13  ? 1.75064   -14.29285 11.53903  1.000 19.50000 ? 12  LEU A O   1 
ATOM   90   C  CB  . LEU A 1 13  ? 4.64069   -13.37798 10.79078  1.000 16.59000 ? 12  LEU A CB  1 
ATOM   91   C  CG  . LEU A 1 13  ? 6.01845   -13.38002 10.13612  1.000 17.71000 ? 12  LEU A CG  1 
ATOM   92   C  CD1 . LEU A 1 13  ? 6.29408   -11.97915 9.55161   1.000 20.85000 ? 12  LEU A CD1 1 
ATOM   93   C  CD2 . LEU A 1 13  ? 7.06553   -13.75938 11.13951  1.000 18.87000 ? 12  LEU A CD2 1 
ATOM   94   N  N   . PRO A 1 14  ? 2.89209   -14.20994 13.47123  1.000 18.32000 ? 13  PRO A N   1 
ATOM   95   C  CA  . PRO A 1 14  ? 1.74480   -13.69749 14.21713  1.000 19.86000 ? 13  PRO A CA  1 
ATOM   96   C  C   . PRO A 1 14  ? 1.43885   -12.27382 13.78994  1.000 17.27000 ? 13  PRO A C   1 
ATOM   97   O  O   . PRO A 1 14  ? 2.33674   -11.56939 13.30725  1.000 17.12000 ? 13  PRO A O   1 
ATOM   98   C  CB  . PRO A 1 14  ? 2.22651   -13.75620 15.67376  1.000 17.39000 ? 13  PRO A CB  1 
ATOM   99   C  CG  . PRO A 1 14  ? 3.69537   -13.65183 15.58139  1.000 19.88000 ? 13  PRO A CG  1 
ATOM   100  C  CD  . PRO A 1 14  ? 4.09272   -14.34274 14.31041  1.000 21.35000 ? 13  PRO A CD  1 
ATOM   101  N  N   . PRO A 1 15  ? 0.19794   -11.80643 13.96647  1.000 18.17000 ? 14  PRO A N   1 
ATOM   102  C  CA  . PRO A 1 15  ? -0.16380  -10.48160 13.43326  1.000 16.18000 ? 14  PRO A CA  1 
ATOM   103  C  C   . PRO A 1 15  ? 0.64395   -9.33692  13.99911  1.000 20.14000 ? 14  PRO A C   1 
ATOM   104  O  O   . PRO A 1 15  ? 0.87302   -8.35812  13.28112  1.000 21.82000 ? 14  PRO A O   1 
ATOM   105  C  CB  . PRO A 1 15  ? -1.64508  -10.34154 13.80945  1.000 21.14000 ? 14  PRO A CB  1 
ATOM   106  C  CG  . PRO A 1 15  ? -2.11942  -11.73111 13.95525  1.000 24.35000 ? 14  PRO A CG  1 
ATOM   107  C  CD  . PRO A 1 15  ? -0.96740  -12.48023 14.56074  1.000 20.60000 ? 14  PRO A CD  1 
ATOM   108  N  N   . GLU A 1 16  ? 1.06293   -9.39964  15.26370  1.000 17.79000 ? 15  GLU A N   1 
ATOM   109  C  CA  . GLU A 1 16  ? 1.81713   -8.28130  15.82356  1.000 21.20000 ? 15  GLU A CA  1 
ATOM   110  C  C   . GLU A 1 16  ? 3.15485   -8.11495  15.11256  1.000 18.76000 ? 15  GLU A C   1 
ATOM   111  O  O   . GLU A 1 16  ? 3.58482   -6.98685  14.85872  1.000 20.31000 ? 15  GLU A O   1 
ATOM   112  C  CB  . GLU A 1 16  ? 2.02062   -8.46957  17.32523  1.000 19.78000 ? 15  GLU A CB  1 
ATOM   113  C  CG  . GLU A 1 16  ? 2.81482   -9.70760  17.67932  1.000 23.77000 ? 15  GLU A CG  1 
ATOM   114  C  CD  . GLU A 1 16  ? 1.93199   -10.89348 18.04034  1.000 21.35000 ? 15  GLU A CD  1 
ATOM   115  O  OE1 . GLU A 1 16  ? 0.75494   -10.91051 17.61372  1.000 22.79000 ? 15  GLU A OE1 1 
ATOM   116  O  OE2 . GLU A 1 16  ? 2.42083   -11.81465 18.74765  1.000 27.44000 ? 15  GLU A OE2 1 
ATOM   117  N  N   . GLN A 1 17  ? 3.80750   -9.22892  14.75215  1.000 16.70000 ? 16  GLN A N   1 
ATOM   118  C  CA  . GLN A 1 17  ? 5.01487   -9.17088  13.92971  1.000 21.20000 ? 16  GLN A CA  1 
ATOM   119  C  C   . GLN A 1 17  ? 4.70502   -8.73505  12.50120  1.000 16.11000 ? 16  GLN A C   1 
ATOM   120  O  O   . GLN A 1 17  ? 5.45047   -7.94339  11.91181  1.000 19.46000 ? 16  GLN A O   1 
ATOM   121  C  CB  . GLN A 1 17  ? 5.69802   -10.53499 13.89139  1.000 18.83000 ? 16  GLN A CB  1 
ATOM   122  C  CG  . GLN A 1 17  ? 6.49317   -10.90006 15.11317  1.000 29.98000 ? 16  GLN A CG  1 
ATOM   123  C  CD  . GLN A 1 17  ? 7.34792   -12.13399 14.86690  1.000 28.30000 ? 16  GLN A CD  1 
ATOM   124  O  OE1 . GLN A 1 17  ? 8.08270   -12.20202 13.88291  1.000 29.68000 ? 16  GLN A OE1 1 
ATOM   125  N  NE2 . GLN A 1 17  ? 7.24091   -13.11594 15.74820  1.000 33.71000 ? 16  GLN A NE2 1 
ATOM   126  N  N   . ALA A 1 18  ? 3.65187   -9.29012  11.90473  1.000 15.61000 ? 17  ALA A N   1 
ATOM   127  C  CA  . ALA A 1 18  ? 3.30767   -8.88526  10.54190  1.000 16.96000 ? 17  ALA A CA  1 
ATOM   128  C  C   . ALA A 1 18  ? 2.96231   -7.40634  10.49063  1.000 15.26000 ? 17  ALA A C   1 
ATOM   129  O  O   . ALA A 1 18  ? 3.25510   -6.72810  9.49967   1.000 16.44000 ? 17  ALA A O   1 
ATOM   130  C  CB  . ALA A 1 18  ? 2.14755   -9.72537  10.00898  1.000 14.31000 ? 17  ALA A CB  1 
ATOM   131  N  N   . TRP A 1 19  ? 2.34891   -6.89080  11.55325  1.000 14.22000 ? 18  TRP A N   1 
ATOM   132  C  CA  . TRP A 1 19  ? 2.06862   -5.46561  11.63208  1.000 16.99000 ? 18  TRP A CA  1 
ATOM   133  C  C   . TRP A 1 19  ? 3.35511   -4.65668  11.72924  1.000 20.25000 ? 18  TRP A C   1 
ATOM   134  O  O   . TRP A 1 19  ? 3.51192   -3.63523  11.04281  1.000 16.71000 ? 18  TRP A O   1 
ATOM   135  C  CB  . TRP A 1 19  ? 1.15926   -5.17293  12.82020  1.000 16.44000 ? 18  TRP A CB  1 
ATOM   136  C  CG  . TRP A 1 19  ? 0.87592   -3.74161  12.92649  1.000 19.98000 ? 18  TRP A CG  1 
ATOM   137  C  CD1 . TRP A 1 19  ? 1.56258   -2.81277  13.66453  1.000 25.44000 ? 18  TRP A CD1 1 
ATOM   138  C  CD2 . TRP A 1 19  ? -0.15222  -3.02967  12.23854  1.000 21.10000 ? 18  TRP A CD2 1 
ATOM   139  N  NE1 . TRP A 1 19  ? 1.00537   -1.56931  13.48789  1.000 27.65000 ? 18  TRP A NE1 1 
ATOM   140  C  CE2 . TRP A 1 19  ? -0.04601  -1.67548  12.61313  1.000 24.67000 ? 18  TRP A CE2 1 
ATOM   141  C  CE3 . TRP A 1 19  ? -1.15986  -3.40675  11.35054  1.000 21.42000 ? 18  TRP A CE3 1 
ATOM   142  C  CZ2 . TRP A 1 19  ? -0.91567  -0.70434  12.13892  1.000 21.35000 ? 18  TRP A CZ2 1 
ATOM   143  C  CZ3 . TRP A 1 19  ? -2.02950  -2.43479  10.87575  1.000 25.08000 ? 18  TRP A CZ3 1 
ATOM   144  C  CH2 . TRP A 1 19  ? -1.89672  -1.10183  11.26798  1.000 24.51000 ? 18  TRP A CH2 1 
ATOM   145  N  N   . GLU A 1 20  ? 4.29320   -5.09643  12.57540  1.000 16.88000 ? 19  GLU A N   1 
ATOM   146  C  CA  . GLU A 1 20  ? 5.53429   -4.34638  12.74698  1.000 19.67000 ? 19  GLU A CA  1 
ATOM   147  C  C   . GLU A 1 20  ? 6.25875   -4.18469  11.41638  1.000 21.07000 ? 19  GLU A C   1 
ATOM   148  O  O   . GLU A 1 20  ? 6.68307   -3.08090  11.05591  1.000 24.28000 ? 19  GLU A O   1 
ATOM   149  C  CB  . GLU A 1 20  ? 6.44209   -5.02834  13.77271  1.000 22.04000 ? 19  GLU A CB  1 
ATOM   150  C  CG  . GLU A 1 20  ? 7.44390   -4.05850  14.41510  1.000 36.87000 ? 19  GLU A CG  1 
ATOM   151  C  CD  . GLU A 1 20  ? 8.71138   -4.73074  14.93068  1.000 43.43000 ? 19  GLU A CD  1 
ATOM   152  O  OE1 . GLU A 1 20  ? 8.68178   -5.95469  15.18060  1.000 51.17000 ? 19  GLU A OE1 1 
ATOM   153  O  OE2 . GLU A 1 20  ? 9.73556   -4.03128  15.09470  1.000 42.64000 ? 19  GLU A OE2 1 
ATOM   154  N  N   . TYR A 1 21  ? 6.38139   -5.27547  10.65736  1.000 16.99000 ? 20  TYR A N   1 
ATOM   155  C  CA  . TYR A 1 21  ? 7.05609   -5.21273  9.36380   1.000 17.03000 ? 20  TYR A CA  1 
ATOM   156  C  C   . TYR A 1 21  ? 6.25264   -4.41831  8.33903   1.000 20.94000 ? 20  TYR A C   1 
ATOM   157  O  O   . TYR A 1 21  ? 6.83019   -3.66765  7.54355   1.000 21.93000 ? 20  TYR A O   1 
ATOM   158  C  CB  . TYR A 1 21  ? 7.32833   -6.62774  8.85106   1.000 18.42000 ? 20  TYR A CB  1 
ATOM   159  C  CG  . TYR A 1 21  ? 8.14488   -7.46442  9.80148   1.000 20.26000 ? 20  TYR A CG  1 
ATOM   160  C  CD1 . TYR A 1 21  ? 9.17958   -6.89977  10.52964  1.000 24.74000 ? 20  TYR A CD1 1 
ATOM   161  C  CD2 . TYR A 1 21  ? 7.88910   -8.81706  9.96502   1.000 20.69000 ? 20  TYR A CD2 1 
ATOM   162  C  CE1 . TYR A 1 21  ? 9.93484   -7.65128  11.39591  1.000 27.71000 ? 20  TYR A CE1 1 
ATOM   163  C  CE2 . TYR A 1 21  ? 8.64060   -9.57874  10.82896  1.000 23.63000 ? 20  TYR A CE2 1 
ATOM   164  C  CZ  . TYR A 1 21  ? 9.66643   -8.99122  11.54239  1.000 26.81000 ? 20  TYR A CZ  1 
ATOM   165  O  OH  . TYR A 1 21  ? 10.42081  -9.74613  12.41592  1.000 39.63000 ? 20  TYR A OH  1 
ATOM   166  N  N   . ALA A 1 22  ? 4.92609   -4.58834  8.31478   1.000 17.97000 ? 21  ALA A N   1 
ATOM   167  C  CA  . ALA A 1 22  ? 4.12570   -3.90972  7.30000   1.000 19.47000 ? 21  ALA A CA  1 
ATOM   168  C  C   . ALA A 1 22  ? 4.09467   -2.39910  7.51040   1.000 23.05000 ? 21  ALA A C   1 
ATOM   169  O  O   . ALA A 1 22  ? 3.99264   -1.64754  6.53330   1.000 23.18000 ? 21  ALA A O   1 
ATOM   170  C  CB  . ALA A 1 22  ? 2.70582   -4.47812  7.27730   1.000 19.72000 ? 21  ALA A CB  1 
ATOM   171  N  N   . SER A 1 23  ? 4.16639   -1.92595  8.75691   1.000 19.35000 ? 22  SER A N   1 
ATOM   172  C  CA  . SER A 1 23  ? 4.20191   -0.48849  9.00645   1.000 25.13000 ? 22  SER A CA  1 
ATOM   173  C  C   . SER A 1 23  ? 5.61937   0.06713   9.13174   1.000 24.34000 ? 22  SER A C   1 
ATOM   174  O  O   . SER A 1 23  ? 5.78530   1.23306   9.49755   1.000 28.56000 ? 22  SER A O   1 
ATOM   175  C  CB  . SER A 1 23  ? 3.38370   -0.14233  10.25367  1.000 23.37000 ? 22  SER A CB  1 
ATOM   176  O  OG  . SER A 1 23  ? 3.79060   -0.89881  11.37872  1.000 25.89000 ? 22  SER A OG  1 
ATOM   177  N  N   . ASP A 1 24  ? 6.64545   -0.72401  8.82995   1.000 21.76000 ? 23  ASP A N   1 
ATOM   178  C  CA  . ASP A 1 24  ? 8.01610   -0.21411  8.87578   1.000 23.41000 ? 23  ASP A CA  1 
ATOM   179  C  C   . ASP A 1 24  ? 8.34053   0.44980   7.54535   1.000 21.45000 ? 23  ASP A C   1 
ATOM   180  O  O   . ASP A 1 24  ? 8.93217   -0.15756  6.64266   1.000 16.03000 ? 23  ASP A O   1 
ATOM   181  C  CB  . ASP A 1 24  ? 9.02590   -1.30811  9.17374   1.000 21.77000 ? 23  ASP A CB  1 
ATOM   182  C  CG  . ASP A 1 24  ? 10.41163  -0.73869  9.45342   1.000 26.36000 ? 23  ASP A CG  1 
ATOM   183  O  OD1 . ASP A 1 24  ? 10.58622  0.49472   9.31292   1.000 30.68000 ? 23  ASP A OD1 1 
ATOM   184  O  OD2 . ASP A 1 24  ? 11.32463  -1.50125  9.81158   1.000 28.27000 ? 23  ASP A OD2 1 
ATOM   185  N  N   . LEU A 1 25  ? 7.99536   1.73483   7.46681   1.000 23.13000 ? 24  LEU A N   1 
ATOM   186  C  CA  . LEU A 1 25  ? 8.13600   2.49353   6.22874   1.000 19.98000 ? 24  LEU A CA  1 
ATOM   187  C  C   . LEU A 1 25  ? 9.59277   2.63768   5.80930   1.000 20.51000 ? 24  LEU A C   1 
ATOM   188  O  O   . LEU A 1 25  ? 9.87800   2.75638   4.61223   1.000 19.30000 ? 24  LEU A O   1 
ATOM   189  C  CB  . LEU A 1 25  ? 7.46835   3.85886   6.39505   1.000 23.42000 ? 24  LEU A CB  1 
ATOM   190  C  CG  . LEU A 1 25  ? 5.97740   3.93067   6.01366   1.000 26.80000 ? 24  LEU A CG  1 
ATOM   191  C  CD1 . LEU A 1 25  ? 5.05168   3.24040   7.02350   1.000 27.53000 ? 24  LEU A CD1 1 
ATOM   192  C  CD2 . LEU A 1 25  ? 5.54137   5.35468   5.83930   1.000 26.04000 ? 24  LEU A CD2 1 
ATOM   193  N  N   . SER A 1 26  ? 10.52911  2.58928   6.75976   1.000 21.37000 ? 25  SER A N   1 
ATOM   194  C  CA  . SER A 1 26  ? 11.94626  2.74103   6.44097   1.000 20.94000 ? 25  SER A CA  1 
ATOM   195  C  C   . SER A 1 26  ? 12.50741  1.54933   5.68423   1.000 22.79000 ? 25  SER A C   1 
ATOM   196  O  O   . SER A 1 26  ? 13.67991  1.58064   5.28139   1.000 16.93000 ? 25  SER A O   1 
ATOM   197  C  CB  . SER A 1 26  ? 12.76016  2.95094   7.72377   1.000 24.99000 ? 25  SER A CB  1 
ATOM   198  O  OG  . SER A 1 26  ? 12.89195  1.73328   8.43751   1.000 24.96000 ? 25  SER A OG  1 
ATOM   199  N  N   . ARG A 1 27  ? 11.72028  0.48773   5.50950   1.000 21.08000 ? 26  ARG A N   1 
ATOM   200  C  CA  . ARG A 1 27  ? 12.18029  -0.68868  4.78980   1.000 16.32000 ? 26  ARG A CA  1 
ATOM   201  C  C   . ARG A 1 27  ? 11.30602  -1.00391  3.58124   1.000 16.15000 ? 26  ARG A C   1 
ATOM   202  O  O   . ARG A 1 27  ? 11.54762  -2.00672  2.90305   1.000 17.99000 ? 26  ARG A O   1 
ATOM   203  C  CB  . ARG A 1 27  ? 12.26769  -1.89114  5.74045   1.000 20.94000 ? 26  ARG A CB  1 
ATOM   204  C  CG  . ARG A 1 27  ? 13.46038  -1.77628  6.68551   1.000 24.63000 ? 26  ARG A CG  1 
ATOM   205  C  CD  . ARG A 1 27  ? 13.51580  -2.93491  7.64488   1.000 31.32000 ? 26  ARG A CD  1 
ATOM   206  N  NE  . ARG A 1 27  ? 14.22710  -4.05035  7.03972   1.000 32.45000 ? 26  ARG A NE  1 
ATOM   207  C  CZ  . ARG A 1 27  ? 14.44029  -5.21634  7.63743   1.000 32.64000 ? 26  ARG A CZ  1 
ATOM   208  N  NH1 . ARG A 1 27  ? 14.00666  -5.43203  8.87613   1.000 31.10000 ? 26  ARG A NH1 1 
ATOM   209  N  NH2 . ARG A 1 27  ? 15.09039  -6.16965  6.99058   1.000 31.79000 ? 26  ARG A NH2 1 
ATOM   210  N  N   . TYR A 1 28  ? 10.31901  -0.16179  3.27534   1.000 18.45000 ? 27  TYR A N   1 
ATOM   211  C  CA  . TYR A 1 28  ? 9.51798   -0.37766  2.07247   1.000 17.84000 ? 27  TYR A CA  1 
ATOM   212  C  C   . TYR A 1 28  ? 10.37584  -0.53190  0.82181   1.000 17.68000 ? 27  TYR A C   1 
ATOM   213  O  O   . TYR A 1 28  ? 10.02334  -1.29545  -0.08676  1.000 20.32000 ? 27  TYR A O   1 
ATOM   214  C  CB  . TYR A 1 28  ? 8.54681   0.77540   1.87757   1.000 18.64000 ? 27  TYR A CB  1 
ATOM   215  C  CG  . TYR A 1 28  ? 7.29203   0.63947   2.67360   1.000 15.55000 ? 27  TYR A CG  1 
ATOM   216  C  CD1 . TYR A 1 28  ? 7.18362   -0.30725  3.69214   1.000 19.88000 ? 27  TYR A CD1 1 
ATOM   217  C  CD2 . TYR A 1 28  ? 6.20801   1.44610   2.41462   1.000 21.36000 ? 27  TYR A CD2 1 
ATOM   218  C  CE1 . TYR A 1 28  ? 6.02731   -0.42225  4.41572   1.000 19.69000 ? 27  TYR A CE1 1 
ATOM   219  C  CE2 . TYR A 1 28  ? 5.04177   1.33400   3.13506   1.000 20.75000 ? 27  TYR A CE2 1 
ATOM   220  C  CZ  . TYR A 1 28  ? 4.96359   0.40414   4.13345   1.000 21.22000 ? 27  TYR A CZ  1 
ATOM   221  O  OH  . TYR A 1 28  ? 3.80113   0.30148   4.83796   1.000 20.76000 ? 27  TYR A OH  1 
ATOM   222  N  N   . HIS A 1 29  ? 11.50844  0.16483   0.75477   1.000 16.96000 ? 28  HIS A N   1 
ATOM   223  C  CA  . HIS A 1 29  ? 12.35792  0.05338   -0.42582  1.000 15.24000 ? 28  HIS A CA  1 
ATOM   224  C  C   . HIS A 1 29  ? 12.97505  -1.33269  -0.57639  1.000 18.31000 ? 28  HIS A C   1 
ATOM   225  O  O   . HIS A 1 29  ? 13.52015  -1.64098  -1.63833  1.000 15.30000 ? 28  HIS A O   1 
ATOM   226  C  CB  . HIS A 1 29  ? 13.45320  1.12181   -0.37767  1.000 16.48000 ? 28  HIS A CB  1 
ATOM   227  C  CG  . HIS A 1 29  ? 14.45625  0.90197   0.71015   1.000 18.00000 ? 28  HIS A CG  1 
ATOM   228  N  ND1 . HIS A 1 29  ? 14.24185  1.30456   2.01010   1.000 17.05000 ? 28  HIS A ND1 1 
ATOM   229  C  CD2 . HIS A 1 29  ? 15.66870  0.29806   0.69781   1.000 19.82000 ? 28  HIS A CD2 1 
ATOM   230  C  CE1 . HIS A 1 29  ? 15.28368  0.96834   2.74823   1.000 21.06000 ? 28  HIS A CE1 1 
ATOM   231  N  NE2 . HIS A 1 29  ? 16.16278  0.35687   1.97512   1.000 21.65000 ? 28  HIS A NE2 1 
ATOM   232  N  N   . GLU A 1 30  ? 12.88471  -2.20063  0.43608   1.000 14.64000 ? 29  GLU A N   1 
ATOM   233  C  CA  . GLU A 1 30  ? 13.39811  -3.54373  0.25446   1.000 14.93000 ? 29  GLU A CA  1 
ATOM   234  C  C   . GLU A 1 30  ? 12.37694  -4.51494  -0.32503  1.000 17.05000 ? 29  GLU A C   1 
ATOM   235  O  O   . GLU A 1 30  ? 12.76988  -5.60707  -0.74617  1.000 20.18000 ? 29  GLU A O   1 
ATOM   236  C  CB  . GLU A 1 30  ? 13.92802  -4.09342  1.57887   1.000 18.36000 ? 29  GLU A CB  1 
ATOM   237  C  CG  . GLU A 1 30  ? 15.03723  -3.23509  2.18214   1.000 19.01000 ? 29  GLU A CG  1 
ATOM   238  C  CD  . GLU A 1 30  ? 15.41459  -3.68884  3.58777   1.000 25.48000 ? 29  GLU A CD  1 
ATOM   239  O  OE1 . GLU A 1 30  ? 15.40526  -4.91023  3.83679   1.000 29.54000 ? 29  GLU A OE1 1 
ATOM   240  O  OE2 . GLU A 1 30  ? 15.68651  -2.82234  4.44509   1.000 30.96000 ? 29  GLU A OE2 1 
ATOM   241  N  N   . TRP A 1 31  ? 11.08837  -4.16011  -0.37684  1.000 14.28000 ? 30  TRP A N   1 
ATOM   242  C  CA  . TRP A 1 31  ? 10.09985  -5.09807  -0.91378  1.000 11.24000 ? 30  TRP A CA  1 
ATOM   243  C  C   . TRP A 1 31  ? 9.01466   -4.47755  -1.79731  1.000 14.08000 ? 30  TRP A C   1 
ATOM   244  O  O   . TRP A 1 31  ? 8.40972   -5.21379  -2.58468  1.000 13.09000 ? 30  TRP A O   1 
ATOM   245  C  CB  . TRP A 1 31  ? 9.42682   -5.87226  0.23486   1.000 13.50000 ? 30  TRP A CB  1 
ATOM   246  C  CG  . TRP A 1 31  ? 8.64401   -5.02061  1.20847   1.000 12.90000 ? 30  TRP A CG  1 
ATOM   247  C  CD1 . TRP A 1 31  ? 9.11134   -4.44423  2.35453   1.000 13.38000 ? 30  TRP A CD1 1 
ATOM   248  C  CD2 . TRP A 1 31  ? 7.25821   -4.65735  1.11183   1.000 13.90000 ? 30  TRP A CD2 1 
ATOM   249  N  NE1 . TRP A 1 31  ? 8.10450   -3.74167  2.97376   1.000 15.11000 ? 30  TRP A NE1 1 
ATOM   250  C  CE2 . TRP A 1 31  ? 6.95631   -3.85984  2.23056   1.000 15.20000 ? 30  TRP A CE2 1 
ATOM   251  C  CE3 . TRP A 1 31  ? 6.24158   -4.94791  0.19843   1.000 14.77000 ? 30  TRP A CE3 1 
ATOM   252  C  CZ2 . TRP A 1 31  ? 5.68525   -3.34262  2.45702   1.000 16.00000 ? 30  TRP A CZ2 1 
ATOM   253  C  CZ3 . TRP A 1 31  ? 4.97123   -4.42590  0.41785   1.000 15.26000 ? 30  TRP A CZ3 1 
ATOM   254  C  CH2 . TRP A 1 31  ? 4.70871   -3.62198  1.53482   1.000 17.02000 ? 30  TRP A CH2 1 
ATOM   255  N  N   . LEU A 1 32  ? 8.73247   -3.17844  -1.69724  1.000 10.51000 ? 31  LEU A N   1 
ATOM   256  C  CA  . LEU A 1 32  ? 7.65390   -2.52335  -2.44247  1.000 11.80000 ? 31  LEU A CA  1 
ATOM   257  C  C   . LEU A 1 32  ? 8.20565   -2.04380  -3.77579  1.000 12.24000 ? 31  LEU A C   1 
ATOM   258  O  O   . LEU A 1 32  ? 8.88906   -1.02363  -3.83833  1.000 11.78000 ? 31  LEU A O   1 
ATOM   259  C  CB  . LEU A 1 32  ? 7.09004   -1.36151  -1.63985  1.000 13.97000 ? 31  LEU A CB  1 
ATOM   260  C  CG  . LEU A 1 32  ? 5.95986   -0.56155  -2.29562  1.000 13.49000 ? 31  LEU A CG  1 
ATOM   261  C  CD1 . LEU A 1 32  ? 4.82575   -1.46768  -2.73248  1.000 21.58000 ? 31  LEU A CD1 1 
ATOM   262  C  CD2 . LEU A 1 32  ? 5.45981   0.48596   -1.30839  1.000 16.07000 ? 31  LEU A CD2 1 
ATOM   263  N  N   . SER A 1 33  ? 7.88929   -2.76647  -4.85323  1.000 13.34000 ? 32  SER A N   1 
ATOM   264  C  CA  . SER A 1 33  ? 8.60507   -2.55790  -6.10802  1.000 15.00000 ? 32  SER A CA  1 
ATOM   265  C  C   . SER A 1 33  ? 8.29096   -1.21680  -6.75465  1.000 15.28000 ? 32  SER A C   1 
ATOM   266  O  O   . SER A 1 33  ? 9.08543   -0.74029  -7.58111  1.000 17.95000 ? 32  SER A O   1 
ATOM   267  C  CB  . SER A 1 33  ? 8.28432   -3.68526  -7.08988  1.000 20.14000 ? 32  SER A CB  1 
ATOM   268  O  OG  . SER A 1 33  ? 6.97813   -3.53048  -7.62096  1.000 21.29000 ? 32  SER A OG  1 
ATOM   269  N  N   . ILE A 1 34  ? 7.14605   -0.60511  -6.43283  1.000 14.94000 ? 33  ILE A N   1 
ATOM   270  C  CA  . ILE A 1 34  ? 6.78433   0.64102   -7.10743  1.000 13.89000 ? 33  ILE A CA  1 
ATOM   271  C  C   . ILE A 1 34  ? 7.34812   1.87613   -6.42117  1.000 12.35000 ? 33  ILE A C   1 
ATOM   272  O  O   . ILE A 1 34  ? 7.21476   2.98518   -6.95824  1.000 13.41000 ? 33  ILE A O   1 
ATOM   273  C  CB  . ILE A 1 34  ? 5.25311   0.77361   -7.22231  1.000 16.75000 ? 33  ILE A CB  1 
ATOM   274  C  CG1 . ILE A 1 34  ? 4.61583   0.92348   -5.84985  1.000 15.49000 ? 33  ILE A CG1 1 
ATOM   275  C  CG2 . ILE A 1 34  ? 4.65460   -0.43660  -7.92823  1.000 17.66000 ? 33  ILE A CG2 1 
ATOM   276  C  CD1 . ILE A 1 34  ? 3.14870   1.39448   -5.94625  1.000 22.56000 ? 33  ILE A CD1 1 
ATOM   277  N  N   . HIS A 1 35  ? 7.94300   1.73442   -5.24083  1.000 11.07000 ? 34  HIS A N   1 
ATOM   278  C  CA  . HIS A 1 35  ? 8.45495   2.89189   -4.51702  1.000 10.92000 ? 34  HIS A CA  1 
ATOM   279  C  C   . HIS A 1 35  ? 9.69451   3.43851   -5.21825  1.000 12.59000 ? 34  HIS A C   1 
ATOM   280  O  O   . HIS A 1 35  ? 10.55457  2.67721   -5.66634  1.000 14.00000 ? 34  HIS A O   1 
ATOM   281  C  CB  . HIS A 1 35  ? 8.78273   2.50484   -3.06429  1.000 12.14000 ? 34  HIS A CB  1 
ATOM   282  C  CG  . HIS A 1 35  ? 9.28767   3.64629   -2.23914  1.000 13.85000 ? 34  HIS A CG  1 
ATOM   283  N  ND1 . HIS A 1 35  ? 8.47589   4.68419   -1.82704  1.000 13.94000 ? 34  HIS A ND1 1 
ATOM   284  C  CD2 . HIS A 1 35  ? 10.52837  3.93110   -1.77596  1.000 14.15000 ? 34  HIS A CD2 1 
ATOM   285  C  CE1 . HIS A 1 35  ? 9.19283   5.55228   -1.13356  1.000 13.63000 ? 34  HIS A CE1 1 
ATOM   286  N  NE2 . HIS A 1 35  ? 10.44205  5.12208   -1.09057  1.000 13.63000 ? 34  HIS A NE2 1 
ATOM   287  N  N   . ARG A 1 36  ? 9.78722   4.76685   -5.32311  1.000 10.06000 ? 35  ARG A N   1 
ATOM   288  C  CA  . ARG A 1 36  ? 10.92927  5.37673   -5.98711  1.000 9.90000  ? 35  ARG A CA  1 
ATOM   289  C  C   . ARG A 1 36  ? 11.59210  6.48152   -5.16676  1.000 9.83000  ? 35  ARG A C   1 
ATOM   290  O  O   . ARG A 1 36  ? 12.76453  6.78530   -5.37699  1.000 11.02000 ? 35  ARG A O   1 
ATOM   291  C  CB  . ARG A 1 36  ? 10.50574  5.94410   -7.34347  1.000 8.35000  ? 35  ARG A CB  1 
ATOM   292  C  CG  . ARG A 1 36  ? 10.15790  4.88244   -8.36503  1.000 10.12000 ? 35  ARG A CG  1 
ATOM   293  C  CD  . ARG A 1 36  ? 11.35881  4.10865   -8.80550  1.000 11.41000 ? 35  ARG A CD  1 
ATOM   294  N  NE  . ARG A 1 36  ? 10.99048  3.13058   -9.82421  1.000 15.06000 ? 35  ARG A NE  1 
ATOM   295  C  CZ  . ARG A 1 36  ? 10.49122  1.93399   -9.53091  1.000 14.86000 ? 35  ARG A CZ  1 
ATOM   296  N  NH1 . ARG A 1 36  ? 10.29864  1.60522   -8.27048  1.000 13.32000 ? 35  ARG A NH1 1 
ATOM   297  N  NH2 . ARG A 1 36  ? 10.17220  1.07653   -10.49081 1.000 17.16000 ? 35  ARG A NH2 1 
ATOM   298  N  N   . ALA A 1 37  ? 10.85676  7.12709   -4.27213  1.000 9.05000  ? 36  ALA A N   1 
ATOM   299  C  CA  . ALA A 1 37  ? 11.47674  8.14289   -3.43158  1.000 10.89000 ? 36  ALA A CA  1 
ATOM   300  C  C   . ALA A 1 37  ? 10.53474  8.52328   -2.29899  1.000 13.97000 ? 36  ALA A C   1 
ATOM   301  O  O   . ALA A 1 37  ? 9.31984   8.61103   -2.49894  1.000 13.06000 ? 36  ALA A O   1 
ATOM   302  C  CB  . ALA A 1 37  ? 11.83049  9.40713   -4.23438  1.000 12.04000 ? 36  ALA A CB  1 
ATOM   303  N  N   . TRP A 1 38  ? 11.11103  8.79172   -1.13324  1.000 10.67000 ? 37  TRP A N   1 
ATOM   304  C  CA  . TRP A 1 38  ? 10.40523  9.50620   -0.08585  1.000 12.35000 ? 37  TRP A CA  1 
ATOM   305  C  C   . TRP A 1 38  ? 10.58739  11.00068  -0.29066  1.000 14.39000 ? 37  TRP A C   1 
ATOM   306  O  O   . TRP A 1 38  ? 11.69038  11.46286  -0.58943  1.000 13.42000 ? 37  TRP A O   1 
ATOM   307  C  CB  . TRP A 1 38  ? 10.93152  9.10341   1.28252   1.000 13.59000 ? 37  TRP A CB  1 
ATOM   308  C  CG  . TRP A 1 38  ? 10.63638  7.69770   1.61667   1.000 11.52000 ? 37  TRP A CG  1 
ATOM   309  C  CD1 . TRP A 1 38  ? 11.53760  6.68572   1.79174   1.000 15.17000 ? 37  TRP A CD1 1 
ATOM   310  C  CD2 . TRP A 1 38  ? 9.34295   7.12560   1.82384   1.000 13.68000 ? 37  TRP A CD2 1 
ATOM   311  N  NE1 . TRP A 1 38  ? 10.87670  5.51664   2.09930   1.000 15.49000 ? 37  TRP A NE1 1 
ATOM   312  C  CE2 . TRP A 1 38  ? 9.53324   5.76696   2.14371   1.000 14.42000 ? 37  TRP A CE2 1 
ATOM   313  C  CE3 . TRP A 1 38  ? 8.04389   7.63363   1.77980   1.000 11.71000 ? 37  TRP A CE3 1 
ATOM   314  C  CZ2 . TRP A 1 38  ? 8.47271   4.90469   2.39273   1.000 17.56000 ? 37  TRP A CZ2 1 
ATOM   315  C  CZ3 . TRP A 1 38  ? 6.99032   6.77629   2.03941   1.000 14.25000 ? 37  TRP A CZ3 1 
ATOM   316  C  CH2 . TRP A 1 38  ? 7.21556   5.42682   2.34575   1.000 17.22000 ? 37  TRP A CH2 1 
ATOM   317  N  N   . ARG A 1 39  ? 9.50204   11.76097  -0.14954  1.000 11.56000 ? 38  ARG A N   1 
ATOM   318  C  CA  . ARG A 1 39  ? 9.61647   13.20689  -0.27999  1.000 15.56000 ? 38  ARG A CA  1 
ATOM   319  C  C   . ARG A 1 39  ? 9.18343   13.94129  0.98531   1.000 16.74000 ? 38  ARG A C   1 
ATOM   320  O  O   . ARG A 1 39  ? 8.89298   15.14098  0.93189   1.000 19.36000 ? 38  ARG A O   1 
ATOM   321  C  CB  . ARG A 1 39  ? 8.84773   13.69840  -1.51134  1.000 14.50000 ? 38  ARG A CB  1 
ATOM   322  C  CG  . ARG A 1 39  ? 9.44268   13.22301  -2.84387  1.000 13.17000 ? 38  ARG A CG  1 
ATOM   323  C  CD  . ARG A 1 39  ? 10.89256  13.67341  -2.99255  1.000 17.24000 ? 38  ARG A CD  1 
ATOM   324  N  NE  . ARG A 1 39  ? 10.98090  15.09785  -2.71642  1.000 14.03000 ? 38  ARG A NE  1 
ATOM   325  C  CZ  . ARG A 1 39  ? 12.05061  15.70933  -2.22807  1.000 16.29000 ? 38  ARG A CZ  1 
ATOM   326  N  NH1 . ARG A 1 39  ? 13.16364  15.03138  -1.97716  1.000 14.23000 ? 38  ARG A NH1 1 
ATOM   327  N  NH2 . ARG A 1 39  ? 12.00009  17.00909  -2.00222  1.000 21.71000 ? 38  ARG A NH2 1 
ATOM   328  N  N   . SER A 1 40  ? 9.15207   13.25438  2.12441   1.000 16.98000 ? 39  SER A N   1 
ATOM   329  C  CA  . SER A 1 40  ? 9.02155   13.92235  3.41344   1.000 20.69000 ? 39  SER A CA  1 
ATOM   330  C  C   . SER A 1 40  ? 9.67055   13.03104  4.46084   1.000 19.77000 ? 39  SER A C   1 
ATOM   331  O  O   . SER A 1 40  ? 9.81192   11.82084  4.25680   1.000 19.74000 ? 39  SER A O   1 
ATOM   332  C  CB  . SER A 1 40  ? 7.56228   14.21983  3.77683   1.000 27.14000 ? 39  SER A CB  1 
ATOM   333  O  OG  . SER A 1 40  ? 6.77971   13.04383  3.78809   1.000 20.84000 ? 39  SER A OG  1 
ATOM   334  N  N   . LYS A 1 41  ? 10.09103  13.63162  5.56865   1.000 20.05000 ? 40  LYS A N   1 
ATOM   335  C  CA  . LYS A 1 41  ? 10.84275  12.86310  6.55909   1.000 21.39000 ? 40  LYS A CA  1 
ATOM   336  C  C   . LYS A 1 41  ? 9.91251   11.85977  7.22276   1.000 22.05000 ? 40  LYS A C   1 
ATOM   337  O  O   . LYS A 1 41  ? 8.77577   12.19222  7.56670   1.000 25.54000 ? 40  LYS A O   1 
ATOM   338  C  CB  . LYS A 1 41  ? 11.47830  13.79234  7.59575   1.000 28.66000 ? 40  LYS A CB  1 
ATOM   339  C  CG  . LYS A 1 41  ? 12.25368  13.06383  8.69823   1.000 29.72000 ? 40  LYS A CG  1 
ATOM   340  C  CD  . LYS A 1 41  ? 12.61868  13.99189  9.85860   1.000 35.08000 ? 40  LYS A CD  1 
ATOM   341  C  CE  . LYS A 1 41  ? 13.73219  13.38893  10.70223  1.000 34.93000 ? 40  LYS A CE  1 
ATOM   342  N  NZ  . LYS A 1 41  ? 13.99120  11.97830  10.29856  1.000 37.73000 ? 40  LYS A NZ  1 
ATOM   343  N  N   . LEU A 1 42  ? 10.37307  10.62538  7.36928   1.000 22.51000 ? 41  LEU A N   1 
ATOM   344  C  CA  . LEU A 1 42  ? 9.49317   9.57225   7.87865   1.000 25.29000 ? 41  LEU A CA  1 
ATOM   345  C  C   . LEU A 1 42  ? 9.28221   9.75082   9.37795   1.000 25.40000 ? 41  LEU A C   1 
ATOM   346  O  O   . LEU A 1 42  ? 10.25438  9.97041   10.11281  1.000 21.43000 ? 41  LEU A O   1 
ATOM   347  C  CB  . LEU A 1 42  ? 10.07154  8.18839   7.59725   1.000 21.05000 ? 41  LEU A CB  1 
ATOM   348  C  CG  . LEU A 1 42  ? 10.04395  7.75872   6.12548   1.000 19.97000 ? 41  LEU A CG  1 
ATOM   349  C  CD1 . LEU A 1 42  ? 10.58565  6.36103   6.00090   1.000 18.05000 ? 41  LEU A CD1 1 
ATOM   350  C  CD2 . LEU A 1 42  ? 8.65766   7.83809   5.55489   1.000 21.04000 ? 41  LEU A CD2 1 
ATOM   351  N  N   . PRO A 1 43  ? 8.04593   9.65605   9.87054   1.000 22.19000 ? 42  PRO A N   1 
ATOM   352  C  CA  . PRO A 1 43  ? 7.81185   9.86628   11.30666  1.000 23.31000 ? 42  PRO A CA  1 
ATOM   353  C  C   . PRO A 1 43  ? 8.25656   8.66660   12.12495  1.000 28.96000 ? 42  PRO A C   1 
ATOM   354  O  O   . PRO A 1 43  ? 8.34271   7.54302   11.62538  1.000 31.44000 ? 42  PRO A O   1 
ATOM   355  C  CB  . PRO A 1 43  ? 6.29325   10.06932  11.39091  1.000 27.47000 ? 42  PRO A CB  1 
ATOM   356  C  CG  . PRO A 1 43  ? 5.75032   9.29707   10.22778  1.000 23.31000 ? 42  PRO A CG  1 
ATOM   357  C  CD  . PRO A 1 43  ? 6.79746   9.39723   9.13003   1.000 23.34000 ? 42  PRO A CD  1 
ATOM   358  N  N   . GLU A 1 44  ? 8.54625   8.90911   13.40843  1.000 28.42000 ? 43  GLU A N   1 
ATOM   359  C  CA  . GLU A 1 44  ? 8.87689   7.76789   14.24980  1.000 35.94000 ? 43  GLU A CA  1 
ATOM   360  C  C   . GLU A 1 44  ? 7.62456   6.97810   14.62164  1.000 35.09000 ? 43  GLU A C   1 
ATOM   361  O  O   . GLU A 1 44  ? 7.68123   5.75017   14.73275  1.000 38.48000 ? 43  GLU A O   1 
ATOM   362  C  CB  . GLU A 1 44  ? 9.65161   8.20379   15.50023  1.000 38.62000 ? 43  GLU A CB  1 
ATOM   363  C  CG  . GLU A 1 44  ? 9.67467   7.16382   16.63873  1.000 41.83000 ? 43  GLU A CG  1 
ATOM   364  C  CD  . GLU A 1 44  ? 10.50479  5.90337   16.34066  1.000 50.85000 ? 43  GLU A CD  1 
ATOM   365  O  OE1 . GLU A 1 44  ? 10.91411  5.69066   15.17739  1.000 52.31000 ? 43  GLU A OE1 1 
ATOM   366  O  OE2 . GLU A 1 44  ? 10.74743  5.11274   17.28313  1.000 50.64000 ? 43  GLU A OE2 1 
ATOM   367  N  N   . THR A 1 45  ? 6.47579   7.63942   14.75279  1.000 29.05000 ? 44  THR A N   1 
ATOM   368  C  CA  . THR A 1 45  ? 5.24480   6.94045   15.08561  1.000 28.13000 ? 44  THR A CA  1 
ATOM   369  C  C   . THR A 1 45  ? 4.13104   7.36838   14.14466  1.000 24.89000 ? 44  THR A C   1 
ATOM   370  O  O   . THR A 1 45  ? 3.98525   8.55336   13.84459  1.000 29.58000 ? 44  THR A O   1 
ATOM   371  C  CB  . THR A 1 45  ? 4.84553   7.21251   16.54435  1.000 34.86000 ? 44  THR A CB  1 
ATOM   372  O  OG1 . THR A 1 45  ? 5.63117   6.39000   17.40853  1.000 41.17000 ? 44  THR A OG1 1 
ATOM   373  C  CG2 . THR A 1 45  ? 3.37317   6.91117   16.78245  1.000 34.15000 ? 44  THR A CG2 1 
ATOM   374  N  N   . LEU A 1 46  ? 3.35167   6.39463   13.68682  1.000 22.68000 ? 45  LEU A N   1 
ATOM   375  C  CA  . LEU A 1 46  ? 2.18762   6.64515   12.85545  1.000 21.87000 ? 45  LEU A CA  1 
ATOM   376  C  C   . LEU A 1 46  ? 0.96002   6.87586   13.72383  1.000 27.80000 ? 45  LEU A C   1 
ATOM   377  O  O   . LEU A 1 46  ? 0.84278   6.32677   14.82422  1.000 25.11000 ? 45  LEU A O   1 
ATOM   378  C  CB  . LEU A 1 46  ? 1.93597   5.46258   11.92422  1.000 23.56000 ? 45  LEU A CB  1 
ATOM   379  C  CG  . LEU A 1 46  ? 3.05032   5.14192   10.94143  1.000 20.20000 ? 45  LEU A CG  1 
ATOM   380  C  CD1 . LEU A 1 46  ? 2.67791   3.88805   10.16632  1.000 23.92000 ? 45  LEU A CD1 1 
ATOM   381  C  CD2 . LEU A 1 46  ? 3.24432   6.32317   9.99969   1.000 21.80000 ? 45  LEU A CD2 1 
ATOM   382  N  N   . GLU A 1 47  ? 0.03576   7.68463   13.20959  1.000 15.59000 ? 46  GLU A N   1 
ATOM   383  C  CA  . GLU A 1 47  ? -1.22646  7.94068   13.89012  1.000 22.31000 ? 46  GLU A CA  1 
ATOM   384  C  C   . GLU A 1 47  ? -2.24238  8.38542   12.85197  1.000 23.93000 ? 46  GLU A C   1 
ATOM   385  O  O   . GLU A 1 47  ? -1.87991  8.83135   11.75462  1.000 19.32000 ? 46  GLU A O   1 
ATOM   386  C  CB  . GLU A 1 47  ? -1.08020  9.00369   14.99815  1.000 28.79000 ? 46  GLU A CB  1 
ATOM   387  C  CG  . GLU A 1 47  ? -0.46362  10.31742  14.52504  1.000 25.21000 ? 46  GLU A CG  1 
ATOM   388  C  CD  . GLU A 1 47  ? -0.74824  11.51854  15.44546  1.000 37.53000 ? 46  GLU A CD  1 
ATOM   389  O  OE1 . GLU A 1 47  ? -0.75409  11.34380  16.68350  1.000 33.87000 ? 46  GLU A OE1 1 
ATOM   390  O  OE2 . GLU A 1 47  ? -0.94709  12.64761  14.92395  1.000 33.84000 ? 46  GLU A OE2 1 
ATOM   391  N  N   . LYS A 1 48  ? -3.52667  8.24680   13.19706  1.000 21.95000 ? 47  LYS A N   1 
ATOM   392  C  CA  . LYS A 1 48  ? -4.56127  8.79798   12.32995  1.000 22.90000 ? 47  LYS A CA  1 
ATOM   393  C  C   . LYS A 1 48  ? -4.24102  10.26156  12.06401  1.000 20.49000 ? 47  LYS A C   1 
ATOM   394  O  O   . LYS A 1 48  ? -3.95350  11.02467  12.99046  1.000 19.50000 ? 47  LYS A O   1 
ATOM   395  C  CB  . LYS A 1 48  ? -5.95518  8.65637   12.96006  1.000 23.28000 ? 47  LYS A CB  1 
ATOM   396  C  CG  . LYS A 1 48  ? -7.01131  9.53796   12.29031  1.000 29.61000 ? 47  LYS A CG  1 
ATOM   397  C  CD  . LYS A 1 48  ? -8.44652  9.07395   12.51858  1.000 29.11000 ? 47  LYS A CD  1 
ATOM   398  C  CE  . LYS A 1 48  ? -9.39080  10.27139  12.66763  1.000 43.90000 ? 47  LYS A CE  1 
ATOM   399  N  NZ  . LYS A 1 48  ? -10.32480 10.44229  11.50314  1.000 42.82000 ? 47  LYS A NZ  1 
ATOM   400  N  N   . GLY A 1 49  ? -4.23195  10.63744  10.79118  1.000 19.26000 ? 48  GLY A N   1 
ATOM   401  C  CA  . GLY A 1 49  ? -3.90720  11.98589  10.38976  1.000 20.29000 ? 48  GLY A CA  1 
ATOM   402  C  C   . GLY A 1 49  ? -2.49912  12.16330  9.86374   1.000 16.72000 ? 48  GLY A C   1 
ATOM   403  O  O   . GLY A 1 49  ? -2.23213  13.17540  9.20577   1.000 17.97000 ? 48  GLY A O   1 
ATOM   404  N  N   . THR A 1 50  ? -1.59354  11.22232  10.14542  1.000 13.54000 ? 49  THR A N   1 
ATOM   405  C  CA  . THR A 1 50  ? -0.23419  11.28236  9.60477   1.000 16.43000 ? 49  THR A CA  1 
ATOM   406  C  C   . THR A 1 50  ? -0.27034  11.46137  8.08707   1.000 13.82000 ? 49  THR A C   1 
ATOM   407  O  O   . THR A 1 50  ? -1.05995  10.81600  7.39341   1.000 11.47000 ? 49  THR A O   1 
ATOM   408  C  CB  . THR A 1 50  ? 0.53587   10.00855  9.95268   1.000 18.26000 ? 49  THR A CB  1 
ATOM   409  O  OG1 . THR A 1 50  ? 0.76635   9.94913   11.36549  1.000 18.62000 ? 49  THR A OG1 1 
ATOM   410  C  CG2 . THR A 1 50  ? 1.87526   9.97059   9.23602   1.000 19.15000 ? 49  THR A CG2 1 
ATOM   411  N  N   . VAL A 1 51  ? 0.58255   12.35182  7.57433   1.000 13.10000 ? 50  VAL A N   1 
ATOM   412  C  CA  . VAL A 1 51  ? 0.67051   12.63006  6.14307   1.000 10.05000 ? 50  VAL A CA  1 
ATOM   413  C  C   . VAL A 1 51  ? 2.11532   12.44207  5.70018   1.000 12.48000 ? 50  VAL A C   1 
ATOM   414  O  O   . VAL A 1 51  ? 3.02934   12.98844  6.32460   1.000 11.78000 ? 50  VAL A O   1 
ATOM   415  C  CB  . VAL A 1 51  ? 0.18794   14.05756  5.81011   1.000 12.50000 ? 50  VAL A CB  1 
ATOM   416  C  CG1 . VAL A 1 51  ? 0.39916   14.36185  4.33853   1.000 13.52000 ? 50  VAL A CG1 1 
ATOM   417  C  CG2 . VAL A 1 51  ? -1.27182  14.24747  6.18802   1.000 11.00000 ? 50  VAL A CG2 1 
ATOM   418  N  N   . ILE A 1 52  ? 2.32097   11.66895  4.63313   1.000 9.12000  ? 51  ILE A N   1 
ATOM   419  C  CA  . ILE A 1 52  ? 3.64737   11.38868  4.07755   1.000 11.11000 ? 51  ILE A CA  1 
ATOM   420  C  C   . ILE A 1 52  ? 3.55671   11.52546  2.56255   1.000 13.77000 ? 51  ILE A C   1 
ATOM   421  O  O   . ILE A 1 52  ? 2.50958   11.24638  1.97088   1.000 14.02000 ? 51  ILE A O   1 
ATOM   422  C  CB  . ILE A 1 52  ? 4.12948   9.97236   4.48131   1.000 14.45000 ? 51  ILE A CB  1 
ATOM   423  C  CG1 . ILE A 1 52  ? 4.15347   9.83763   6.01074   1.000 15.07000 ? 51  ILE A CG1 1 
ATOM   424  C  CG2 . ILE A 1 52  ? 5.51104   9.66867   3.93778   1.000 18.98000 ? 51  ILE A CG2 1 
ATOM   425  C  CD1 . ILE A 1 52  ? 4.14584   8.43047   6.48510   1.000 21.54000 ? 51  ILE A CD1 1 
ATOM   426  N  N   . GLU A 1 53  ? 4.62181   11.97915  1.93535   1.000 13.57000 ? 52  GLU A N   1 
ATOM   427  C  CA  . GLU A 1 53  ? 4.68709   12.13669  0.47533   1.000 13.27000 ? 52  GLU A CA  1 
ATOM   428  C  C   . GLU A 1 53  ? 5.72175   11.20627  -0.14037  1.000 11.45000 ? 52  GLU A C   1 
ATOM   429  O  O   . GLU A 1 53  ? 6.74392   11.05253  0.38441   1.000 12.06000 ? 52  GLU A O   1 
ATOM   430  C  CB  . GLU A 1 53  ? 4.98453   13.54874  0.02439   1.000 17.31000 ? 52  GLU A CB  1 
ATOM   431  C  CG  . GLU A 1 53  ? 4.23229   14.71102  0.63529   1.000 24.33000 ? 52  GLU A CG  1 
ATOM   432  C  CD  . GLU A 1 53  ? 4.93555   16.04694  0.35296   1.000 36.33000 ? 52  GLU A CD  1 
ATOM   433  O  OE1 . GLU A 1 53  ? 5.26559   16.27630  -0.80802  1.000 32.49000 ? 52  GLU A OE1 1 
ATOM   434  O  OE2 . GLU A 1 53  ? 5.23483   16.79394  1.30372   1.000 41.36000 ? 52  GLU A OE2 1 
ATOM   435  N  N   . SER A 1 54  ? 5.39484   10.58016  -1.23952  1.000 12.14000 ? 53  SER A N   1 
ATOM   436  C  CA  . SER A 1 54  ? 6.35543   9.71815   -1.92025  1.000 11.25000 ? 53  SER A CA  1 
ATOM   437  C  C   . SER A 1 54  ? 6.15101   9.82157   -3.42381  1.000 11.56000 ? 53  SER A C   1 
ATOM   438  O  O   . SER A 1 54  ? 5.14557   10.34696  -3.90231  1.000 12.48000 ? 53  SER A O   1 
ATOM   439  C  CB  . SER A 1 54  ? 6.23872   8.25628   -1.46940  1.000 13.84000 ? 53  SER A CB  1 
ATOM   440  O  OG  . SER A 1 54  ? 5.16111   7.60404   -2.12199  1.000 15.91000 ? 53  SER A OG  1 
ATOM   441  N  N   . ILE A 1 55  ? 7.11918   9.29941   -4.17034  1.000 8.68000  ? 54  ILE A N   1 
ATOM   442  C  CA  . ILE A 1 55  ? 7.00560   9.15538   -5.62167  1.000 10.15000 ? 54  ILE A CA  1 
ATOM   443  C  C   . ILE A 1 55  ? 6.99379   7.66852   -5.93799  1.000 10.20000 ? 54  ILE A C   1 
ATOM   444  O  O   . ILE A 1 55  ? 7.83448   6.91169   -5.42777  1.000 11.42000 ? 54  ILE A O   1 
ATOM   445  C  CB  . ILE A 1 55  ? 8.15726   9.86407   -6.35695  1.000 7.84000  ? 54  ILE A CB  1 
ATOM   446  C  CG1 . ILE A 1 55  ? 8.06196   11.37032  -6.13071  1.000 13.00000 ? 54  ILE A CG1 1 
ATOM   447  C  CG2 . ILE A 1 55  ? 8.17080   9.50056   -7.83793  1.000 9.46000  ? 54  ILE A CG2 1 
ATOM   448  C  CD1 . ILE A 1 55  ? 9.35993   12.10146  -6.54883  1.000 13.16000 ? 54  ILE A CD1 1 
ATOM   449  N  N   . VAL A 1 56  ? 6.01097   7.24170   -6.73815  1.000 9.16000  ? 55  VAL A N   1 
ATOM   450  C  CA  . VAL A 1 56  ? 5.86833   5.84609   -7.11520  1.000 9.30000  ? 55  VAL A CA  1 
ATOM   451  C  C   . VAL A 1 56  ? 5.94118   5.74412   -8.62882  1.000 9.96000  ? 55  VAL A C   1 
ATOM   452  O  O   . VAL A 1 56  ? 5.72284   6.71572   -9.35115  1.000 11.29000 ? 55  VAL A O   1 
ATOM   453  C  CB  . VAL A 1 56  ? 4.55380   5.23244   -6.59489  1.000 10.28000 ? 55  VAL A CB  1 
ATOM   454  C  CG1 . VAL A 1 56  ? 4.48886   5.32990   -5.06493  1.000 13.24000 ? 55  VAL A CG1 1 
ATOM   455  C  CG2 . VAL A 1 56  ? 3.36520   5.93205   -7.21588  1.000 10.33000 ? 55  VAL A CG2 1 
ATOM   456  N  N   . GLU A 1 57  ? 6.24810   4.53888   -9.10635  1.000 12.24000 ? 56  GLU A N   1 
ATOM   457  C  CA  . GLU A 1 57  ? 6.26809   4.24759   -10.53751 1.000 13.16000 ? 56  GLU A CA  1 
ATOM   458  C  C   . GLU A 1 57  ? 5.31874   3.09235   -10.79900 1.000 14.92000 ? 56  GLU A C   1 
ATOM   459  O  O   . GLU A 1 57  ? 5.45468   2.02490   -10.18973 1.000 15.68000 ? 56  GLU A O   1 
ATOM   460  C  CB  . GLU A 1 57  ? 7.67298   3.89461   -11.03396 1.000 14.88000 ? 56  GLU A CB  1 
ATOM   461  C  CG  . GLU A 1 57  ? 7.80347   3.79875   -12.56119 1.000 14.14000 ? 56  GLU A CG  1 
ATOM   462  C  CD  . GLU A 1 57  ? 9.16350   3.26008   -13.01979 1.000 27.74000 ? 56  GLU A CD  1 
ATOM   463  O  OE1 . GLU A 1 57  ? 10.20227  3.58889   -12.39311 1.000 29.65000 ? 56  GLU A OE1 1 
ATOM   464  O  OE2 . GLU A 1 57  ? 9.19601   2.50410   -14.01516 1.000 37.71000 ? 56  GLU A OE2 1 
ATOM   465  N  N   . VAL A 1 58  ? 4.35965   3.30249   -11.69052 1.000 15.10000 ? 57  VAL A N   1 
ATOM   466  C  CA  . VAL A 1 58  ? 3.43781   2.25179   -12.09219 1.000 14.46000 ? 57  VAL A CA  1 
ATOM   467  C  C   . VAL A 1 58  ? 3.45933   2.16083   -13.60930 1.000 18.89000 ? 57  VAL A C   1 
ATOM   468  O  O   . VAL A 1 58  ? 3.15394   3.14676   -14.28688 1.000 17.90000 ? 57  VAL A O   1 
ATOM   469  C  CB  . VAL A 1 58  ? 2.01307   2.52525   -11.59079 1.000 15.99000 ? 57  VAL A CB  1 
ATOM   470  C  CG1 . VAL A 1 58  ? 1.10430   1.38288   -12.01378 1.000 16.65000 ? 57  VAL A CG1 1 
ATOM   471  C  CG2 . VAL A 1 58  ? 2.00394   2.70442   -10.07531 1.000 17.87000 ? 57  VAL A CG2 1 
ATOM   472  N  N   . LYS A 1 59  ? 3.81860   0.98514   -14.14357 1.000 20.54000 ? 58  LYS A N   1 
ATOM   473  C  CA  . LYS A 1 59  ? 3.86474   0.75574   -15.59560 1.000 22.27000 ? 58  LYS A CA  1 
ATOM   474  C  C   . LYS A 1 59  ? 4.63377   1.88019   -16.29463 1.000 21.92000 ? 58  LYS A C   1 
ATOM   475  O  O   . LYS A 1 59  ? 4.16644   2.48187   -17.27357 1.000 23.32000 ? 58  LYS A O   1 
ATOM   476  C  CB  . LYS A 1 59  ? 2.43949   0.59577   -16.15859 1.000 25.48000 ? 58  LYS A CB  1 
ATOM   477  C  CG  . LYS A 1 59  ? 2.34437   0.20491   -17.66259 1.000 33.82000 ? 58  LYS A CG  1 
ATOM   478  C  CD  . LYS A 1 59  ? 2.32355   -1.30693  -17.85404 1.000 38.05000 ? 58  LYS A CD  1 
ATOM   479  C  CE  . LYS A 1 59  ? 2.95565   -1.73507  -19.17935 1.000 40.04000 ? 58  LYS A CE  1 
ATOM   480  N  NZ  . LYS A 1 59  ? 4.44503   -1.59474  -19.21889 1.000 42.18000 ? 58  LYS A NZ  1 
ATOM   481  N  N   . GLY A 1 60  ? 5.81223   2.19346   -15.76606 1.000 18.14000 ? 59  GLY A N   1 
ATOM   482  C  CA  . GLY A 1 60  ? 6.66435   3.19910   -16.37052 1.000 18.26000 ? 59  GLY A CA  1 
ATOM   483  C  C   . GLY A 1 60  ? 6.31312   4.64491   -16.06357 1.000 18.56000 ? 59  GLY A C   1 
ATOM   484  O  O   . GLY A 1 60  ? 7.10302   5.53849   -16.40519 1.000 19.97000 ? 59  GLY A O   1 
HETATM 485  N  N   . MSE A 1 61  ? 5.15821   4.91349   -15.45492 1.000 15.63000 ? 60  MSE A N   1 
HETATM 486  C  CA  . MSE A 1 61  ? 4.74136   6.28591   -15.13421 1.000 18.73000 ? 60  MSE A CA  1 
HETATM 487  C  C   . MSE A 1 61  ? 5.06639   6.64676   -13.68703 1.000 16.47000 ? 60  MSE A C   1 
HETATM 488  O  O   . MSE A 1 61  ? 4.71761   5.89914   -12.75563 1.000 18.09000 ? 60  MSE A O   1 
HETATM 489  C  CB  . MSE A 1 61  ? 3.23722   6.47346   -15.33995 1.000 17.27000 ? 60  MSE A CB  1 
HETATM 490  C  CG  . MSE A 1 61  ? 2.74339   6.28456   -16.76179 1.000 32.25000 ? 60  MSE A CG  1 
HETATM 491  SE SE  . MSE A 1 61  ? 0.80126   6.45692   -16.84492 1.000 97.29000 ? 60  MSE A SE  1 
HETATM 492  C  CE  . MSE A 1 61  ? 0.27822   4.59435   -16.59228 1.000 44.40000 ? 60  MSE A CE  1 
ATOM   493  N  N   . LEU A 1 62  ? 5.70113   7.79804   -13.49670 1.000 12.27000 ? 61  LEU A N   1 
ATOM   494  C  CA  . LEU A 1 62  ? 5.96445   8.35272   -12.17425 1.000 12.93000 ? 61  LEU A CA  1 
ATOM   495  C  C   . LEU A 1 62  ? 4.77308   9.16151   -11.68782 1.000 14.51000 ? 61  LEU A C   1 
ATOM   496  O  O   . LEU A 1 62  ? 4.07107   9.79239   -12.47514 1.000 13.35000 ? 61  LEU A O   1 
ATOM   497  C  CB  . LEU A 1 62  ? 7.18922   9.26089   -12.19149 1.000 12.76000 ? 61  LEU A CB  1 
ATOM   498  C  CG  . LEU A 1 62  ? 8.56503   8.63981   -12.29654 1.000 17.82000 ? 61  LEU A CG  1 
ATOM   499  C  CD1 . LEU A 1 62  ? 9.57591   9.73263   -12.00855 1.000 14.02000 ? 61  LEU A CD1 1 
ATOM   500  C  CD2 . LEU A 1 62  ? 8.69035   7.48622   -11.30710 1.000 11.41000 ? 61  LEU A CD2 1 
ATOM   501  N  N   . ASN A 1 63  ? 4.54277   9.14667   -10.37601 1.000 10.31000 ? 62  ASN A N   1 
ATOM   502  C  CA  . ASN A 1 63  ? 3.48765   9.99041   -9.83431  1.000 11.73000 ? 62  ASN A CA  1 
ATOM   503  C  C   . ASN A 1 63  ? 3.84911   10.33871  -8.40352  1.000 12.49000 ? 62  ASN A C   1 
ATOM   504  O  O   . ASN A 1 63  ? 4.18245   9.44208   -7.63078  1.000 10.61000 ? 62  ASN A O   1 
ATOM   505  C  CB  . ASN A 1 63  ? 2.12826   9.28292   -9.89845  1.000 16.18000 ? 62  ASN A CB  1 
ATOM   506  C  CG  . ASN A 1 63  ? 0.97261   10.21726  -9.60171  1.000 15.62000 ? 62  ASN A CG  1 
ATOM   507  O  OD1 . ASN A 1 63  ? 0.08895   9.89606   -8.82228  1.000 21.82000 ? 62  ASN A OD1 1 
ATOM   508  N  ND2 . ASN A 1 63  ? 0.98563   11.37490  -10.20875 1.000 20.03000 ? 62  ASN A ND2 1 
ATOM   509  N  N   . ARG A 1 64  ? 3.82822   11.62063  -8.06904  1.000 9.76000  ? 63  ARG A N   1 
ATOM   510  C  CA  . ARG A 1 64  ? 4.10619   12.06297  -6.70382  1.000 11.38000 ? 63  ARG A CA  1 
ATOM   511  C  C   . ARG A 1 64  ? 2.79447   12.05352  -5.93041  1.000 11.49000 ? 63  ARG A C   1 
ATOM   512  O  O   . ARG A 1 64  ? 1.83190   12.71095  -6.33601  1.000 13.21000 ? 63  ARG A O   1 
ATOM   513  C  CB  . ARG A 1 64  ? 4.72356   13.46493  -6.70516  1.000 12.60000 ? 63  ARG A CB  1 
ATOM   514  C  CG  . ARG A 1 64  ? 5.18856   13.98941  -5.33567  1.000 18.92000 ? 63  ARG A CG  1 
ATOM   515  C  CD  . ARG A 1 64  ? 6.01831   15.29180  -5.46441  1.000 22.78000 ? 63  ARG A CD  1 
ATOM   516  N  NE  . ARG A 1 64  ? 6.51713   15.78790  -4.17320  1.000 32.27000 ? 63  ARG A NE  1 
ATOM   517  C  CZ  . ARG A 1 64  ? 7.68372   16.42607  -4.01114  1.000 34.47000 ? 63  ARG A CZ  1 
ATOM   518  N  NH1 . ARG A 1 64  ? 8.47823   16.62722  -5.05320  1.000 28.61000 ? 63  ARG A NH1 1 
ATOM   519  N  NH2 . ARG A 1 64  ? 8.07328   16.85474  -2.80951  1.000 29.78000 ? 63  ARG A NH2 1 
ATOM   520  N  N   . VAL A 1 65  ? 2.75429   11.33950  -4.80896  1.000 10.87000 ? 64  VAL A N   1 
ATOM   521  C  CA  . VAL A 1 65  ? 1.50038   11.07014  -4.10354  1.000 9.71000  ? 64  VAL A CA  1 
ATOM   522  C  C   . VAL A 1 65  ? 1.62934   11.53903  -2.65780  1.000 12.81000 ? 64  VAL A C   1 
ATOM   523  O  O   . VAL A 1 65  ? 2.61534   11.21924  -1.97947  1.000 11.87000 ? 64  VAL A O   1 
ATOM   524  C  CB  . VAL A 1 65  ? 1.14236   9.57024   -4.14475  1.000 11.69000 ? 64  VAL A CB  1 
ATOM   525  C  CG1 . VAL A 1 65  ? -0.17748  9.30167   -3.41631  1.000 12.56000 ? 64  VAL A CG1 1 
ATOM   526  C  CG2 . VAL A 1 65  ? 1.07122   9.06392   -5.59282  1.000 11.87000 ? 64  VAL A CG2 1 
ATOM   527  N  N   . ARG A 1 66  ? 0.62068   12.26372  -2.17643  1.000 10.23000 ? 65  ARG A N   1 
ATOM   528  C  CA  . ARG A 1 66  ? 0.50802   12.59398  -0.76089  1.000 10.46000 ? 65  ARG A CA  1 
ATOM   529  C  C   . ARG A 1 66  ? -0.41092  11.56985  -0.09845  1.000 10.85000 ? 65  ARG A C   1 
ATOM   530  O  O   . ARG A 1 66  ? -1.57322  11.42534  -0.50523  1.000 11.19000 ? 65  ARG A O   1 
ATOM   531  C  CB  . ARG A 1 66  ? -0.03181  14.01030  -0.56532  1.000 13.73000 ? 65  ARG A CB  1 
ATOM   532  C  CG  . ARG A 1 66  ? 0.14454   14.51788  0.86734   1.000 18.56000 ? 65  ARG A CG  1 
ATOM   533  C  CD  . ARG A 1 66  ? -0.12206  16.03089  0.98020   1.000 21.12000 ? 65  ARG A CD  1 
ATOM   534  N  NE  . ARG A 1 66  ? 1.04561   16.85413  0.65245   1.000 26.45000 ? 65  ARG A NE  1 
ATOM   535  C  CZ  . ARG A 1 66  ? 1.07332   17.77537  -0.30631  1.000 28.54000 ? 65  ARG A CZ  1 
ATOM   536  N  NH1 . ARG A 1 66  ? -0.00185  17.98973  -1.05105  1.000 27.63000 ? 65  ARG A NH1 1 
ATOM   537  N  NH2 . ARG A 1 66  ? 2.17887   18.47880  -0.52851  1.000 32.82000 ? 65  ARG A NH2 1 
ATOM   538  N  N   . TRP A 1 67  ? 0.11279   10.85972  0.90255   1.000 7.61000  ? 66  TRP A N   1 
ATOM   539  C  CA  . TRP A 1 67  ? -0.61143  9.79993   1.59555   1.000 9.93000  ? 66  TRP A CA  1 
ATOM   540  C  C   . TRP A 1 67  ? -1.09702  10.32377  2.94110   1.000 12.21000 ? 66  TRP A C   1 
ATOM   541  O  O   . TRP A 1 67  ? -0.32339  10.93384  3.67773   1.000 11.62000 ? 66  TRP A O   1 
ATOM   542  C  CB  . TRP A 1 67  ? 0.28546   8.57310   1.81373   1.000 10.79000 ? 66  TRP A CB  1 
ATOM   543  C  CG  . TRP A 1 67  ? 0.90896   8.09055   0.55309   1.000 12.04000 ? 66  TRP A CG  1 
ATOM   544  C  CD1 . TRP A 1 67  ? 2.13416   8.42428   0.05414   1.000 13.09000 ? 66  TRP A CD1 1 
ATOM   545  C  CD2 . TRP A 1 67  ? 0.30420   7.22762   -0.40506  1.000 13.61000 ? 66  TRP A CD2 1 
ATOM   546  N  NE1 . TRP A 1 67  ? 2.33469   7.80434   -1.16176  1.000 11.76000 ? 66  TRP A NE1 1 
ATOM   547  C  CE2 . TRP A 1 67  ? 1.22793   7.05206   -1.45602  1.000 12.80000 ? 66  TRP A CE2 1 
ATOM   548  C  CE3 . TRP A 1 67  ? -0.93039  6.57372   -0.47257  1.000 13.12000 ? 66  TRP A CE3 1 
ATOM   549  C  CZ2 . TRP A 1 67  ? 0.95058   6.25586   -2.56808  1.000 14.76000 ? 66  TRP A CZ2 1 
ATOM   550  C  CZ3 . TRP A 1 67  ? -1.19751  5.76283   -1.57045  1.000 13.50000 ? 66  TRP A CZ3 1 
ATOM   551  C  CH2 . TRP A 1 67  ? -0.26439  5.62189   -2.60527  1.000 13.79000 ? 66  TRP A CH2 1 
ATOM   552  N  N   . THR A 1 68  ? -2.36841  10.06903  3.27364   1.000 12.10000 ? 67  THR A N   1 
ATOM   553  C  CA  . THR A 1 68  ? -2.93885  10.48749  4.55126   1.000 11.13000 ? 67  THR A CA  1 
ATOM   554  C  C   . THR A 1 68  ? -3.49925  9.27537   5.28761   1.000 13.52000 ? 67  THR A C   1 
ATOM   555  O  O   . THR A 1 68  ? -4.31113  8.53155   4.73597   1.000 11.85000 ? 67  THR A O   1 
ATOM   556  C  CB  . THR A 1 68  ? -4.06168  11.51032  4.36851   1.000 15.01000 ? 67  THR A CB  1 
ATOM   557  O  OG1 . THR A 1 68  ? -3.57820  12.65353  3.65011   1.000 18.67000 ? 67  THR A OG1 1 
ATOM   558  C  CG2 . THR A 1 68  ? -4.61927  11.94017  5.73489   1.000 14.60000 ? 67  THR A CG2 1 
ATOM   559  N  N   . LEU A 1 69  ? -3.08454  9.09152   6.53551   1.000 11.56000 ? 68  LEU A N   1 
ATOM   560  C  CA  . LEU A 1 69  ? -3.57070  7.97479   7.33575   1.000 13.80000 ? 68  LEU A CA  1 
ATOM   561  C  C   . LEU A 1 69  ? -4.94345  8.34724   7.87952   1.000 14.69000 ? 68  LEU A C   1 
ATOM   562  O  O   . LEU A 1 69  ? -5.05604  9.20555   8.75904   1.000 18.87000 ? 68  LEU A O   1 
ATOM   563  C  CB  . LEU A 1 69  ? -2.57419  7.68456   8.45385   1.000 18.12000 ? 68  LEU A CB  1 
ATOM   564  C  CG  . LEU A 1 69  ? -2.40575  6.28837   9.01492   1.000 19.60000 ? 68  LEU A CG  1 
ATOM   565  C  CD1 . LEU A 1 69  ? -2.40403  5.27942   7.88598   1.000 21.41000 ? 68  LEU A CD1 1 
ATOM   566  C  CD2 . LEU A 1 69  ? -1.09752  6.22453   9.78558   1.000 17.01000 ? 68  LEU A CD2 1 
ATOM   567  N  N   . VAL A 1 70  ? -5.99853  7.74554   7.33991   1.000 14.77000 ? 69  VAL A N   1 
ATOM   568  C  CA  . VAL A 1 70  ? -7.34156  8.11442   7.77285   1.000 13.79000 ? 69  VAL A CA  1 
ATOM   569  C  C   . VAL A 1 70  ? -7.93303  7.09899   8.74783   1.000 18.42000 ? 69  VAL A C   1 
ATOM   570  O  O   . VAL A 1 70  ? -8.91807  7.41562   9.42263   1.000 19.77000 ? 69  VAL A O   1 
ATOM   571  C  CB  . VAL A 1 70  ? -8.28812  8.32579   6.57512   1.000 16.39000 ? 69  VAL A CB  1 
ATOM   572  C  CG1 . VAL A 1 70  ? -7.84379  9.53395   5.74837   1.000 17.00000 ? 69  VAL A CG1 1 
ATOM   573  C  CG2 . VAL A 1 70  ? -8.33191  7.09255   5.70207   1.000 18.41000 ? 69  VAL A CG2 1 
ATOM   574  N  N   . HIS A 1 71  ? -7.36362  5.90311   8.84173   1.000 19.85000 ? 70  HIS A N   1 
ATOM   575  C  CA  . HIS A 1 71  ? -7.75348  4.90384   9.82542   1.000 21.09000 ? 70  HIS A CA  1 
ATOM   576  C  C   . HIS A 1 71  ? -6.48453  4.18632   10.25860  1.000 18.41000 ? 70  HIS A C   1 
ATOM   577  O  O   . HIS A 1 71  ? -5.67641  3.79676   9.41361   1.000 20.78000 ? 70  HIS A O   1 
ATOM   578  C  CB  . HIS A 1 71  ? -8.78178  3.92037   9.24057   1.000 22.59000 ? 70  HIS A CB  1 
ATOM   579  C  CG  . HIS A 1 71  ? -9.23746  2.88048   10.20816  1.000 24.34000 ? 70  HIS A CG  1 
ATOM   580  N  ND1 . HIS A 1 71  ? -9.78165  3.19794   11.43287  1.000 26.69000 ? 70  HIS A ND1 1 
ATOM   581  C  CD2 . HIS A 1 71  ? -9.20273  1.52800   10.14559  1.000 26.76000 ? 70  HIS A CD2 1 
ATOM   582  C  CE1 . HIS A 1 71  ? -10.07703 2.08321   12.08034  1.000 28.40000 ? 70  HIS A CE1 1 
ATOM   583  N  NE2 . HIS A 1 71  ? -9.72953  1.05573   11.32284  1.000 30.80000 ? 70  HIS A NE2 1 
ATOM   584  N  N   . TYR A 1 72  ? -6.27469  4.04693   11.56373  1.000 16.86000 ? 71  TYR A N   1 
ATOM   585  C  CA  . TYR A 1 72  ? -5.05538  3.42076   12.06136  1.000 18.15000 ? 71  TYR A CA  1 
ATOM   586  C  C   . TYR A 1 72  ? -5.38651  2.62827   13.31976  1.000 23.80000 ? 71  TYR A C   1 
ATOM   587  O  O   . TYR A 1 72  ? -5.67501  3.22264   14.36078  1.000 23.73000 ? 71  TYR A O   1 
ATOM   588  C  CB  . TYR A 1 72  ? -3.98915  4.47172   12.34589  1.000 19.87000 ? 71  TYR A CB  1 
ATOM   589  C  CG  . TYR A 1 72  ? -2.66896  3.87409   12.73358  1.000 20.71000 ? 71  TYR A CG  1 
ATOM   590  C  CD1 . TYR A 1 72  ? -1.91819  3.16307   11.81314  1.000 25.89000 ? 71  TYR A CD1 1 
ATOM   591  C  CD2 . TYR A 1 72  ? -2.16818  4.02185   14.01870  1.000 25.28000 ? 71  TYR A CD2 1 
ATOM   592  C  CE1 . TYR A 1 72  ? -0.69459  2.61123   12.16188  1.000 27.45000 ? 71  TYR A CE1 1 
ATOM   593  C  CE2 . TYR A 1 72  ? -0.95386  3.47682   14.37670  1.000 24.58000 ? 71  TYR A CE2 1 
ATOM   594  C  CZ  . TYR A 1 72  ? -0.22496  2.76929   13.44492  1.000 26.84000 ? 71  TYR A CZ  1 
ATOM   595  O  OH  . TYR A 1 72  ? 0.99126   2.22096   13.79319  1.000 35.32000 ? 71  TYR A OH  1 
ATOM   596  N  N   . LYS A 1 73  ? -5.34494  1.29910   13.23326  1.000 17.78000 ? 72  LYS A N   1 
ATOM   597  C  CA  . LYS A 1 73  ? -5.79096  0.43643   14.33258  1.000 20.13000 ? 72  LYS A CA  1 
ATOM   598  C  C   . LYS A 1 73  ? -4.88069  -0.77216  14.42173  1.000 19.69000 ? 72  LYS A C   1 
ATOM   599  O  O   . LYS A 1 73  ? -5.22870  -1.87548  13.98260  1.000 20.21000 ? 72  LYS A O   1 
ATOM   600  C  CB  . LYS A 1 73  ? -7.24757  0.00202   14.15374  1.000 23.73000 ? 72  LYS A CB  1 
ATOM   601  C  CG  . LYS A 1 73  ? -7.81450  -0.73236  15.37724  1.000 29.79000 ? 72  LYS A CG  1 
ATOM   602  C  CD  . LYS A 1 73  ? -9.22326  -1.24206  15.13576  1.000 32.99000 ? 72  LYS A CD  1 
ATOM   603  C  CE  . LYS A 1 73  ? -9.76845  -1.96031  16.36022  1.000 40.04000 ? 72  LYS A CE  1 
ATOM   604  N  NZ  . LYS A 1 73  ? -9.81198  -1.06927  17.55669  1.000 42.36000 ? 72  LYS A NZ  1 
ATOM   605  N  N   . PRO A 1 74  ? -3.69763  -0.60695  15.00638  1.000 22.25000 ? 73  PRO A N   1 
ATOM   606  C  CA  . PRO A 1 74  ? -2.78688  -1.73892  15.13582  1.000 23.39000 ? 73  PRO A CA  1 
ATOM   607  C  C   . PRO A 1 74  ? -3.37006  -2.79042  16.06221  1.000 24.16000 ? 73  PRO A C   1 
ATOM   608  O  O   . PRO A 1 74  ? -4.13410  -2.46712  16.98630  1.000 25.54000 ? 73  PRO A O   1 
ATOM   609  C  CB  . PRO A 1 74  ? -1.51566  -1.10819  15.73713  1.000 23.10000 ? 73  PRO A CB  1 
ATOM   610  C  CG  . PRO A 1 74  ? -1.74686  0.35827   15.76006  1.000 24.25000 ? 73  PRO A CG  1 
ATOM   611  C  CD  . PRO A 1 74  ? -3.21840  0.57796   15.72796  1.000 23.86000 ? 73  PRO A CD  1 
ATOM   612  N  N   . PRO A 1 75  ? -3.04728  -4.07253  15.84780  1.000 23.80000 ? 74  PRO A N   1 
ATOM   613  C  CA  . PRO A 1 75  ? -2.24493  -4.57235  14.74116  1.000 22.08000 ? 74  PRO A CA  1 
ATOM   614  C  C   . PRO A 1 75  ? -3.14103  -5.11587  13.65275  1.000 21.93000 ? 74  PRO A C   1 
ATOM   615  O  O   . PRO A 1 75  ? -2.82431  -6.17044  13.10430  1.000 24.38000 ? 74  PRO A O   1 
ATOM   616  C  CB  . PRO A 1 75  ? -1.46955  -5.70935  15.38792  1.000 21.25000 ? 74  PRO A CB  1 
ATOM   617  C  CG  . PRO A 1 75  ? -2.53564  -6.34360  16.27869  1.000 23.07000 ? 74  PRO A CG  1 
ATOM   618  C  CD  . PRO A 1 75  ? -3.41879  -5.17723  16.75487  1.000 25.78000 ? 74  PRO A CD  1 
ATOM   619  N  N   . GLN A 1 76  ? -4.25542  -4.45916  13.34788  1.000 18.74000 ? 75  GLN A N   1 
ATOM   620  C  CA  . GLN A 1 76  ? -5.16357  -5.17312  12.47312  1.000 20.16000 ? 75  GLN A CA  1 
ATOM   621  C  C   . GLN A 1 76  ? -5.57450  -4.39450  11.23600  1.000 18.83000 ? 75  GLN A C   1 
ATOM   622  O  O   . GLN A 1 76  ? -5.83890  -5.02719  10.21241  1.000 19.64000 ? 75  GLN A O   1 
ATOM   623  C  CB  . GLN A 1 76  ? -6.39798  -5.63405  13.24302  1.000 28.48000 ? 75  GLN A CB  1 
ATOM   624  C  CG  . GLN A 1 76  ? -7.20563  -4.54407  13.87300  1.000 28.74000 ? 75  GLN A CG  1 
ATOM   625  C  CD  . GLN A 1 76  ? -8.07826  -5.06279  15.00114  1.000 36.42000 ? 75  GLN A CD  1 
ATOM   626  O  OE1 . GLN A 1 76  ? -7.59035  -5.68574  15.94750  1.000 42.57000 ? 75  GLN A OE1 1 
ATOM   627  N  NE2 . GLN A 1 76  ? -9.38018  -4.82617  14.89336  1.000 38.56000 ? 75  GLN A NE2 1 
ATOM   628  N  N   . ALA A 1 77  ? -5.63390  -3.05813  11.29066  1.000 18.87000 ? 76  ALA A N   1 
ATOM   629  C  CA  . ALA A 1 77  ? -6.16515  -2.33726  10.13736  1.000 24.29000 ? 76  ALA A CA  1 
ATOM   630  C  C   . ALA A 1 77  ? -5.56405  -0.94479  10.00502  1.000 24.95000 ? 76  ALA A C   1 
ATOM   631  O  O   . ALA A 1 77  ? -5.27469  -0.26923  10.99480  1.000 20.94000 ? 76  ALA A O   1 
ATOM   632  C  CB  . ALA A 1 77  ? -7.69568  -2.22927  10.21197  1.000 22.80000 ? 76  ALA A CB  1 
ATOM   633  N  N   . LEU A 1 78  ? -5.40141  -0.51632  8.75247   1.000 24.20000 ? 77  LEU A N   1 
ATOM   634  C  CA  . LEU A 1 78  ? -5.10359  0.87140   8.44314   1.000 20.78000 ? 77  LEU A CA  1 
ATOM   635  C  C   . LEU A 1 78  ? -5.77367  1.21654   7.12178   1.000 24.08000 ? 77  LEU A C   1 
ATOM   636  O  O   . LEU A 1 78  ? -5.99124  0.34278   6.27850   1.000 22.77000 ? 77  LEU A O   1 
ATOM   637  C  CB  . LEU A 1 78  ? -3.59346  1.14688   8.38021   1.000 20.90000 ? 77  LEU A CB  1 
ATOM   638  C  CG  . LEU A 1 78  ? -2.68033  0.68671   7.25191   1.000 25.88000 ? 77  LEU A CG  1 
ATOM   639  C  CD1 . LEU A 1 78  ? -2.75938  1.61357   6.04767   1.000 28.27000 ? 77  LEU A CD1 1 
ATOM   640  C  CD2 . LEU A 1 78  ? -1.25968  0.68306   7.77478   1.000 30.45000 ? 77  LEU A CD2 1 
ATOM   641  N  N   . THR A 1 79  ? -6.13711  2.48569   6.96523   1.000 23.47000 ? 78  THR A N   1 
ATOM   642  C  CA  . THR A 1 79  ? -6.63494  3.00049   5.69461   1.000 21.60000 ? 78  THR A CA  1 
ATOM   643  C  C   . THR A 1 79  ? -5.82106  4.22504   5.32869   1.000 18.98000 ? 78  THR A C   1 
ATOM   644  O  O   . THR A 1 79  ? -5.66446  5.13365   6.15163   1.000 17.64000 ? 78  THR A O   1 
ATOM   645  C  CB  . THR A 1 79  ? -8.11701  3.36997   5.76543   1.000 22.55000 ? 78  THR A CB  1 
ATOM   646  O  OG1 . THR A 1 79  ? -8.88022  2.22945   6.17164   1.000 25.48000 ? 78  THR A OG1 1 
ATOM   647  C  CG2 . THR A 1 79  ? -8.62304  3.87936   4.39907   1.000 21.84000 ? 78  THR A CG2 1 
ATOM   648  N  N   . LEU A 1 80  ? -5.37968  4.27140   4.09568   1.000 16.69000 ? 79  LEU A N   1 
ATOM   649  C  CA  . LEU A 1 80  ? -4.62363  5.37581   3.61103   1.000 14.88000 ? 79  LEU A CA  1 
ATOM   650  C  C   . LEU A 1 80  ? -5.26836  5.93612   2.34765   1.000 14.20000 ? 79  LEU A C   1 
ATOM   651  O  O   . LEU A 1 80  ? -5.58497  5.20959   1.47841   1.000 14.17000 ? 79  LEU A O   1 
ATOM   652  C  CB  . LEU A 1 80  ? -3.25155  4.92938   3.17538   1.000 18.76000 ? 79  LEU A CB  1 
ATOM   653  C  CG  . LEU A 1 80  ? -1.91416  4.89973   3.86058   1.000 21.41000 ? 79  LEU A CG  1 
ATOM   654  C  CD1 . LEU A 1 80  ? -0.92709  4.47186   2.82139   1.000 26.72000 ? 79  LEU A CD1 1 
ATOM   655  C  CD2 . LEU A 1 80  ? -1.53820  6.18037   4.51829   1.000 17.01000 ? 79  LEU A CD2 1 
ATOM   656  N  N   . ASN A 1 81  ? -5.51163  7.22284   2.35411   1.000 13.85000 ? 80  ASN A N   1 
ATOM   657  C  CA  . ASN A 1 81  ? -5.91855  7.93833   1.15952   1.000 12.20000 ? 80  ASN A CA  1 
ATOM   658  C  C   . ASN A 1 81  ? -4.66754  8.45457   0.46773   1.000 14.34000 ? 80  ASN A C   1 
ATOM   659  O  O   . ASN A 1 81  ? -3.70361  8.85119   1.13362   1.000 12.43000 ? 80  ASN A O   1 
ATOM   660  C  CB  . ASN A 1 81  ? -6.84960  9.09441   1.51801   1.000 15.22000 ? 80  ASN A CB  1 
ATOM   661  C  CG  . ASN A 1 81  ? -8.22037  8.60790   1.96152   1.000 18.99000 ? 80  ASN A CG  1 
ATOM   662  O  OD1 . ASN A 1 81  ? -8.55621  7.44450   1.76759   1.000 20.48000 ? 80  ASN A OD1 1 
ATOM   663  N  ND2 . ASN A 1 81  ? -8.99752  9.48371   2.58331   1.000 20.86000 ? 80  ASN A ND2 1 
ATOM   664  N  N   . GLY A 1 82  ? -4.66989  8.40628   -0.86630  1.000 12.48000 ? 81  GLY A N   1 
ATOM   665  C  CA  . GLY A 1 82  ? -3.58826  8.97227   -1.64554  1.000 11.10000 ? 81  GLY A CA  1 
ATOM   666  C  C   . GLY A 1 82  ? -4.10371  9.96894   -2.66133  1.000 14.69000 ? 81  GLY A C   1 
ATOM   667  O  O   . GLY A 1 82  ? -5.07398  9.67960   -3.36818  1.000 13.60000 ? 81  GLY A O   1 
ATOM   668  N  N   . ASP A 1 83  ? -3.49914  11.15587  -2.71659  1.000 10.96000 ? 82  ASP A N   1 
ATOM   669  C  CA  . ASP A 1 83  ? -3.82594  12.16808  -3.72497  1.000 14.56000 ? 82  ASP A CA  1 
ATOM   670  C  C   . ASP A 1 83  ? -2.56475  12.37764  -4.53985  1.000 13.36000 ? 82  ASP A C   1 
ATOM   671  O  O   . ASP A 1 83  ? -1.56655  12.88328  -4.01453  1.000 12.72000 ? 82  ASP A O   1 
ATOM   672  C  CB  . ASP A 1 83  ? -4.28659  13.48302  -3.09870  1.000 14.87000 ? 82  ASP A CB  1 
ATOM   673  C  CG  . ASP A 1 83  ? -5.56415  13.33048  -2.27848  1.000 28.57000 ? 82  ASP A CG  1 
ATOM   674  O  OD1 . ASP A 1 83  ? -6.38245  12.44171  -2.59088  1.000 33.82000 ? 82  ASP A OD1 1 
ATOM   675  O  OD2 . ASP A 1 83  ? -5.74938  14.09732  -1.30743  1.000 31.64000 ? 82  ASP A OD2 1 
ATOM   676  N  N   . GLY A 1 84  ? -2.59389  11.95653  -5.79637  1.000 12.19000 ? 83  GLY A N   1 
ATOM   677  C  CA  . GLY A 1 84  ? -1.46204  12.11474  -6.68068  1.000 14.57000 ? 83  GLY A CA  1 
ATOM   678  C  C   . GLY A 1 84  ? -1.64097  13.27610  -7.64551  1.000 15.22000 ? 83  GLY A C   1 
ATOM   679  O  O   . GLY A 1 84  ? -2.75009  13.73392  -7.91902  1.000 16.15000 ? 83  GLY A O   1 
ATOM   680  N  N   . ARG A 1 85  ? -0.53340  13.74963  -8.18317  1.000 14.79000 ? 84  ARG A N   1 
ATOM   681  C  CA  . ARG A 1 85  ? -0.58398  14.84536  -9.12379  1.000 15.99000 ? 84  ARG A CA  1 
ATOM   682  C  C   . ARG A 1 85  ? -1.23746  14.35543  -10.40634 1.000 13.62000 ? 84  ARG A C   1 
ATOM   683  O  O   . ARG A 1 85  ? -1.13247  13.19160  -10.74984 1.000 15.31000 ? 84  ARG A O   1 
ATOM   684  C  CB  . ARG A 1 85  ? 0.82066   15.37734  -9.39042  1.000 16.72000 ? 84  ARG A CB  1 
ATOM   685  C  CG  . ARG A 1 85  ? 1.31205   16.31173  -8.30310  1.000 27.06000 ? 84  ARG A CG  1 
ATOM   686  C  CD  . ARG A 1 85  ? 2.50301   17.12104  -8.77709  1.000 38.84000 ? 84  ARG A CD  1 
ATOM   687  N  NE  . ARG A 1 85  ? 2.10713   18.33792  -9.47490  1.000 37.86000 ? 84  ARG A NE  1 
ATOM   688  C  CZ  . ARG A 1 85  ? 2.58109   18.70195  -10.65927 1.000 39.57000 ? 84  ARG A CZ  1 
ATOM   689  N  NH1 . ARG A 1 85  ? 3.46646   17.93652  -11.27770 1.000 39.78000 ? 84  ARG A NH1 1 
ATOM   690  N  NH2 . ARG A 1 85  ? 2.17572   19.82977  -11.22388 1.000 41.62000 ? 84  ARG A NH2 1 
ATOM   691  N  N   . GLY A 1 86  ? -1.93308  15.24172  -11.09882 1.000 17.16000 ? 85  GLY A N   1 
ATOM   692  C  CA  . GLY A 1 86  ? -2.57722  14.84740  -12.33139 1.000 16.43000 ? 85  GLY A CA  1 
ATOM   693  C  C   . GLY A 1 86  ? -3.94335  14.21409  -12.17974 1.000 15.85000 ? 85  GLY A C   1 
ATOM   694  O  O   . GLY A 1 86  ? -4.45511  13.66354  -13.15668 1.000 20.24000 ? 85  GLY A O   1 
ATOM   695  N  N   . GLY A 1 87  ? -4.55879  14.28233  -11.00543 1.000 15.07000 ? 86  GLY A N   1 
ATOM   696  C  CA  . GLY A 1 87  ? -5.92036  13.80687  -10.85966 1.000 16.71000 ? 86  GLY A CA  1 
ATOM   697  C  C   . GLY A 1 87  ? -6.03653  12.36987  -10.40149 1.000 17.83000 ? 86  GLY A C   1 
ATOM   698  O  O   . GLY A 1 87  ? -7.04128  11.71283  -10.70177 1.000 17.25000 ? 86  GLY A O   1 
ATOM   699  N  N   . VAL A 1 88  ? -5.03124  11.85465  -9.69855  1.000 14.18000 ? 87  VAL A N   1 
ATOM   700  C  CA  . VAL A 1 88  ? -5.05966  10.49480  -9.17405  1.000 13.77000 ? 87  VAL A CA  1 
ATOM   701  C  C   . VAL A 1 88  ? -5.58549  10.53663  -7.74954  1.000 15.33000 ? 87  VAL A C   1 
ATOM   702  O  O   . VAL A 1 88  ? -5.12141  11.33563  -6.92708  1.000 14.15000 ? 87  VAL A O   1 
ATOM   703  C  CB  . VAL A 1 88  ? -3.66448  9.85773   -9.22680  1.000 14.68000 ? 87  VAL A CB  1 
ATOM   704  C  CG1 . VAL A 1 88  ? -3.62843  8.58875   -8.37805  1.000 15.24000 ? 87  VAL A CG1 1 
ATOM   705  C  CG2 . VAL A 1 88  ? -3.30142  9.54072   -10.63780 1.000 16.28000 ? 87  VAL A CG2 1 
ATOM   706  N  N   . LYS A 1 89  ? -6.56617  9.68624   -7.46052  1.000 12.84000 ? 88  LYS A N   1 
ATOM   707  C  CA  . LYS A 1 89  ? -7.13336  9.57490   -6.12472  1.000 14.03000 ? 88  LYS A CA  1 
ATOM   708  C  C   . LYS A 1 89  ? -7.27976  8.09926   -5.81993  1.000 15.51000 ? 88  LYS A C   1 
ATOM   709  O  O   . LYS A 1 89  ? -7.99088  7.39187   -6.54109  1.000 14.73000 ? 88  LYS A O   1 
ATOM   710  C  CB  . LYS A 1 89  ? -8.49655  10.26841  -6.02619  1.000 15.04000 ? 88  LYS A CB  1 
ATOM   711  C  CG  . LYS A 1 89  ? -8.51452  11.74828  -6.40460  1.000 23.74000 ? 88  LYS A CG  1 
ATOM   712  C  CD  . LYS A 1 89  ? -7.70665  12.61385  -5.45149  1.000 26.41000 ? 88  LYS A CD  1 
ATOM   713  C  CE  . LYS A 1 89  ? -7.64124  14.05919  -5.94617  1.000 28.98000 ? 88  LYS A CE  1 
ATOM   714  N  NZ  . LYS A 1 89  ? -8.17267  14.17994  -7.33985  1.000 30.03000 ? 88  LYS A NZ  1 
ATOM   715  N  N   . VAL A 1 90  ? -6.61519  7.62941   -4.75980  1.000 13.81000 ? 89  VAL A N   1 
ATOM   716  C  CA  . VAL A 1 90  ? -6.69051  6.22280   -4.38168  1.000 9.76000  ? 89  VAL A CA  1 
ATOM   717  C  C   . VAL A 1 90  ? -7.00240  6.10036   -2.89616  1.000 13.15000 ? 89  VAL A C   1 
ATOM   718  O  O   . VAL A 1 90  ? -6.77570  7.01831   -2.10257  1.000 11.93000 ? 89  VAL A O   1 
ATOM   719  C  CB  . VAL A 1 90  ? -5.39736  5.45149   -4.70362  1.000 11.89000 ? 89  VAL A CB  1 
ATOM   720  C  CG1 . VAL A 1 90  ? -4.92812  5.73415   -6.15386  1.000 12.35000 ? 89  VAL A CG1 1 
ATOM   721  C  CG2 . VAL A 1 90  ? -4.31399  5.78800   -3.66497  1.000 16.07000 ? 89  VAL A CG2 1 
ATOM   722  N  N   . LYS A 1 91  ? -7.53208  4.93533   -2.52859  1.000 11.28000 ? 90  LYS A N   1 
ATOM   723  C  CA  . LYS A 1 91  ? -7.76237  4.59736   -1.13244  1.000 12.43000 ? 90  LYS A CA  1 
ATOM   724  C  C   . LYS A 1 91  ? -7.27430  3.17835   -0.91832  1.000 14.37000 ? 90  LYS A C   1 
ATOM   725  O  O   . LYS A 1 91  ? -7.62668  2.27421   -1.67949  1.000 13.46000 ? 90  LYS A O   1 
ATOM   726  C  CB  . LYS A 1 91  ? -9.23055  4.72816   -0.73780  1.000 14.68000 ? 90  LYS A CB  1 
ATOM   727  C  CG  . LYS A 1 91  ? -9.48438  4.33364   0.71609   1.000 21.79000 ? 90  LYS A CG  1 
ATOM   728  C  CD  . LYS A 1 91  ? -10.96093 4.33281   1.05678   1.000 19.73000 ? 90  LYS A CD  1 
ATOM   729  C  CE  . LYS A 1 91  ? -11.51001 5.74118   1.28223   1.000 26.26000 ? 90  LYS A CE  1 
ATOM   730  N  NZ  . LYS A 1 91  ? -11.10496 6.34262   2.58883   1.000 26.49000 ? 90  LYS A NZ  1 
ATOM   731  N  N   . LEU A 1 92  ? -6.43241  2.99966   0.09263   1.000 15.24000 ? 91  LEU A N   1 
ATOM   732  C  CA  . LEU A 1 92  ? -5.77521  1.72588   0.35929   1.000 15.69000 ? 91  LEU A CA  1 
ATOM   733  C  C   . LEU A 1 92  ? -6.25449  1.26122   1.72624   1.000 18.52000 ? 91  LEU A C   1 
ATOM   734  O  O   . LEU A 1 92  ? -5.98222  1.91945   2.73079   1.000 20.75000 ? 91  LEU A O   1 
ATOM   735  C  CB  . LEU A 1 92  ? -4.25583  1.88120   0.30214   1.000 18.42000 ? 91  LEU A CB  1 
ATOM   736  C  CG  . LEU A 1 92  ? -3.38569  0.70283   0.74244   1.000 20.17000 ? 91  LEU A CG  1 
ATOM   737  C  CD1 . LEU A 1 92  ? -3.51262  -0.43273  -0.23758  1.000 18.96000 ? 91  LEU A CD1 1 
ATOM   738  C  CD2 . LEU A 1 92  ? -1.93307  1.16434   0.85578   1.000 19.87000 ? 91  LEU A CD2 1 
ATOM   739  N  N   . ILE A 1 93  ? -7.02414  0.18035   1.74731   1.000 15.62000 ? 92  ILE A N   1 
ATOM   740  C  CA  . ILE A 1 93  ? -7.54643  -0.42796  2.96822   1.000 19.42000 ? 92  ILE A CA  1 
ATOM   741  C  C   . ILE A 1 93  ? -6.69262  -1.65481  3.25039   1.000 23.53000 ? 92  ILE A C   1 
ATOM   742  O  O   . ILE A 1 93  ? -6.68397  -2.60921  2.46349   1.000 21.14000 ? 92  ILE A O   1 
ATOM   743  C  CB  . ILE A 1 93  ? -9.02164  -0.82275  2.83053   1.000 22.70000 ? 92  ILE A CB  1 
ATOM   744  C  CG1 . ILE A 1 93  ? -9.87861  0.36519   2.38515   1.000 22.07000 ? 92  ILE A CG1 1 
ATOM   745  C  CG2 . ILE A 1 93  ? -9.53010  -1.42010  4.13447   1.000 20.83000 ? 92  ILE A CG2 1 
ATOM   746  C  CD1 . ILE A 1 93  ? -10.49137 1.12343   3.52285   1.000 30.76000 ? 92  ILE A CD1 1 
ATOM   747  N  N   . GLY A 1 94  ? -5.98733  -1.63683  4.37410   1.000 22.60000 ? 93  GLY A N   1 
ATOM   748  C  CA  . GLY A 1 94  ? -5.05658  -2.69037  4.73997   1.000 20.13000 ? 93  GLY A CA  1 
ATOM   749  C  C   . GLY A 1 94  ? -5.61609  -3.43713  5.93775   1.000 21.75000 ? 93  GLY A C   1 
ATOM   750  O  O   . GLY A 1 94  ? -6.23084  -2.83798  6.82470   1.000 17.78000 ? 93  GLY A O   1 
ATOM   751  N  N   . LYS A 1 95  ? -5.42907  -4.74756  5.93406   1.000 13.62000 ? 94  LYS A N   1 
ATOM   752  C  CA  . LYS A 1 95  ? -5.98178  -5.58673  6.98180   1.000 16.96000 ? 94  LYS A CA  1 
ATOM   753  C  C   . LYS A 1 95  ? -4.96845  -6.67110  7.28994   1.000 16.84000 ? 94  LYS A C   1 
ATOM   754  O  O   . LYS A 1 95  ? -4.37335  -7.24779  6.37353   1.000 16.40000 ? 94  LYS A O   1 
ATOM   755  C  CB  . LYS A 1 95  ? -7.31725  -6.20079  6.55161   1.000 21.93000 ? 94  LYS A CB  1 
ATOM   756  C  CG  . LYS A 1 95  ? -8.48048  -5.22441  6.56078   1.000 24.78000 ? 94  LYS A CG  1 
ATOM   757  C  CD  . LYS A 1 95  ? -9.78605  -5.92317  6.91379   1.000 30.79000 ? 94  LYS A CD  1 
ATOM   758  C  CE  . LYS A 1 95  ? -10.80946 -4.94238  7.46959   1.000 33.93000 ? 94  LYS A CE  1 
ATOM   759  N  NZ  . LYS A 1 95  ? -10.87589 -3.67756  6.66567   1.000 36.43000 ? 94  LYS A NZ  1 
ATOM   760  N  N   . ILE A 1 96  ? -4.75609  -6.91710  8.57829   1.000 16.85000 ? 95  ILE A N   1 
ATOM   761  C  CA  . ILE A 1 96  ? -3.90652  -7.99571  9.05616   1.000 13.50000 ? 95  ILE A CA  1 
ATOM   762  C  C   . ILE A 1 96  ? -4.77653  -8.85896  9.96137   1.000 17.96000 ? 95  ILE A C   1 
ATOM   763  O  O   . ILE A 1 96  ? -5.35093  -8.35204  10.93395  1.000 15.42000 ? 95  ILE A O   1 
ATOM   764  C  CB  . ILE A 1 96  ? -2.68766  -7.46483  9.82235   1.000 15.67000 ? 95  ILE A CB  1 
ATOM   765  C  CG1 . ILE A 1 96  ? -1.74084  -6.69403  8.89860   1.000 15.54000 ? 95  ILE A CG1 1 
ATOM   766  C  CG2 . ILE A 1 96  ? -1.96517  -8.61275  10.51233  1.000 17.63000 ? 95  ILE A CG2 1 
ATOM   767  C  CD1 . ILE A 1 96  ? -0.90229  -7.54439  8.03718   1.000 21.16000 ? 95  ILE A CD1 1 
ATOM   768  N  N   . LYS A 1 97  ? -4.89743  -10.14791 9.63298   1.000 13.53000 ? 96  LYS A N   1 
ATOM   769  C  CA  . LYS A 1 97  ? -5.80691  -11.02548 10.36519  1.000 19.08000 ? 96  LYS A CA  1 
ATOM   770  C  C   . LYS A 1 97  ? -5.06731  -12.29777 10.76761  1.000 16.65000 ? 96  LYS A C   1 
ATOM   771  O  O   . LYS A 1 97  ? -4.37739  -12.89972 9.93263   1.000 16.45000 ? 96  LYS A O   1 
ATOM   772  C  CB  . LYS A 1 97  ? -7.03829  -11.37056 9.50770   1.000 15.44000 ? 96  LYS A CB  1 
ATOM   773  C  CG  . LYS A 1 97  ? -7.62626  -10.18735 8.74078   1.000 24.37000 ? 96  LYS A CG  1 
ATOM   774  C  CD  . LYS A 1 97  ? -8.77643  -10.62336 7.83084   1.000 27.02000 ? 96  LYS A CD  1 
ATOM   775  C  CE  . LYS A 1 97  ? -10.08153 -9.91003  8.17789   1.000 34.52000 ? 96  LYS A CE  1 
ATOM   776  N  NZ  . LYS A 1 97  ? -11.27732 -10.55705 7.53557   1.000 35.78000 ? 96  LYS A NZ  1 
ATOM   777  N  N   . PRO A 1 98  ? -5.19469  -12.75543 12.00794  1.000 19.43000 ? 97  PRO A N   1 
ATOM   778  C  CA  . PRO A 1 98  ? -4.56860  -14.03566 12.37478  1.000 17.84000 ? 97  PRO A CA  1 
ATOM   779  C  C   . PRO A 1 98  ? -5.20821  -15.19308 11.62267  1.000 17.58000 ? 97  PRO A C   1 
ATOM   780  O  O   . PRO A 1 98  ? -6.41889  -15.21628 11.39818  1.000 21.15000 ? 97  PRO A O   1 
ATOM   781  C  CB  . PRO A 1 98  ? -4.82627  -14.16131 13.88517  1.000 19.99000 ? 97  PRO A CB  1 
ATOM   782  C  CG  . PRO A 1 98  ? -5.73291  -13.03427 14.27267  1.000 22.36000 ? 97  PRO A CG  1 
ATOM   783  C  CD  . PRO A 1 98  ? -6.11377  -12.24457 13.03830  1.000 19.13000 ? 97  PRO A CD  1 
ATOM   784  N  N   . THR A 1 99  ? -4.38577  -16.18126 11.25999  1.000 20.18000 ? 98  THR A N   1 
ATOM   785  C  CA  . THR A 1 99  ? -4.86249  -17.45077 10.70755  1.000 23.57000 ? 98  THR A CA  1 
ATOM   786  C  C   . THR A 1 99  ? -4.25656  -18.62914 11.48015  1.000 24.90000 ? 98  THR A C   1 
ATOM   787  O  O   . THR A 1 99  ? -3.43814  -18.45535 12.39028  1.000 24.64000 ? 98  THR A O   1 
ATOM   788  C  CB  . THR A 1 99  ? -4.50345  -17.61243 9.22658   1.000 20.06000 ? 98  THR A CB  1 
ATOM   789  O  OG1 . THR A 1 99  ? -3.08263  -17.75185 9.11285   1.000 27.23000 ? 98  THR A OG1 1 
ATOM   790  C  CG2 . THR A 1 99  ? -4.96219  -16.41826 8.39146   1.000 24.58000 ? 98  THR A CG2 1 
ATOM   791  N  N   . ASP A 1 100 ? -4.65197  -19.84048 11.06884  1.000 26.41000 ? 99  ASP A N   1 
ATOM   792  C  CA  . ASP A 1 100 ? -4.07357  -21.07391 11.60652  1.000 29.72000 ? 99  ASP A CA  1 
ATOM   793  C  C   . ASP A 1 100 ? -2.55610  -21.03574 11.57798  1.000 33.70000 ? 99  ASP A C   1 
ATOM   794  O  O   . ASP A 1 100 ? -1.88982  -21.36595 12.56698  1.000 39.61000 ? 99  ASP A O   1 
ATOM   795  C  CB  . ASP A 1 100 ? -4.54409  -22.28828 10.79913  1.000 35.09000 ? 99  ASP A CB  1 
ATOM   796  C  CG  . ASP A 1 100 ? -6.02915  -22.52775 10.89962  1.000 44.18000 ? 99  ASP A CG  1 
ATOM   797  O  OD1 . ASP A 1 100 ? -6.60409  -22.19522 11.94977  1.000 42.52000 ? 99  ASP A OD1 1 
ATOM   798  O  OD2 . ASP A 1 100 ? -6.62140  -23.06284 9.93306   1.000 52.62000 ? 99  ASP A OD2 1 
ATOM   799  N  N   . ASN A 1 101 ? -1.98671  -20.66457 10.43436  1.000 27.98000 ? 100 ASN A N   1 
ATOM   800  C  CA  . ASN A 1 101 ? -0.55118  -20.80299 10.22433  1.000 30.96000 ? 100 ASN A CA  1 
ATOM   801  C  C   . ASN A 1 101 ? 0.14890   -19.45917 10.06840  1.000 32.02000 ? 100 ASN A C   1 
ATOM   802  O  O   . ASN A 1 101 ? 1.15220   -19.36059 9.35631   1.000 32.13000 ? 100 ASN A O   1 
ATOM   803  C  CB  . ASN A 1 101 ? -0.26552  -21.70067 9.01972   1.000 37.84000 ? 100 ASN A CB  1 
ATOM   804  C  CG  . ASN A 1 101 ? -0.24137  -23.17701 9.38950   1.000 41.68000 ? 100 ASN A CG  1 
ATOM   805  O  OD1 . ASN A 1 101 ? -0.51525  -24.04111 8.56133   1.000 52.68000 ? 100 ASN A OD1 1 
ATOM   806  N  ND2 . ASN A 1 101 ? 0.08690   -23.47009 10.64327  1.000 43.84000 ? 100 ASN A ND2 1 
ATOM   807  N  N   . GLY A 1 102 ? -0.35930  -18.42291 10.73983  1.000 24.25000 ? 101 GLY A N   1 
ATOM   808  C  CA  . GLY A 1 102 ? 0.31033   -17.13864 10.74744  1.000 19.99000 ? 101 GLY A CA  1 
ATOM   809  C  C   . GLY A 1 102 ? -0.63521  -15.95992 10.69791  1.000 19.38000 ? 101 GLY A C   1 
ATOM   810  O  O   . GLY A 1 102 ? -1.37269  -15.68369 11.64818  1.000 18.13000 ? 101 GLY A O   1 
ATOM   811  N  N   . ALA A 1 103 ? -0.62606  -15.25574 9.57885   1.000 14.13000 ? 102 ALA A N   1 
ATOM   812  C  CA  . ALA A 1 103 ? -1.49650  -14.10309 9.44013   1.000 17.21000 ? 102 ALA A CA  1 
ATOM   813  C  C   . ALA A 1 103 ? -1.60494  -13.79533 7.96104   1.000 15.22000 ? 102 ALA A C   1 
ATOM   814  O  O   . ALA A 1 103 ? -0.67028  -14.05567 7.20156   1.000 17.15000 ? 102 ALA A O   1 
ATOM   815  C  CB  . ALA A 1 103 ? -0.95360  -12.89223 10.20539  1.000 14.13000 ? 102 ALA A CB  1 
ATOM   816  N  N   . THR A 1 104 ? -2.74839  -13.26923 7.54784   1.000 13.65000 ? 103 THR A N   1 
ATOM   817  C  CA  . THR A 1 104 ? -2.84021  -12.72791 6.20045   1.000 15.65000 ? 103 THR A CA  1 
ATOM   818  C  C   . THR A 1 104 ? -2.57157  -11.23318 6.24350   1.000 16.12000 ? 103 THR A C   1 
ATOM   819  O  O   . THR A 1 104 ? -2.89567  -10.55190 7.22260   1.000 15.84000 ? 103 THR A O   1 
ATOM   820  C  CB  . THR A 1 104 ? -4.19654  -12.99650 5.54602   1.000 21.19000 ? 103 THR A CB  1 
ATOM   821  O  OG1 . THR A 1 104 ? -5.23838  -12.43152 6.34497   1.000 24.24000 ? 103 THR A OG1 1 
ATOM   822  C  CG2 . THR A 1 104 ? -4.41711  -14.49154 5.37148   1.000 19.56000 ? 103 THR A CG2 1 
ATOM   823  N  N   . VAL A 1 105 ? -1.93460  -10.74649 5.18662   1.000 16.56000 ? 104 VAL A N   1 
ATOM   824  C  CA  . VAL A 1 105 ? -1.70028  -9.33390  4.94622   1.000 17.80000 ? 104 VAL A CA  1 
ATOM   825  C  C   . VAL A 1 105 ? -2.33506  -9.07822  3.59707   1.000 16.67000 ? 104 VAL A C   1 
ATOM   826  O  O   . VAL A 1 105 ? -1.86523  -9.61454  2.59011   1.000 15.26000 ? 104 VAL A O   1 
ATOM   827  C  CB  . VAL A 1 105 ? -0.20665  -8.98738  4.91863   1.000 18.29000 ? 104 VAL A CB  1 
ATOM   828  C  CG1 . VAL A 1 105 ? -0.01579  -7.49135  4.80242   1.000 19.75000 ? 104 VAL A CG1 1 
ATOM   829  C  CG2 . VAL A 1 105 ? 0.49029   -9.53152  6.14613   1.000 19.62000 ? 104 VAL A CG2 1 
ATOM   830  N  N   . GLY A 1 106 ? -3.43616  -8.33255  3.57590   1.000 16.29000 ? 105 GLY A N   1 
ATOM   831  C  CA  . GLY A 1 106 ? -4.13610  -8.07010  2.34088   1.000 21.02000 ? 105 GLY A CA  1 
ATOM   832  C  C   . GLY A 1 106 ? -4.44887  -6.59596  2.21163   1.000 22.12000 ? 105 GLY A C   1 
ATOM   833  O  O   . GLY A 1 106 ? -4.52158  -5.86603  3.20014   1.000 20.34000 ? 105 GLY A O   1 
ATOM   834  N  N   . PHE A 1 107 ? -4.63147  -6.16701  0.96033   1.000 20.62000 ? 106 PHE A N   1 
ATOM   835  C  CA  . PHE A 1 107 ? -5.02911  -4.79885  0.65206   1.000 23.35000 ? 106 PHE A CA  1 
ATOM   836  C  C   . PHE A 1 107 ? -6.17067  -4.79892  -0.34737  1.000 21.20000 ? 106 PHE A C   1 
ATOM   837  O  O   . PHE A 1 107 ? -6.14103  -5.55036  -1.32787  1.000 20.64000 ? 106 PHE A O   1 
ATOM   838  C  CB  . PHE A 1 107 ? -3.90599  -3.98139  0.02874   1.000 21.66000 ? 106 PHE A CB  1 
ATOM   839  C  CG  . PHE A 1 107 ? -2.74172  -3.73915  0.92581   1.000 25.27000 ? 106 PHE A CG  1 
ATOM   840  C  CD1 . PHE A 1 107 ? -2.85418  -2.91037  2.02579   1.000 24.74000 ? 106 PHE A CD1 1 
ATOM   841  C  CD2 . PHE A 1 107 ? -1.51947  -4.31106  0.64341   1.000 25.75000 ? 106 PHE A CD2 1 
ATOM   842  C  CE1 . PHE A 1 107 ? -1.76817  -2.68127  2.85531   1.000 27.55000 ? 106 PHE A CE1 1 
ATOM   843  C  CE2 . PHE A 1 107 ? -0.42341  -4.08944  1.45933   1.000 30.50000 ? 106 PHE A CE2 1 
ATOM   844  C  CZ  . PHE A 1 107 ? -0.54619  -3.26561  2.56925   1.000 29.71000 ? 106 PHE A CZ  1 
ATOM   845  N  N   . ASP A 1 108 ? -7.16639  -3.95303  -0.10044  1.000 16.23000 ? 107 ASP A N   1 
ATOM   846  C  CA  . ASP A 1 108 ? -8.08119  -3.49524  -1.13586  1.000 18.94000 ? 107 ASP A CA  1 
ATOM   847  C  C   . ASP A 1 108 ? -7.64233  -2.09930  -1.56507  1.000 18.54000 ? 107 ASP A C   1 
ATOM   848  O  O   . ASP A 1 108 ? -7.46779  -1.21988  -0.71701  1.000 17.09000 ? 107 ASP A O   1 
ATOM   849  C  CB  . ASP A 1 108 ? -9.51805  -3.47147  -0.62325  1.000 18.35000 ? 107 ASP A CB  1 
ATOM   850  C  CG  . ASP A 1 108 ? -10.04266 -4.85200  -0.32518  1.000 28.56000 ? 107 ASP A CG  1 
ATOM   851  O  OD1 . ASP A 1 108 ? -9.94657  -5.71266  -1.22060  1.000 29.42000 ? 107 ASP A OD1 1 
ATOM   852  O  OD2 . ASP A 1 108 ? -10.54459 -5.08625  0.80081   1.000 37.49000 ? 107 ASP A OD2 1 
ATOM   853  N  N   . LEU A 1 109 ? -7.46884  -1.88965  -2.87087  1.000 16.08000 ? 108 LEU A N   1 
ATOM   854  C  CA  . LEU A 1 109 ? -6.98662  -0.61290  -3.38482  1.000 11.71000 ? 108 LEU A CA  1 
ATOM   855  C  C   . LEU A 1 109 ? -8.01569  -0.06978  -4.38019  1.000 14.02000 ? 108 LEU A C   1 
ATOM   856  O  O   . LEU A 1 109 ? -8.25561  -0.67913  -5.42365  1.000 13.85000 ? 108 LEU A O   1 
ATOM   857  C  CB  . LEU A 1 109 ? -5.60973  -0.78249  -4.01953  1.000 11.94000 ? 108 LEU A CB  1 
ATOM   858  C  CG  . LEU A 1 109 ? -4.97923  0.39630   -4.77961  1.000 14.83000 ? 108 LEU A CG  1 
ATOM   859  C  CD1 . LEU A 1 109 ? -4.73349  1.59360   -3.86410  1.000 16.47000 ? 108 LEU A CD1 1 
ATOM   860  C  CD2 . LEU A 1 109 ? -3.67710  -0.06072  -5.40299  1.000 19.41000 ? 108 LEU A CD2 1 
ATOM   861  N  N   . HIS A 1 110 ? -8.64823  1.04843   -4.02694  1.000 11.71000 ? 109 HIS A N   1 
ATOM   862  C  CA  . HIS A 1 110 ? -9.62438  1.72358   -4.86813  1.000 13.44000 ? 109 HIS A CA  1 
ATOM   863  C  C   . HIS A 1 110 ? -8.88488  2.73488   -5.73199  1.000 11.99000 ? 109 HIS A C   1 
ATOM   864  O  O   . HIS A 1 110 ? -8.07647  3.51344   -5.21614  1.000 12.95000 ? 109 HIS A O   1 
ATOM   865  C  CB  . HIS A 1 110 ? -10.66857 2.44059   -4.01107  1.000 16.32000 ? 109 HIS A CB  1 
ATOM   866  C  CG  . HIS A 1 110 ? -11.50015 1.52851   -3.16964  1.000 17.04000 ? 109 HIS A CG  1 
ATOM   867  N  ND1 . HIS A 1 110 ? -11.02616 0.93897   -2.01496  1.000 21.13000 ? 109 HIS A ND1 1 
ATOM   868  C  CD2 . HIS A 1 110 ? -12.77391 1.09728   -3.31725  1.000 20.21000 ? 109 HIS A CD2 1 
ATOM   869  C  CE1 . HIS A 1 110 ? -11.97602 0.18649   -1.48596  1.000 20.30000 ? 109 HIS A CE1 1 
ATOM   870  N  NE2 . HIS A 1 110 ? -13.04558 0.26492   -2.25576  1.000 26.98000 ? 109 HIS A NE2 1 
ATOM   871  N  N   . LEU A 1 111 ? -9.15754  2.74147   -7.03767  1.000 12.66000 ? 110 LEU A N   1 
ATOM   872  C  CA  . LEU A 1 111 ? -8.39614  3.58875   -7.96028  1.000 9.04000  ? 110 LEU A CA  1 
ATOM   873  C  C   . LEU A 1 111 ? -9.34568  4.54018   -8.66808  1.000 12.62000 ? 110 LEU A C   1 
ATOM   874  O  O   . LEU A 1 111 ? -10.27932 4.09484   -9.33580  1.000 11.96000 ? 110 LEU A O   1 
ATOM   875  C  CB  . LEU A 1 111 ? -7.63124  2.75662   -8.98464  1.000 10.03000 ? 110 LEU A CB  1 
ATOM   876  C  CG  . LEU A 1 111 ? -6.67738  1.71595   -8.42596  1.000 12.43000 ? 110 LEU A CG  1 
ATOM   877  C  CD1 . LEU A 1 111 ? -6.27076  0.78658   -9.54350  1.000 16.30000 ? 110 LEU A CD1 1 
ATOM   878  C  CD2 . LEU A 1 111 ? -5.43057  2.36500   -7.76703  1.000 8.70000  ? 110 LEU A CD2 1 
ATOM   879  N  N   . GLY A 1 112 ? -9.07771  5.83666   -8.55164  1.000 11.30000 ? 111 GLY A N   1 
ATOM   880  C  CA  . GLY A 1 112 ? -10.00095 6.83226   -9.02950  1.000 13.39000 ? 111 GLY A CA  1 
ATOM   881  C  C   . GLY A 1 112 ? -9.34889  8.17211   -9.25634  1.000 14.63000 ? 111 GLY A C   1 
ATOM   882  O  O   . GLY A 1 112 ? -8.14783  8.27121   -9.51836  1.000 12.97000 ? 111 GLY A O   1 
ATOM   883  N  N   . GLY A 1 113 ? -10.16584 9.21116   -9.13568  1.000 14.94000 ? 112 GLY A N   1 
ATOM   884  C  CA  . GLY A 1 113 ? -9.79761  10.51692  -9.60413  1.000 13.34000 ? 112 GLY A CA  1 
ATOM   885  C  C   . GLY A 1 113 ? -9.94201  10.51592  -11.10397 1.000 14.44000 ? 112 GLY A C   1 
ATOM   886  O  O   . GLY A 1 113 ? -9.96537  9.45804   -11.74247 1.000 13.40000 ? 112 GLY A O   1 
ATOM   887  N  N   . PRO A 1 114 ? -10.05266 11.70610  -11.69534 1.000 15.55000 ? 113 PRO A N   1 
ATOM   888  C  CA  . PRO A 1 114 ? -10.22830 11.79293  -13.15401 1.000 15.26000 ? 113 PRO A CA  1 
ATOM   889  C  C   . PRO A 1 114 ? -9.22554  10.96609  -13.94423 1.000 18.49000 ? 113 PRO A C   1 
ATOM   890  O  O   . PRO A 1 114 ? -9.59564  10.33683  -14.94586 1.000 18.33000 ? 113 PRO A O   1 
ATOM   891  C  CB  . PRO A 1 114 ? -10.04419 13.29115  -13.42244 1.000 17.92000 ? 113 PRO A CB  1 
ATOM   892  C  CG  . PRO A 1 114 ? -10.40041 13.94492  -12.14533 1.000 17.49000 ? 113 PRO A CG  1 
ATOM   893  C  CD  . PRO A 1 114 ? -9.96319  13.03340  -11.06098 1.000 15.65000 ? 113 PRO A CD  1 
ATOM   894  N  N   . ALA A 1 115 ? -7.95895  10.95265  -13.51259 1.000 15.93000 ? 114 ALA A N   1 
ATOM   895  C  CA  . ALA A 1 115 ? -6.91610  10.27841  -14.28041 1.000 14.99000 ? 114 ALA A CA  1 
ATOM   896  C  C   . ALA A 1 115 ? -7.19562  8.78835   -14.43959 1.000 16.99000 ? 114 ALA A C   1 
ATOM   897  O  O   . ALA A 1 115 ? -6.91954  8.21615   -15.49815 1.000 15.84000 ? 114 ALA A O   1 
ATOM   898  C  CB  . ALA A 1 115 ? -5.55727  10.49325  -13.61684 1.000 16.78000 ? 114 ALA A CB  1 
ATOM   899  N  N   . LEU A 1 116 ? -7.71572  8.13395   -13.39178 1.000 13.39000 ? 115 LEU A N   1 
ATOM   900  C  CA  . LEU A 1 116 ? -7.94873  6.68943   -13.42007 1.000 12.77000 ? 115 LEU A CA  1 
ATOM   901  C  C   . LEU A 1 116 ? -9.38742  6.30705   -13.75619 1.000 13.06000 ? 115 LEU A C   1 
ATOM   902  O  O   . LEU A 1 116 ? -9.65136  5.13235   -14.05316 1.000 10.68000 ? 115 LEU A O   1 
ATOM   903  C  CB  . LEU A 1 116 ? -7.55515  6.06344   -12.07111 1.000 12.44000 ? 115 LEU A CB  1 
ATOM   904  C  CG  . LEU A 1 116 ? -6.12152  6.36782   -11.64126 1.000 8.70000  ? 115 LEU A CG  1 
ATOM   905  C  CD1 . LEU A 1 116 ? -5.80277  5.63885   -10.33584 1.000 10.12000 ? 115 LEU A CD1 1 
ATOM   906  C  CD2 . LEU A 1 116 ? -5.15641  5.92786   -12.72570 1.000 12.35000 ? 115 LEU A CD2 1 
ATOM   907  N  N   . PHE A 1 117 ? -10.32830 7.25626   -13.70363 1.000 14.21000 ? 116 PHE A N   1 
ATOM   908  C  CA  . PHE A 1 117 ? -11.62341 7.01688   -14.33231 1.000 11.00000 ? 116 PHE A CA  1 
ATOM   909  C  C   . PHE A 1 117 ? -11.47818 6.91420   -15.84622 1.000 13.51000 ? 116 PHE A C   1 
ATOM   910  O  O   . PHE A 1 117 ? -12.30492 6.27762   -16.50467 1.000 15.79000 ? 116 PHE A O   1 
ATOM   911  C  CB  . PHE A 1 117 ? -12.62542 8.13819   -13.99908 1.000 12.68000 ? 116 PHE A CB  1 
ATOM   912  C  CG  . PHE A 1 117 ? -12.93090 8.29857   -12.53363 1.000 12.46000 ? 116 PHE A CG  1 
ATOM   913  C  CD1 . PHE A 1 117 ? -12.83832 7.23297   -11.66133 1.000 10.43000 ? 116 PHE A CD1 1 
ATOM   914  C  CD2 . PHE A 1 117 ? -13.33063 9.52121   -12.03994 1.000 15.57000 ? 116 PHE A CD2 1 
ATOM   915  C  CE1 . PHE A 1 117 ? -13.13515 7.38397   -10.33623 1.000 12.51000 ? 116 PHE A CE1 1 
ATOM   916  C  CE2 . PHE A 1 117 ? -13.62609 9.68090   -10.70950 1.000 14.39000 ? 116 PHE A CE2 1 
ATOM   917  C  CZ  . PHE A 1 117 ? -13.52576 8.60990   -9.85658  1.000 15.20000 ? 116 PHE A CZ  1 
ATOM   918  N  N   . GLY A 1 118 ? -10.44499 7.54922   -16.41313 1.000 12.71000 ? 117 GLY A N   1 
ATOM   919  C  CA  . GLY A 1 118 ? -10.23804 7.56314   -17.84244 1.000 16.69000 ? 117 GLY A CA  1 
ATOM   920  C  C   . GLY A 1 118 ? -9.66652  6.25869   -18.35037 1.000 16.41000 ? 117 GLY A C   1 
ATOM   921  O  O   . GLY A 1 118 ? -9.48753  5.28305   -17.60918 1.000 16.03000 ? 117 GLY A O   1 
ATOM   922  N  N   . PRO A 1 119 ? -9.35494  6.23313   -19.65068 1.000 17.07000 ? 118 PRO A N   1 
ATOM   923  C  CA  . PRO A 1 119 ? -9.00812  4.95039   -20.28381 1.000 17.99000 ? 118 PRO A CA  1 
ATOM   924  C  C   . PRO A 1 119 ? -7.76989  4.28184   -19.70374 1.000 17.81000 ? 118 PRO A C   1 
ATOM   925  O  O   . PRO A 1 119 ? -7.66074  3.05408   -19.76980 1.000 17.54000 ? 118 PRO A O   1 
ATOM   926  C  CB  . PRO A 1 119 ? -8.81400  5.33143   -21.75686 1.000 20.19000 ? 118 PRO A CB  1 
ATOM   927  C  CG  . PRO A 1 119 ? -9.58147  6.58525   -21.92943 1.000 22.56000 ? 118 PRO A CG  1 
ATOM   928  C  CD  . PRO A 1 119 ? -9.47076  7.32085   -20.63571 1.000 19.32000 ? 118 PRO A CD  1 
ATOM   929  N  N   . ILE A 1 120 ? -6.84960  5.03525   -19.09884 1.000 14.92000 ? 119 ILE A N   1 
ATOM   930  C  CA  . ILE A 1 120 ? -5.64363  4.41190   -18.56497 1.000 16.95000 ? 119 ILE A CA  1 
ATOM   931  C  C   . ILE A 1 120 ? -5.91110  3.58931   -17.30530 1.000 16.04000 ? 119 ILE A C   1 
ATOM   932  O  O   . ILE A 1 120 ? -5.04201  2.81468   -16.88974 1.000 15.48000 ? 119 ILE A O   1 
ATOM   933  C  CB  . ILE A 1 120 ? -4.57065  5.48261   -18.29558 1.000 15.18000 ? 119 ILE A CB  1 
ATOM   934  C  CG1 . ILE A 1 120 ? -3.17364  4.86816   -18.31655 1.000 22.05000 ? 119 ILE A CG1 1 
ATOM   935  C  CG2 . ILE A 1 120 ? -4.82451  6.18928   -16.98395 1.000 19.04000 ? 119 ILE A CG2 1 
ATOM   936  C  CD1 . ILE A 1 120 ? -2.88546  4.03746   -19.53739 1.000 19.81000 ? 119 ILE A CD1 1 
ATOM   937  N  N   . GLY A 1 121 ? -7.09426  3.72722   -16.69825 1.000 16.30000 ? 120 GLY A N   1 
ATOM   938  C  CA  . GLY A 1 121 ? -7.34783  3.06070   -15.42598 1.000 14.51000 ? 120 GLY A CA  1 
ATOM   939  C  C   . GLY A 1 121 ? -7.23692  1.54623   -15.48234 1.000 13.60000 ? 120 GLY A C   1 
ATOM   940  O  O   . GLY A 1 121 ? -6.82949  0.90633   -14.50732 1.000 13.20000 ? 120 GLY A O   1 
HETATM 941  N  N   . MSE A 1 122 ? -7.63652  0.93179   -16.59164 1.000 15.12000 ? 121 MSE A N   1 
HETATM 942  C  CA  . MSE A 1 122 ? -7.59926  -0.53468  -16.53664 1.000 18.14000 ? 121 MSE A CA  1 
HETATM 943  C  C   . MSE A 1 122 ? -6.18242  -1.05077  -16.76528 1.000 16.04000 ? 121 MSE A C   1 
HETATM 944  O  O   . MSE A 1 122 ? -5.82493  -2.14333  -16.30098 1.000 17.17000 ? 121 MSE A O   1 
HETATM 945  C  CB  . MSE A 1 122 ? -8.57702  -1.16837  -17.51650 1.000 25.93000 ? 121 MSE A CB  1 
HETATM 946  C  CG  . MSE A 1 122 ? -8.36031  -0.86143  -18.95489 1.000 27.96000 ? 121 MSE A CG  1 
HETATM 947  SE SE  . MSE A 1 122 ? -9.98777  -1.43059  -19.88830 1.000 65.26000 ? 121 MSE A SE  1 
HETATM 948  C  CE  . MSE A 1 122 ? -10.25305 0.21212   -20.90450 1.000 27.37000 ? 121 MSE A CE  1 
ATOM   949  N  N   . VAL A 1 123 ? -5.37679  -0.24353  -17.46346 1.000 15.81000 ? 122 VAL A N   1 
ATOM   950  C  CA  . VAL A 1 123 ? -3.94342  -0.50428  -17.56604 1.000 14.68000 ? 122 VAL A CA  1 
ATOM   951  C  C   . VAL A 1 123 ? -3.30100  -0.42786  -16.19190 1.000 14.05000 ? 122 VAL A C   1 
ATOM   952  O  O   . VAL A 1 123 ? -2.56062  -1.33360  -15.77328 1.000 14.82000 ? 122 VAL A O   1 
ATOM   953  C  CB  . VAL A 1 123 ? -3.28100  0.50979   -18.51988 1.000 20.63000 ? 122 VAL A CB  1 
ATOM   954  C  CG1 . VAL A 1 123 ? -1.80757  0.19444   -18.68046 1.000 24.55000 ? 122 VAL A CG1 1 
ATOM   955  C  CG2 . VAL A 1 123 ? -4.00105  0.56088   -19.84699 1.000 25.55000 ? 122 VAL A CG2 1 
ATOM   956  N  N   . VAL A 1 124 ? -3.54864  0.68271   -15.48854 1.000 13.84000 ? 123 VAL A N   1 
ATOM   957  C  CA  . VAL A 1 124 ? -2.94830  0.90673   -14.17756 1.000 11.17000 ? 123 VAL A CA  1 
ATOM   958  C  C   . VAL A 1 124 ? -3.39843  -0.16491  -13.20091 1.000 12.35000 ? 123 VAL A C   1 
ATOM   959  O  O   . VAL A 1 124 ? -2.59259  -0.68050  -12.41728 1.000 13.03000 ? 123 VAL A O   1 
ATOM   960  C  CB  . VAL A 1 124 ? -3.30070  2.30754   -13.65812 1.000 12.65000 ? 123 VAL A CB  1 
ATOM   961  C  CG1 . VAL A 1 124 ? -2.90912  2.44562   -12.19209 1.000 14.08000 ? 123 VAL A CG1 1 
ATOM   962  C  CG2 . VAL A 1 124 ? -2.61380  3.37921   -14.51488 1.000 18.03000 ? 123 VAL A CG2 1 
ATOM   963  N  N   . ALA A 1 125 ? -4.68928  -0.51931  -13.24480 1.000 11.23000 ? 124 ALA A N   1 
ATOM   964  C  CA  . ALA A 1 125 ? -5.24254  -1.53273  -12.33635 1.000 14.29000 ? 124 ALA A CA  1 
ATOM   965  C  C   . ALA A 1 125 ? -4.57801  -2.89133  -12.54329 1.000 15.26000 ? 124 ALA A C   1 
ATOM   966  O  O   . ALA A 1 125 ? -4.20091  -3.57239  -11.57704 1.000 16.33000 ? 124 ALA A O   1 
ATOM   967  C  CB  . ALA A 1 125 ? -6.75936  -1.64712  -12.54732 1.000 15.60000 ? 124 ALA A CB  1 
ATOM   968  N  N   . ALA A 1 126 ? -4.43612  -3.30586  -13.80383 1.000 14.42000 ? 125 ALA A N   1 
ATOM   969  C  CA  . ALA A 1 126 ? -3.79066  -4.57771  -14.10509 1.000 14.42000 ? 125 ALA A CA  1 
ATOM   970  C  C   . ALA A 1 126 ? -2.32888  -4.56533  -13.68068 1.000 14.35000 ? 125 ALA A C   1 
ATOM   971  O  O   . ALA A 1 126 ? -1.81892  -5.55402  -13.13798 1.000 14.23000 ? 125 ALA A O   1 
ATOM   972  C  CB  . ALA A 1 126 ? -3.90211  -4.86538  -15.59930 1.000 15.97000 ? 125 ALA A CB  1 
ATOM   973  N  N   . ALA A 1 127 ? -1.63625  -3.45473  -13.93136 1.000 12.15000 ? 126 ALA A N   1 
ATOM   974  C  CA  . ALA A 1 127 ? -0.23551  -3.35117  -13.54650 1.000 13.98000 ? 126 ALA A CA  1 
ATOM   975  C  C   . ALA A 1 127 ? -0.08675  -3.37384  -12.03491 1.000 15.99000 ? 126 ALA A C   1 
ATOM   976  O  O   . ALA A 1 127 ? 0.78123   -4.07517  -11.49937 1.000 15.69000 ? 126 ALA A O   1 
ATOM   977  C  CB  . ALA A 1 127 ? 0.37399   -2.08234  -14.14311 1.000 13.91000 ? 126 ALA A CB  1 
ATOM   978  N  N   . LEU A 1 128 ? -0.95432  -2.64735  -11.32925 1.000 13.23000 ? 127 LEU A N   1 
ATOM   979  C  CA  . LEU A 1 128 ? -0.88335  -2.60912  -9.87439  1.000 16.03000 ? 127 LEU A CA  1 
ATOM   980  C  C   . LEU A 1 128 ? -1.17424  -3.96223  -9.26132  1.000 17.33000 ? 127 LEU A C   1 
ATOM   981  O  O   . LEU A 1 128 ? -0.52731  -4.35132  -8.28835  1.000 17.33000 ? 127 LEU A O   1 
ATOM   982  C  CB  . LEU A 1 128 ? -1.85537  -1.57657  -9.32009  1.000 16.20000 ? 127 LEU A CB  1 
ATOM   983  C  CG  . LEU A 1 128 ? -1.26151  -0.17997  -9.41072  1.000 13.01000 ? 127 LEU A CG  1 
ATOM   984  C  CD1 . LEU A 1 128 ? -2.21656  0.83459   -8.80700  1.000 14.82000 ? 127 LEU A CD1 1 
ATOM   985  C  CD2 . LEU A 1 128 ? 0.10027   -0.18705  -8.69477  1.000 18.42000 ? 127 LEU A CD2 1 
ATOM   986  N  N   . LYS A 1 129 ? -2.16597  -4.67661  -9.78801  1.000 15.71000 ? 128 LYS A N   1 
ATOM   987  C  CA  . LYS A 1 129 ? -2.44061  -6.02318  -9.29615  1.000 17.90000 ? 128 LYS A CA  1 
ATOM   988  C  C   . LYS A 1 129 ? -1.16877  -6.86190  -9.28265  1.000 17.75000 ? 128 LYS A C   1 
ATOM   989  O  O   . LYS A 1 129 ? -0.79517  -7.43179  -8.24675  1.000 19.00000 ? 128 LYS A O   1 
ATOM   990  C  CB  . LYS A 1 129 ? -3.52126  -6.67829  -10.15787 1.000 20.14000 ? 128 LYS A CB  1 
ATOM   991  C  CG  . LYS A 1 129 ? -4.18236  -7.88356  -9.51864  1.000 30.38000 ? 128 LYS A CG  1 
ATOM   992  C  CD  . LYS A 1 129 ? -5.65130  -7.97421  -9.88595  1.000 31.54000 ? 128 LYS A CD  1 
ATOM   993  C  CE  . LYS A 1 129 ? -5.86030  -8.87730  -11.08707 1.000 37.67000 ? 128 LYS A CE  1 
ATOM   994  N  NZ  . LYS A 1 129 ? -5.74975  -10.33398 -10.74024 1.000 42.97000 ? 128 LYS A NZ  1 
ATOM   995  N  N   . SER A 1 130 ? -0.45828  -6.90421  -10.41226 1.000 13.04000 ? 129 SER A N   1 
ATOM   996  C  CA  . SER A 1 130 ? 0.76113   -7.70087  -10.50000 1.000 18.77000 ? 129 SER A CA  1 
ATOM   997  C  C   . SER A 1 130 ? 1.85541   -7.15089  -9.58715  1.000 16.21000 ? 129 SER A C   1 
ATOM   998  O  O   . SER A 1 130 ? 2.46219   -7.89964  -8.80982  1.000 15.79000 ? 129 SER A O   1 
ATOM   999  C  CB  . SER A 1 130 ? 1.23924   -7.75586  -11.95490 1.000 25.95000 ? 129 SER A CB  1 
ATOM   1000 O  OG  . SER A 1 130 ? 0.15235   -8.00247  -12.84346 1.000 29.08000 ? 129 SER A OG  1 
ATOM   1001 N  N   . ASP A 1 131 ? 2.11590   -5.84404  -9.66659  1.000 14.18000 ? 130 ASP A N   1 
ATOM   1002 C  CA  . ASP A 1 131 ? 3.19524   -5.23586  -8.88796  1.000 16.39000 ? 130 ASP A CA  1 
ATOM   1003 C  C   . ASP A 1 131 ? 2.96823   -5.39476  -7.39045  1.000 14.47000 ? 130 ASP A C   1 
ATOM   1004 O  O   . ASP A 1 131 ? 3.90790   -5.68468  -6.63904  1.000 11.87000 ? 130 ASP A O   1 
ATOM   1005 C  CB  . ASP A 1 131 ? 3.32393   -3.74659  -9.21040  1.000 19.73000 ? 130 ASP A CB  1 
ATOM   1006 C  CG  . ASP A 1 131 ? 4.01042   -3.47666  -10.53860 1.000 25.48000 ? 130 ASP A CG  1 
ATOM   1007 O  OD1 . ASP A 1 131 ? 4.43622   -4.43591  -11.21676 1.000 24.75000 ? 130 ASP A OD1 1 
ATOM   1008 O  OD2 . ASP A 1 131 ? 4.12722   -2.28253  -10.89979 1.000 29.85000 ? 130 ASP A OD2 1 
ATOM   1009 N  N   . ILE A 1 132 ? 1.74921   -5.14376  -6.92056  1.000 12.14000 ? 131 ILE A N   1 
ATOM   1010 C  CA  . ILE A 1 132 ? 1.53322   -5.23620  -5.48453  1.000 14.54000 ? 131 ILE A CA  1 
ATOM   1011 C  C   . ILE A 1 132 ? 1.59909   -6.69196  -5.03970  1.000 12.61000 ? 131 ILE A C   1 
ATOM   1012 O  O   . ILE A 1 132 ? 2.19044   -7.00900  -3.99855  1.000 15.35000 ? 131 ILE A O   1 
ATOM   1013 C  CB  . ILE A 1 132 ? 0.21721   -4.56553  -5.05297  1.000 12.30000 ? 131 ILE A CB  1 
ATOM   1014 C  CG1 . ILE A 1 132 ? 0.20528   -3.07631  -5.39912  1.000 20.46000 ? 131 ILE A CG1 1 
ATOM   1015 C  CG2 . ILE A 1 132 ? 0.05235   -4.69861  -3.53958  1.000 18.89000 ? 131 ILE A CG2 1 
ATOM   1016 C  CD1 . ILE A 1 132 ? 1.56384   -2.41587  -5.35275  1.000 18.20000 ? 131 ILE A CD1 1 
ATOM   1017 N  N   . GLN A 1 133 ? 1.01089   -7.60681  -5.81514  1.000 11.67000 ? 132 GLN A N   1 
ATOM   1018 C  CA  . GLN A 1 133 ? 1.10201   -9.01900  -5.44965  1.000 14.61000 ? 132 GLN A CA  1 
ATOM   1019 C  C   . GLN A 1 133 ? 2.55150   -9.47674  -5.41447  1.000 14.98000 ? 132 GLN A C   1 
ATOM   1020 O  O   . GLN A 1 133 ? 2.96189   -10.20764 -4.50495  1.000 15.78000 ? 132 GLN A O   1 
ATOM   1021 C  CB  . GLN A 1 133 ? 0.30800   -9.89790  -6.41754  1.000 17.05000 ? 132 GLN A CB  1 
ATOM   1022 C  CG  . GLN A 1 133 ? 0.33629   -11.36388 -6.04171  1.000 19.87000 ? 132 GLN A CG  1 
ATOM   1023 C  CD  . GLN A 1 133 ? -0.37100  -11.62668 -4.73347  1.000 22.80000 ? 132 GLN A CD  1 
ATOM   1024 O  OE1 . GLN A 1 133 ? 0.24594   -12.01259 -3.73465  1.000 23.13000 ? 132 GLN A OE1 1 
ATOM   1025 N  NE2 . GLN A 1 133 ? -1.67269  -11.39661 -4.72122  1.000 21.83000 ? 132 GLN A NE2 1 
ATOM   1026 N  N   . GLU A 1 134 ? 3.34120   -9.08501  -6.41166  1.000 12.05000 ? 133 GLU A N   1 
ATOM   1027 C  CA  . GLU A 1 134 ? 4.75167   -9.45571  -6.38665  1.000 15.26000 ? 133 GLU A CA  1 
ATOM   1028 C  C   . GLU A 1 134 ? 5.46017   -8.84559  -5.18525  1.000 13.97000 ? 133 GLU A C   1 
ATOM   1029 O  O   . GLU A 1 134 ? 6.29771   -9.49779  -4.55424  1.000 16.14000 ? 133 GLU A O   1 
ATOM   1030 C  CB  . GLU A 1 134 ? 5.43108   -9.03602  -7.68252  1.000 19.57000 ? 133 GLU A CB  1 
ATOM   1031 C  CG  . GLU A 1 134 ? 5.19511   -10.04057 -8.78565  1.000 26.72000 ? 133 GLU A CG  1 
ATOM   1032 C  CD  . GLU A 1 134 ? 6.01047   -9.75595  -10.02694 1.000 38.77000 ? 133 GLU A CD  1 
ATOM   1033 O  OE1 . GLU A 1 134 ? 6.86747   -8.84178  -9.98946  1.000 47.34000 ? 133 GLU A OE1 1 
ATOM   1034 O  OE2 . GLU A 1 134 ? 5.78557   -10.45377 -11.03719 1.000 39.74000 ? 133 GLU A OE2 1 
ATOM   1035 N  N   . SER A 1 135 ? 5.10927   -7.60813  -4.83627  1.000 12.58000 ? 134 SER A N   1 
ATOM   1036 C  CA  . SER A 1 135 ? 5.67992   -6.96244  -3.65848  1.000 13.56000 ? 134 SER A CA  1 
ATOM   1037 C  C   . SER A 1 135 ? 5.32034   -7.69203  -2.36792  1.000 13.83000 ? 134 SER A C   1 
ATOM   1038 O  O   . SER A 1 135 ? 6.15836   -7.83312  -1.46631  1.000 11.33000 ? 134 SER A O   1 
ATOM   1039 C  CB  . SER A 1 135 ? 5.19983   -5.51832  -3.61316  1.000 12.41000 ? 134 SER A CB  1 
ATOM   1040 O  OG  . SER A 1 135 ? 5.68076   -4.84247  -4.76312  1.000 13.25000 ? 134 SER A OG  1 
ATOM   1041 N  N   . LEU A 1 136 ? 4.06763   -8.10770  -2.23116  1.000 10.86000 ? 135 LEU A N   1 
ATOM   1042 C  CA  . LEU A 1 136 ? 3.68142   -8.86022  -1.04430  1.000 12.42000 ? 135 LEU A CA  1 
ATOM   1043 C  C   . LEU A 1 136 ? 4.41579   -10.18957 -0.98047  1.000 13.49000 ? 135 LEU A C   1 
ATOM   1044 O  O   . LEU A 1 136 ? 4.85194   -10.60940 0.09739   1.000 14.58000 ? 135 LEU A O   1 
ATOM   1045 C  CB  . LEU A 1 136 ? 2.17043   -9.06415  -1.02921  1.000 12.76000 ? 135 LEU A CB  1 
ATOM   1046 C  CG  . LEU A 1 136 ? 1.43879   -7.75848  -0.70578  1.000 13.16000 ? 135 LEU A CG  1 
ATOM   1047 C  CD1 . LEU A 1 136 ? -0.05590  -8.02343  -0.58795  1.000 13.87000 ? 135 LEU A CD1 1 
ATOM   1048 C  CD2 . LEU A 1 136 ? 1.97864   -7.13892  0.58765   1.000 16.08000 ? 135 LEU A CD2 1 
ATOM   1049 N  N   . ASN A 1 137 ? 4.59809   -10.84776 -2.13175  1.000 13.33000 ? 136 ASN A N   1 
ATOM   1050 C  CA  . ASN A 1 137 ? 5.42420   -12.04884 -2.17270  1.000 14.57000 ? 136 ASN A CA  1 
ATOM   1051 C  C   . ASN A 1 137 ? 6.85273   -11.75203 -1.72607  1.000 14.49000 ? 136 ASN A C   1 
ATOM   1052 O  O   . ASN A 1 137 ? 7.47087   -12.55983 -1.02773  1.000 11.85000 ? 136 ASN A O   1 
ATOM   1053 C  CB  . ASN A 1 137 ? 5.41107   -12.64988 -3.57938  1.000 15.23000 ? 136 ASN A CB  1 
ATOM   1054 C  CG  . ASN A 1 137 ? 4.03215   -13.14498 -3.99234  1.000 14.93000 ? 136 ASN A CG  1 
ATOM   1055 O  OD1 . ASN A 1 137 ? 3.13421   -13.27796 -3.16477  1.000 18.92000 ? 136 ASN A OD1 1 
ATOM   1056 N  ND2 . ASN A 1 137 ? 3.85175   -13.39596 -5.28580  1.000 22.40000 ? 136 ASN A ND2 1 
ATOM   1057 N  N   . ARG A 1 138 ? 7.40730   -10.60846 -2.14012  1.000 11.78000 ? 137 ARG A N   1 
ATOM   1058 C  CA  . ARG A 1 138 ? 8.74545   -10.24691 -1.66945  1.000 15.02000 ? 137 ARG A CA  1 
ATOM   1059 C  C   . ARG A 1 138 ? 8.75332   -9.96780  -0.17174  1.000 14.86000 ? 137 ARG A C   1 
ATOM   1060 O  O   . ARG A 1 138 ? 9.69459   -10.35533 0.53240   1.000 15.98000 ? 137 ARG A O   1 
ATOM   1061 C  CB  . ARG A 1 138 ? 9.27700   -9.02730  -2.42037  1.000 17.45000 ? 137 ARG A CB  1 
ATOM   1062 C  CG  . ARG A 1 138 ? 9.54494   -9.26148  -3.89410  1.000 25.48000 ? 137 ARG A CG  1 
ATOM   1063 C  CD  . ARG A 1 138 ? 9.98657   -7.96164  -4.57686  1.000 27.09000 ? 137 ARG A CD  1 
ATOM   1064 N  NE  . ARG A 1 138 ? 10.22321  -8.14521  -6.00650  1.000 36.20000 ? 137 ARG A NE  1 
ATOM   1065 C  CZ  . ARG A 1 138 ? 10.73465  -7.21160  -6.80087  1.000 37.78000 ? 137 ARG A CZ  1 
ATOM   1066 N  NH1 . ARG A 1 138 ? 11.05788  -6.02797  -6.29989  1.000 41.72000 ? 137 ARG A NH1 1 
ATOM   1067 N  NH2 . ARG A 1 138 ? 10.91126  -7.45438  -8.09158  1.000 37.42000 ? 137 ARG A NH2 1 
ATOM   1068 N  N   . PHE A 1 139 ? 7.74544   -9.24274  0.31706   1.000 11.61000 ? 138 PHE A N   1 
ATOM   1069 C  CA  . PHE A 1 139 ? 7.58384   -9.03704  1.75441   1.000 13.70000 ? 138 PHE A CA  1 
ATOM   1070 C  C   . PHE A 1 139 ? 7.68546   -10.36370 2.49689   1.000 14.97000 ? 138 PHE A C   1 
ATOM   1071 O  O   . PHE A 1 139 ? 8.46329   -10.50842 3.44482   1.000 15.59000 ? 138 PHE A O   1 
ATOM   1072 C  CB  . PHE A 1 139 ? 6.23265   -8.35746  1.99227   1.000 14.24000 ? 138 PHE A CB  1 
ATOM   1073 C  CG  . PHE A 1 139 ? 5.83280   -8.20700  3.44929   1.000 13.57000 ? 138 PHE A CG  1 
ATOM   1074 C  CD1 . PHE A 1 139 ? 5.11548   -9.19888  4.10511   1.000 14.83000 ? 138 PHE A CD1 1 
ATOM   1075 C  CD2 . PHE A 1 139 ? 6.12312   -7.04209  4.13653   1.000 16.22000 ? 138 PHE A CD2 1 
ATOM   1076 C  CE1 . PHE A 1 139 ? 4.73685   -9.02975  5.44086   1.000 15.85000 ? 138 PHE A CE1 1 
ATOM   1077 C  CE2 . PHE A 1 139 ? 5.73922   -6.86459  5.45628   1.000 15.40000 ? 138 PHE A CE2 1 
ATOM   1078 C  CZ  . PHE A 1 139 ? 5.04129   -7.86625  6.11109   1.000 16.13000 ? 138 PHE A CZ  1 
ATOM   1079 N  N   . LYS A 1 140 ? 6.92357   -11.36240 2.04599   1.000 14.83000 ? 139 LYS A N   1 
ATOM   1080 C  CA  . LYS A 1 140 ? 6.93716   -12.65800 2.71196   1.000 17.96000 ? 139 LYS A CA  1 
ATOM   1081 C  C   . LYS A 1 140 ? 8.32211   -13.28827 2.64945   1.000 18.22000 ? 139 LYS A C   1 
ATOM   1082 O  O   . LYS A 1 140 ? 8.80453   -13.84631 3.64187   1.000 17.79000 ? 139 LYS A O   1 
ATOM   1083 C  CB  . LYS A 1 140 ? 5.89500   -13.57269 2.07323   1.000 15.82000 ? 139 LYS A CB  1 
ATOM   1084 C  CG  . LYS A 1 140 ? 5.83400   -14.96201 2.68280   1.000 18.93000 ? 139 LYS A CG  1 
ATOM   1085 C  CD  . LYS A 1 140 ? 4.78922   -15.78796 1.99097   1.000 19.53000 ? 139 LYS A CD  1 
ATOM   1086 C  CE  . LYS A 1 140 ? 4.71124   -17.16366 2.61564   1.000 30.22000 ? 139 LYS A CE  1 
ATOM   1087 N  NZ  . LYS A 1 140 ? 3.60164   -17.94493 1.98948   1.000 33.42000 ? 139 LYS A NZ  1 
ATOM   1088 N  N   . GLN A 1 141 ? 8.99001   -13.17735 1.49386   1.000 19.03000 ? 140 GLN A N   1 
ATOM   1089 C  CA  . GLN A 1 141 ? 10.32553  -13.74622 1.31941   1.000 19.66000 ? 140 GLN A CA  1 
ATOM   1090 C  C   . GLN A 1 141 ? 11.35017  -13.05928 2.20669   1.000 23.33000 ? 140 GLN A C   1 
ATOM   1091 O  O   . GLN A 1 141 ? 12.28602  -13.70325 2.69918   1.000 26.61000 ? 140 GLN A O   1 
ATOM   1092 C  CB  . GLN A 1 141 ? 10.74066  -13.62884 -0.14736  1.000 17.94000 ? 140 GLN A CB  1 
ATOM   1093 C  CG  . GLN A 1 141 ? 11.83034  -14.56867 -0.59699  1.000 29.68000 ? 140 GLN A CG  1 
ATOM   1094 C  CD  . GLN A 1 141 ? 12.20615  -14.30514 -2.03755  1.000 33.18000 ? 140 GLN A CD  1 
ATOM   1095 O  OE1 . GLN A 1 141 ? 12.27867  -13.15620 -2.45670  1.000 36.58000 ? 140 GLN A OE1 1 
ATOM   1096 N  NE2 . GLN A 1 141 ? 12.43721  -15.36431 -2.80548  1.000 39.38000 ? 140 GLN A NE2 1 
ATOM   1097 N  N   . LEU A 1 142 ? 11.18566  -11.76019 2.43297   1.000 20.39000 ? 141 LEU A N   1 
ATOM   1098 C  CA  . LEU A 1 142 ? 12.15528  -10.99833 3.20985   1.000 18.18000 ? 141 LEU A CA  1 
ATOM   1099 C  C   . LEU A 1 142 ? 11.94986  -11.17367 4.70915   1.000 22.56000 ? 141 LEU A C   1 
ATOM   1100 O  O   . LEU A 1 142 ? 12.92288  -11.26295 5.46568   1.000 20.89000 ? 141 LEU A O   1 
ATOM   1101 C  CB  . LEU A 1 142 ? 12.05357  -9.52576  2.83737   1.000 21.41000 ? 141 LEU A CB  1 
ATOM   1102 C  CG  . LEU A 1 142 ? 12.81765  -8.48942  3.65640   1.000 27.93000 ? 141 LEU A CG  1 
ATOM   1103 C  CD1 . LEU A 1 142 ? 14.30265  -8.66000  3.45460   1.000 23.63000 ? 141 LEU A CD1 1 
ATOM   1104 C  CD2 . LEU A 1 142 ? 12.36717  -7.08861  3.24228   1.000 24.02000 ? 141 LEU A CD2 1 
ATOM   1105 N  N   . TYR A 1 143 ? 10.69784  -11.20427 5.16200   1.000 16.43000 ? 142 TYR A N   1 
ATOM   1106 C  CA  . TYR A 1 143 ? 10.40635  -11.19190 6.58920   1.000 19.86000 ? 142 TYR A CA  1 
ATOM   1107 C  C   . TYR A 1 143 ? 10.04540  -12.55915 7.14736   1.000 19.30000 ? 142 TYR A C   1 
ATOM   1108 O  O   . TYR A 1 143 ? 9.86479   -12.69105 8.36558   1.000 18.20000 ? 142 TYR A O   1 
ATOM   1109 C  CB  . TYR A 1 143 ? 9.26033   -10.22314 6.87595   1.000 19.15000 ? 142 TYR A CB  1 
ATOM   1110 C  CG  . TYR A 1 143 ? 9.65241   -8.78888  6.77801   1.000 20.46000 ? 142 TYR A CG  1 
ATOM   1111 C  CD1 . TYR A 1 143 ? 10.59117  -8.24892  7.64580   1.000 23.98000 ? 142 TYR A CD1 1 
ATOM   1112 C  CD2 . TYR A 1 143 ? 9.07856   -7.95923  5.82236   1.000 21.34000 ? 142 TYR A CD2 1 
ATOM   1113 C  CE1 . TYR A 1 143 ? 10.95764  -6.91438  7.56221   1.000 29.30000 ? 142 TYR A CE1 1 
ATOM   1114 C  CE2 . TYR A 1 143 ? 9.44207   -6.62600  5.72650   1.000 22.04000 ? 142 TYR A CE2 1 
ATOM   1115 C  CZ  . TYR A 1 143 ? 10.37777  -6.10832  6.60083   1.000 26.02000 ? 142 TYR A CZ  1 
ATOM   1116 O  OH  . TYR A 1 143 ? 10.73215  -4.77868  6.52548   1.000 24.14000 ? 142 TYR A OH  1 
ATOM   1117 N  N   . ALA A 1 144 ? 9.91091   -13.56760 6.30230   1.000 19.46000 ? 143 ALA A N   1 
ATOM   1118 C  CA  . ALA A 1 144 ? 9.47561   -14.87201 6.77556   1.000 25.29000 ? 143 ALA A CA  1 
ATOM   1119 C  C   . ALA A 1 144 ? 9.97182   -15.97998 5.85845   1.000 28.87000 ? 143 ALA A C   1 
ATOM   1120 O  O   . ALA A 1 144 ? 9.20395   -16.52209 5.06054   1.000 35.93000 ? 143 ALA A O   1 
ATOM   1121 C  CB  . ALA A 1 144 ? 7.96598   -14.90436 6.88317   1.000 24.01000 ? 143 ALA A CB  1 
HETATM 1122 O  O   . HOH B 2 .   ? 15.64039  1.42896   6.50533   1.000 26.63000 ? 201 HOH A O   1 
HETATM 1123 O  O   . HOH B 2 .   ? 4.69008   -1.13147  -12.86215 1.000 26.61000 ? 202 HOH A O   1 
HETATM 1124 O  O   . HOH B 2 .   ? 7.88677   5.44252   10.44573  1.000 36.13000 ? 203 HOH A O   1 
HETATM 1125 O  O   . HOH B 2 .   ? -4.05819  -14.87230 0.47710   1.000 26.75000 ? 204 HOH A O   1 
HETATM 1126 O  O   . HOH B 2 .   ? 6.05805   5.06093   -2.08560  1.000 23.04000 ? 205 HOH A O   1 
HETATM 1127 O  O   . HOH B 2 .   ? -2.74385  -7.83024  -12.97926 1.000 26.94000 ? 206 HOH A O   1 
HETATM 1128 O  O   . HOH B 2 .   ? -9.62572  2.05682   -18.58427 1.000 21.68000 ? 207 HOH A O   1 
HETATM 1129 O  O   . HOH B 2 .   ? 3.90922   15.72519  -2.88199  1.000 26.93000 ? 208 HOH A O   1 
HETATM 1130 O  O   . HOH B 2 .   ? -4.56276  -8.72890  13.33281  1.000 24.11000 ? 209 HOH A O   1 
HETATM 1131 O  O   . HOH B 2 .   ? -1.24825  -16.27388 14.16335  1.000 25.63000 ? 210 HOH A O   1 
HETATM 1132 O  O   . HOH B 2 .   ? 8.58097   17.62105  -0.38106  1.000 30.30000 ? 211 HOH A O   1 
HETATM 1133 O  O   . HOH B 2 .   ? -3.77982  12.53613  1.03415   1.000 16.46000 ? 212 HOH A O   1 
HETATM 1134 O  O   . HOH B 2 .   ? -5.64063  -9.86108  5.88965   1.000 24.21000 ? 213 HOH A O   1 
HETATM 1135 O  O   . HOH B 2 .   ? 3.18941   16.47567  2.96504   1.000 31.81000 ? 214 HOH A O   1 
HETATM 1136 O  O   . HOH B 2 .   ? 8.52928   -2.78470  5.69958   1.000 16.02000 ? 215 HOH A O   1 
HETATM 1137 O  O   . HOH B 2 .   ? 2.85556   11.12407  12.61944  1.000 30.78000 ? 216 HOH A O   1 
HETATM 1138 O  O   . HOH B 2 .   ? -4.07092  15.29358  4.02845   1.000 20.01000 ? 217 HOH A O   1 
HETATM 1139 O  O   . HOH B 2 .   ? 13.03148  10.02121  7.11018   1.000 31.30000 ? 218 HOH A O   1 
HETATM 1140 O  O   . HOH B 2 .   ? 6.53024   -0.21319  -11.36486 1.000 26.89000 ? 219 HOH A O   1 
HETATM 1141 O  O   . HOH B 2 .   ? -4.47656  14.61406  8.37838   1.000 22.98000 ? 220 HOH A O   1 
HETATM 1142 O  O   . HOH B 2 .   ? 11.31355  0.17048   -4.53782  1.000 19.53000 ? 221 HOH A O   1 
HETATM 1143 O  O   . HOH B 2 .   ? -2.08833  17.93306  -10.31342 1.000 25.62000 ? 222 HOH A O   1 
HETATM 1144 O  O   . HOH B 2 .   ? -4.27998  15.95124  -8.74349  1.000 24.94000 ? 223 HOH A O   1 
HETATM 1145 O  O   . HOH B 2 .   ? -5.83751  -7.08344  17.65665  1.000 34.61000 ? 224 HOH A O   1 
HETATM 1146 O  O   . HOH B 2 .   ? 13.95389  8.65963   -1.05491  1.000 11.98000 ? 225 HOH A O   1 
HETATM 1147 O  O   . HOH B 2 .   ? 11.76868  2.76211   2.47815   1.000 19.78000 ? 226 HOH A O   1 
HETATM 1148 O  O   . HOH B 2 .   ? 0.60513   -16.73670 0.86556   1.000 27.59000 ? 227 HOH A O   1 
HETATM 1149 O  O   . HOH B 2 .   ? -13.08322 3.90308   -9.97554  1.000 11.95000 ? 228 HOH A O   1 
HETATM 1150 O  O   . HOH B 2 .   ? -8.80459  -7.71396  -7.52084  1.000 24.08000 ? 229 HOH A O   1 
HETATM 1151 O  O   . HOH B 2 .   ? -1.24484  -19.20431 14.36411  1.000 32.37000 ? 230 HOH A O   1 
HETATM 1152 O  O   . HOH B 2 .   ? 5.01307   4.13723   -19.53393 1.000 18.94000 ? 231 HOH A O   1 
HETATM 1153 O  O   . HOH B 2 .   ? 15.31450  -8.71006  8.43306   1.000 38.16000 ? 232 HOH A O   1 
HETATM 1154 O  O   . HOH B 2 .   ? -7.92977  -4.09859  -15.59707 1.000 21.23000 ? 233 HOH A O   1 
HETATM 1155 O  O   . HOH B 2 .   ? -3.53230  15.73830  -0.19842  1.000 23.35000 ? 234 HOH A O   1 
HETATM 1156 O  O   . HOH B 2 .   ? -15.05558 3.05282   -3.07127  1.000 28.84000 ? 235 HOH A O   1 
HETATM 1157 O  O   . HOH B 2 .   ? -18.70384 5.58637   -1.22125  1.000 34.66000 ? 236 HOH A O   1 
HETATM 1158 O  O   . HOH B 2 .   ? -6.78586  8.09910   -19.06546 1.000 24.84000 ? 237 HOH A O   1 
HETATM 1159 O  O   . HOH B 2 .   ? 6.35881   -15.43428 -1.19909  1.000 28.70000 ? 238 HOH A O   1 
HETATM 1160 O  O   . HOH B 2 .   ? 6.56817   -13.31095 -6.76090  1.000 31.78000 ? 239 HOH A O   1 
HETATM 1161 O  O   . HOH B 2 .   ? 6.96367   0.12365   -13.76191 1.000 24.71000 ? 240 HOH A O   1 
HETATM 1162 O  O   . HOH B 2 .   ? 14.54614  18.85046  -2.15515  1.000 28.01000 ? 241 HOH A O   1 
HETATM 1163 O  O   . HOH B 2 .   ? 9.13059   16.59199  6.07224   1.000 38.27000 ? 242 HOH A O   1 
HETATM 1164 O  O   . HOH B 2 .   ? 2.29959   14.23227  9.44181   1.000 24.48000 ? 243 HOH A O   1 
HETATM 1165 O  O   . HOH B 2 .   ? 14.51177  -8.02242  10.64378  1.000 36.51000 ? 244 HOH A O   1 
HETATM 1166 O  O   . HOH B 2 .   ? 10.11731  -13.18258 17.27697  1.000 32.75000 ? 245 HOH A O   1 
HETATM 1167 O  O   . HOH B 2 .   ? -7.69266  12.40289  3.36477   1.000 26.87000 ? 246 HOH A O   1 
HETATM 1168 O  O   . HOH B 2 .   ? 4.59357   20.15536  1.46390   1.000 35.59000 ? 247 HOH A O   1 
HETATM 1169 O  O   . HOH B 2 .   ? 4.50095   15.77194  4.60597   1.000 27.80000 ? 248 HOH A O   1 
HETATM 1170 O  O   . HOH B 2 .   ? -7.39389  -5.53056  -13.55963 1.000 29.56000 ? 249 HOH A O   1 
HETATM 1171 O  O   . HOH B 2 .   ? 2.94751   -17.95885 13.41138  1.000 22.32000 ? 250 HOH A O   1 
HETATM 1172 O  O   . HOH B 2 .   ? -12.02404 -0.03588  7.42939   1.000 36.61000 ? 251 HOH A O   1 
HETATM 1173 O  O   . HOH B 2 .   ? -8.55853  13.54629  5.37874   1.000 32.66000 ? 252 HOH A O   1 
# 
